data_8I26
#
_entry.id   8I26
#
_entity_poly.entity_id   1
_entity_poly.type   'polypeptide(L)'
_entity_poly.pdbx_seq_one_letter_code
;SMQPEEFAAAARGGFGGDAEKAKAAEAQEAMRQQMEEQRRIMLRAVLTPAAQERLHRIQLVKADKAREVEALILQNAQRG
RLADKVDEATLIELLQQTSAASAAKNTPKVTMRRRFSDDDDDF
;
_entity_poly.pdbx_strand_id   A
#
# COMPACT_ATOMS: atom_id res chain seq x y z
N SER A 1 -1.94 -17.26 -25.86
CA SER A 1 -1.89 -18.43 -24.99
C SER A 1 -3.29 -18.81 -24.52
N MET A 2 -4.21 -18.94 -25.46
CA MET A 2 -5.58 -19.30 -25.15
C MET A 2 -6.18 -20.18 -26.25
N GLN A 3 -6.23 -21.49 -25.99
CA GLN A 3 -6.77 -22.43 -26.96
C GLN A 3 -8.13 -22.95 -26.49
N PRO A 4 -8.90 -23.51 -27.45
CA PRO A 4 -8.48 -23.62 -28.84
C PRO A 4 -8.44 -22.26 -29.54
N GLU A 5 -7.69 -22.17 -30.63
CA GLU A 5 -7.56 -20.94 -31.38
C GLU A 5 -8.90 -20.52 -31.97
N GLU A 6 -9.69 -21.50 -32.40
CA GLU A 6 -11.00 -21.24 -32.99
C GLU A 6 -11.92 -20.58 -31.97
N PHE A 7 -11.80 -21.00 -30.71
CA PHE A 7 -12.63 -20.45 -29.65
C PHE A 7 -11.78 -19.67 -28.64
N ALA A 8 -10.75 -19.00 -29.14
CA ALA A 8 -9.86 -18.21 -28.29
C ALA A 8 -10.64 -17.13 -27.54
N ALA A 9 -9.92 -16.33 -26.77
CA ALA A 9 -10.54 -15.25 -25.99
C ALA A 9 -10.89 -14.08 -26.88
N ALA A 10 -9.87 -13.38 -27.37
CA ALA A 10 -10.07 -12.23 -28.24
C ALA A 10 -10.74 -11.08 -27.48
N ALA A 11 -10.42 -10.95 -26.21
CA ALA A 11 -10.99 -9.90 -25.38
C ALA A 11 -10.42 -8.54 -25.75
N ARG A 12 -9.10 -8.41 -25.66
CA ARG A 12 -8.43 -7.16 -25.98
C ARG A 12 -8.90 -6.04 -25.07
N GLY A 13 -8.56 -6.14 -23.78
CA GLY A 13 -8.96 -5.13 -22.82
C GLY A 13 -8.15 -5.20 -21.54
N GLY A 14 -7.82 -6.41 -21.12
CA GLY A 14 -7.04 -6.59 -19.91
C GLY A 14 -6.82 -8.05 -19.56
N PHE A 15 -7.92 -8.79 -19.41
CA PHE A 15 -7.83 -10.21 -19.07
C PHE A 15 -9.07 -10.95 -19.56
N GLY A 16 -10.19 -10.75 -18.86
CA GLY A 16 -11.42 -11.42 -19.24
C GLY A 16 -11.48 -12.85 -18.77
N GLY A 17 -11.01 -13.09 -17.56
CA GLY A 17 -11.01 -14.44 -17.01
C GLY A 17 -9.64 -15.08 -17.01
N ASP A 18 -8.82 -14.70 -18.00
CA ASP A 18 -7.48 -15.25 -18.12
C ASP A 18 -6.54 -14.59 -17.11
N ALA A 19 -6.40 -15.20 -15.94
CA ALA A 19 -5.53 -14.67 -14.89
C ALA A 19 -4.15 -14.33 -15.45
N GLU A 20 -3.70 -15.12 -16.42
CA GLU A 20 -2.39 -14.90 -17.02
C GLU A 20 -2.26 -13.47 -17.54
N LYS A 21 -3.24 -13.03 -18.33
CA LYS A 21 -3.23 -11.69 -18.89
C LYS A 21 -2.93 -10.66 -17.80
N ALA A 22 -3.74 -10.66 -16.74
CA ALA A 22 -3.56 -9.73 -15.64
C ALA A 22 -2.13 -9.77 -15.11
N LYS A 23 -1.50 -10.94 -15.20
CA LYS A 23 -0.13 -11.11 -14.73
C LYS A 23 0.85 -10.40 -15.66
N ALA A 24 0.92 -10.86 -16.91
CA ALA A 24 1.81 -10.28 -17.89
C ALA A 24 1.48 -8.80 -18.11
N ALA A 25 0.24 -8.52 -18.48
CA ALA A 25 -0.20 -7.16 -18.72
C ALA A 25 0.29 -6.22 -17.62
N GLU A 26 -0.06 -6.53 -16.39
CA GLU A 26 0.35 -5.72 -15.25
C GLU A 26 1.88 -5.65 -15.14
N ALA A 27 2.54 -6.72 -15.54
CA ALA A 27 3.99 -6.78 -15.50
C ALA A 27 4.62 -5.72 -16.40
N GLN A 28 4.08 -5.60 -17.62
CA GLN A 28 4.59 -4.64 -18.58
C GLN A 28 4.64 -3.24 -17.97
N GLU A 29 3.61 -2.90 -17.20
CA GLU A 29 3.53 -1.60 -16.55
C GLU A 29 4.45 -1.54 -15.33
N ALA A 30 4.28 -2.50 -14.43
CA ALA A 30 5.09 -2.57 -13.22
C ALA A 30 6.57 -2.54 -13.55
N MET A 31 6.92 -3.03 -14.73
CA MET A 31 8.31 -3.05 -15.16
C MET A 31 8.90 -1.65 -15.23
N ARG A 32 8.02 -0.65 -15.24
CA ARG A 32 8.43 0.74 -15.32
C ARG A 32 9.54 1.03 -14.30
N GLN A 33 9.47 0.36 -13.16
CA GLN A 33 10.47 0.54 -12.10
C GLN A 33 11.87 0.26 -12.63
N GLN A 34 12.00 -0.77 -13.46
CA GLN A 34 13.29 -1.13 -14.03
C GLN A 34 14.38 -1.10 -12.98
N MET A 35 14.54 -2.21 -12.26
CA MET A 35 15.55 -2.31 -11.22
C MET A 35 15.59 -3.72 -10.62
N GLU A 36 16.46 -3.91 -9.63
CA GLU A 36 16.59 -5.21 -8.98
C GLU A 36 15.51 -5.40 -7.91
N GLU A 37 14.83 -6.55 -7.96
CA GLU A 37 13.78 -6.84 -7.00
C GLU A 37 14.12 -8.09 -6.20
N GLN A 38 13.93 -9.26 -6.81
CA GLN A 38 14.22 -10.52 -6.15
C GLN A 38 15.61 -10.51 -5.51
N ARG A 39 16.47 -9.62 -5.99
CA ARG A 39 17.81 -9.50 -5.47
C ARG A 39 17.90 -8.39 -4.42
N ARG A 40 17.65 -7.16 -4.86
CA ARG A 40 17.70 -6.01 -3.96
C ARG A 40 16.52 -6.03 -3.00
N ILE A 41 15.31 -5.98 -3.55
CA ILE A 41 14.10 -5.99 -2.72
C ILE A 41 14.15 -7.09 -1.69
N MET A 42 14.74 -8.22 -2.05
CA MET A 42 14.86 -9.36 -1.15
C MET A 42 16.05 -9.18 -0.20
N LEU A 43 17.12 -8.58 -0.70
CA LEU A 43 18.31 -8.34 0.10
C LEU A 43 17.99 -7.50 1.33
N ARG A 44 17.02 -6.61 1.18
CA ARG A 44 16.61 -5.73 2.28
C ARG A 44 15.67 -6.47 3.23
N ALA A 45 14.80 -7.30 2.67
CA ALA A 45 13.85 -8.07 3.47
C ALA A 45 14.52 -8.64 4.72
N VAL A 46 15.78 -9.04 4.56
CA VAL A 46 16.53 -9.62 5.68
C VAL A 46 16.38 -8.78 6.94
N LEU A 47 17.05 -7.64 6.97
CA LEU A 47 16.98 -6.75 8.13
C LEU A 47 15.62 -6.07 8.22
N THR A 48 15.45 -5.23 9.24
CA THR A 48 14.19 -4.53 9.44
C THR A 48 14.31 -3.49 10.55
N PRO A 49 13.67 -2.33 10.35
CA PRO A 49 13.70 -1.24 11.33
C PRO A 49 12.91 -1.57 12.60
N ALA A 50 12.62 -0.55 13.40
CA ALA A 50 11.88 -0.73 14.64
C ALA A 50 10.55 0.01 14.59
N ALA A 51 10.04 0.24 13.39
CA ALA A 51 8.78 0.94 13.21
C ALA A 51 7.62 0.16 13.83
N GLN A 52 7.77 -1.16 13.88
CA GLN A 52 6.74 -2.02 14.44
C GLN A 52 6.30 -1.52 15.82
N GLU A 53 7.22 -0.88 16.53
CA GLU A 53 6.92 -0.35 17.86
C GLU A 53 5.78 0.65 17.80
N ARG A 54 6.06 1.84 17.29
CA ARG A 54 5.06 2.89 17.18
C ARG A 54 3.80 2.37 16.49
N LEU A 55 3.99 1.50 15.52
CA LEU A 55 2.87 0.92 14.78
C LEU A 55 1.99 0.07 15.69
N HIS A 56 2.63 -0.81 16.47
CA HIS A 56 1.91 -1.67 17.40
C HIS A 56 1.14 -0.85 18.42
N ARG A 57 1.68 0.31 18.79
CA ARG A 57 1.06 1.19 19.76
C ARG A 57 -0.12 1.94 19.13
N ILE A 58 0.18 2.80 18.17
CA ILE A 58 -0.85 3.58 17.49
C ILE A 58 -1.99 2.69 17.01
N GLN A 59 -1.65 1.45 16.65
CA GLN A 59 -2.65 0.49 16.18
C GLN A 59 -3.41 -0.12 17.34
N LEU A 60 -2.74 -0.24 18.49
CA LEU A 60 -3.36 -0.81 19.68
C LEU A 60 -4.66 -0.08 20.03
N VAL A 61 -4.71 1.21 19.70
CA VAL A 61 -5.89 2.01 19.98
C VAL A 61 -6.73 2.20 18.72
N LYS A 62 -6.06 2.44 17.59
CA LYS A 62 -6.74 2.65 16.32
C LYS A 62 -6.86 1.33 15.55
N ALA A 63 -7.79 0.48 15.98
CA ALA A 63 -8.01 -0.81 15.33
C ALA A 63 -8.54 -0.62 13.92
N ASP A 64 -9.68 0.07 13.80
CA ASP A 64 -10.30 0.30 12.50
C ASP A 64 -9.35 1.08 11.59
N LYS A 65 -8.54 1.95 12.18
CA LYS A 65 -7.60 2.75 11.42
C LYS A 65 -6.32 1.95 11.13
N ALA A 66 -6.10 0.90 11.90
CA ALA A 66 -4.93 0.05 11.72
C ALA A 66 -5.09 -0.88 10.53
N ARG A 67 -6.33 -1.30 10.29
CA ARG A 67 -6.63 -2.20 9.18
C ARG A 67 -6.35 -1.52 7.83
N GLU A 68 -6.61 -0.22 7.77
CA GLU A 68 -6.38 0.55 6.55
C GLU A 68 -4.91 0.92 6.42
N VAL A 69 -4.21 1.02 7.55
CA VAL A 69 -2.79 1.37 7.54
C VAL A 69 -1.94 0.17 7.15
N GLU A 70 -2.40 -1.02 7.51
CA GLU A 70 -1.68 -2.24 7.20
C GLU A 70 -1.82 -2.61 5.72
N ALA A 71 -2.96 -2.25 5.14
CA ALA A 71 -3.22 -2.53 3.74
C ALA A 71 -2.06 -2.08 2.85
N LEU A 72 -1.49 -0.93 3.18
CA LEU A 72 -0.36 -0.39 2.42
C LEU A 72 0.94 -1.07 2.81
N ILE A 73 1.25 -1.03 4.11
CA ILE A 73 2.48 -1.65 4.61
C ILE A 73 2.57 -3.12 4.19
N LEU A 74 1.42 -3.70 3.87
CA LEU A 74 1.36 -5.10 3.45
C LEU A 74 2.26 -5.34 2.25
N GLN A 75 2.55 -4.27 1.51
CA GLN A 75 3.41 -4.36 0.33
C GLN A 75 4.75 -3.68 0.57
N ASN A 76 5.13 -3.57 1.84
CA ASN A 76 6.39 -2.94 2.20
C ASN A 76 7.06 -3.68 3.37
N ALA A 77 6.34 -3.78 4.48
CA ALA A 77 6.85 -4.47 5.66
C ALA A 77 6.99 -5.96 5.42
N GLN A 78 6.15 -6.49 4.52
CA GLN A 78 6.18 -7.91 4.21
C GLN A 78 6.91 -8.16 2.89
N ARG A 79 6.89 -7.17 2.00
CA ARG A 79 7.55 -7.27 0.72
C ARG A 79 9.06 -7.29 0.88
N GLY A 80 9.53 -6.96 2.08
CA GLY A 80 10.95 -6.94 2.34
C GLY A 80 11.54 -5.55 2.28
N ARG A 81 10.75 -4.56 2.67
CA ARG A 81 11.20 -3.17 2.65
C ARG A 81 11.80 -2.82 1.30
N LEU A 82 10.95 -2.35 0.38
CA LEU A 82 11.39 -1.99 -0.96
C LEU A 82 12.57 -1.02 -0.89
N ALA A 83 12.45 0.00 -0.04
CA ALA A 83 13.51 0.98 0.12
C ALA A 83 13.96 1.53 -1.23
N ASP A 84 13.05 1.53 -2.20
CA ASP A 84 13.36 2.03 -3.53
C ASP A 84 12.09 2.25 -4.34
N LYS A 85 11.35 1.17 -4.58
CA LYS A 85 10.10 1.24 -5.34
C LYS A 85 8.90 1.37 -4.40
N VAL A 86 9.12 2.01 -3.26
CA VAL A 86 8.05 2.20 -2.27
C VAL A 86 6.81 2.78 -2.92
N ASP A 87 5.65 2.20 -2.62
CA ASP A 87 4.38 2.67 -3.18
C ASP A 87 4.17 4.16 -2.89
N GLU A 88 3.06 4.69 -3.36
CA GLU A 88 2.74 6.10 -3.16
C GLU A 88 1.83 6.29 -1.94
N ALA A 89 0.98 5.29 -1.70
CA ALA A 89 0.05 5.35 -0.58
C ALA A 89 0.78 5.26 0.74
N THR A 90 2.01 4.76 0.71
CA THR A 90 2.83 4.62 1.90
C THR A 90 2.91 5.94 2.67
N LEU A 91 3.06 7.04 1.94
CA LEU A 91 3.15 8.36 2.55
C LEU A 91 1.76 8.96 2.74
N ILE A 92 0.83 8.59 1.86
CA ILE A 92 -0.53 9.09 1.93
C ILE A 92 -1.17 8.78 3.28
N GLU A 93 -0.83 7.61 3.82
CA GLU A 93 -1.37 7.19 5.11
C GLU A 93 -0.57 7.81 6.26
N LEU A 94 0.75 7.79 6.13
CA LEU A 94 1.63 8.34 7.16
C LEU A 94 1.26 9.79 7.46
N LEU A 95 0.65 10.46 6.49
CA LEU A 95 0.25 11.85 6.65
C LEU A 95 -1.23 11.95 7.05
N GLN A 96 -1.99 10.91 6.70
CA GLN A 96 -3.41 10.88 7.03
C GLN A 96 -3.63 10.78 8.54
N GLN A 97 -2.65 10.21 9.23
CA GLN A 97 -2.73 10.06 10.68
C GLN A 97 -2.07 11.23 11.39
N THR A 98 -0.93 11.67 10.86
CA THR A 98 -0.20 12.79 11.46
C THR A 98 1.15 12.98 10.77
N SER A 99 1.13 13.66 9.62
CA SER A 99 2.36 13.90 8.86
C SER A 99 3.46 14.43 9.78
N ALA A 100 3.07 15.19 10.79
CA ALA A 100 4.02 15.75 11.74
C ALA A 100 3.48 15.70 13.16
N ALA A 101 2.23 16.12 13.32
CA ALA A 101 1.60 16.11 14.63
C ALA A 101 0.16 16.63 14.55
N SER A 102 -0.80 15.77 14.87
CA SER A 102 -2.21 16.13 14.83
C SER A 102 -3.07 15.03 15.44
N ALA A 103 -3.04 13.85 14.82
CA ALA A 103 -3.82 12.71 15.31
C ALA A 103 -5.31 12.95 15.12
N ALA A 104 -6.11 11.93 15.39
CA ALA A 104 -7.56 12.02 15.25
C ALA A 104 -7.96 12.18 13.78
N LYS A 105 -9.13 11.67 13.44
CA LYS A 105 -9.64 11.75 12.08
C LYS A 105 -11.13 12.06 12.06
N ASN A 106 -11.94 11.06 12.40
CA ASN A 106 -13.38 11.23 12.43
C ASN A 106 -14.08 9.94 12.87
N THR A 107 -13.41 9.20 13.74
CA THR A 107 -13.95 7.94 14.25
C THR A 107 -12.92 7.19 15.08
N PRO A 108 -13.40 6.26 15.93
CA PRO A 108 -14.83 5.98 16.06
C PRO A 108 -15.59 7.13 16.71
N LYS A 109 -16.64 7.61 16.04
CA LYS A 109 -17.45 8.70 16.56
C LYS A 109 -16.61 9.64 17.42
N VAL A 110 -15.42 9.99 16.93
CA VAL A 110 -14.53 10.88 17.65
C VAL A 110 -14.73 12.32 17.22
N THR A 111 -15.31 12.51 16.04
CA THR A 111 -15.57 13.84 15.51
C THR A 111 -16.77 14.49 16.19
N MET A 112 -16.53 15.63 16.84
CA MET A 112 -17.59 16.34 17.53
C MET A 112 -18.35 17.26 16.57
N ARG A 113 -18.70 16.72 15.41
CA ARG A 113 -19.42 17.49 14.40
C ARG A 113 -18.52 18.54 13.76
N ARG A 114 -18.01 18.23 12.57
CA ARG A 114 -17.13 19.15 11.86
C ARG A 114 -15.79 19.30 12.57
N ARG A 115 -14.75 18.69 12.01
CA ARG A 115 -13.42 18.76 12.59
C ARG A 115 -12.80 20.13 12.38
N PHE A 116 -11.47 20.20 12.51
CA PHE A 116 -10.76 21.46 12.34
C PHE A 116 -9.25 21.21 12.28
N SER A 117 -8.56 22.00 11.45
CA SER A 117 -7.12 21.87 11.30
C SER A 117 -6.42 21.91 12.66
N ASP A 118 -6.04 20.73 13.16
CA ASP A 118 -5.37 20.62 14.44
C ASP A 118 -4.30 21.69 14.59
N ASP A 119 -3.41 21.77 13.60
CA ASP A 119 -2.33 22.75 13.63
C ASP A 119 -2.88 24.16 13.82
N ASP A 120 -3.90 24.50 13.03
CA ASP A 120 -4.52 25.81 13.12
C ASP A 120 -5.13 26.06 14.49
N ASP A 121 -5.96 25.12 14.94
CA ASP A 121 -6.61 25.23 16.24
C ASP A 121 -5.57 25.40 17.34
N ASP A 122 -4.35 24.92 17.08
CA ASP A 122 -3.26 25.02 18.06
C ASP A 122 -3.77 24.72 19.46
N PHE A 123 -4.59 23.68 19.58
CA PHE A 123 -5.14 23.27 20.87
C PHE A 123 -5.25 21.75 20.96
N SER A 1 -14.61 -23.98 -15.69
CA SER A 1 -15.72 -23.08 -15.96
C SER A 1 -16.09 -22.29 -14.70
N MET A 2 -15.09 -21.69 -14.06
CA MET A 2 -15.31 -20.92 -12.84
C MET A 2 -14.37 -19.72 -12.78
N GLN A 3 -14.86 -18.56 -13.18
CA GLN A 3 -14.06 -17.35 -13.17
C GLN A 3 -13.39 -17.14 -11.81
N PRO A 4 -12.30 -16.36 -11.79
CA PRO A 4 -11.75 -15.73 -13.01
C PRO A 4 -11.13 -16.76 -13.96
N GLU A 5 -10.69 -16.28 -15.11
CA GLU A 5 -10.08 -17.15 -16.11
C GLU A 5 -8.56 -17.13 -15.99
N GLU A 6 -8.07 -16.81 -14.80
CA GLU A 6 -6.63 -16.75 -14.56
C GLU A 6 -5.98 -18.13 -14.75
N PHE A 7 -6.73 -19.18 -14.39
CA PHE A 7 -6.23 -20.54 -14.52
C PHE A 7 -6.77 -21.19 -15.79
N ALA A 8 -6.93 -20.39 -16.84
CA ALA A 8 -7.43 -20.89 -18.11
C ALA A 8 -6.45 -21.85 -18.76
N ALA A 9 -6.79 -22.34 -19.94
CA ALA A 9 -5.93 -23.27 -20.66
C ALA A 9 -4.86 -22.52 -21.47
N ALA A 10 -4.27 -21.52 -20.85
CA ALA A 10 -3.23 -20.73 -21.50
C ALA A 10 -3.71 -20.20 -22.85
N ALA A 11 -4.28 -18.99 -22.83
CA ALA A 11 -4.79 -18.39 -24.06
C ALA A 11 -3.66 -17.75 -24.86
N ARG A 12 -2.83 -16.96 -24.18
CA ARG A 12 -1.71 -16.30 -24.83
C ARG A 12 -2.20 -15.31 -25.89
N GLY A 13 -2.92 -14.28 -25.45
CA GLY A 13 -3.44 -13.28 -26.37
C GLY A 13 -4.02 -12.08 -25.67
N GLY A 14 -3.20 -11.44 -24.84
CA GLY A 14 -3.66 -10.27 -24.10
C GLY A 14 -4.13 -10.61 -22.70
N PHE A 15 -3.26 -11.24 -21.93
CA PHE A 15 -3.59 -11.62 -20.56
C PHE A 15 -4.63 -12.74 -20.55
N GLY A 16 -5.86 -12.41 -20.94
CA GLY A 16 -6.92 -13.40 -20.98
C GLY A 16 -7.26 -13.92 -19.60
N GLY A 17 -7.21 -13.04 -18.60
CA GLY A 17 -7.52 -13.44 -17.24
C GLY A 17 -6.28 -13.89 -16.47
N ASP A 18 -5.30 -14.43 -17.20
CA ASP A 18 -4.08 -14.90 -16.57
C ASP A 18 -3.21 -13.73 -16.12
N ALA A 19 -3.25 -13.43 -14.83
CA ALA A 19 -2.47 -12.33 -14.28
C ALA A 19 -0.99 -12.46 -14.65
N GLU A 20 -0.55 -13.70 -14.85
CA GLU A 20 0.83 -13.96 -15.20
C GLU A 20 1.31 -13.02 -16.30
N LYS A 21 0.50 -12.88 -17.35
CA LYS A 21 0.85 -12.00 -18.47
C LYS A 21 1.02 -10.57 -17.99
N ALA A 22 0.04 -10.08 -17.23
CA ALA A 22 0.08 -8.72 -16.71
C ALA A 22 1.41 -8.44 -16.02
N LYS A 23 2.04 -9.49 -15.50
CA LYS A 23 3.32 -9.36 -14.82
C LYS A 23 4.45 -9.13 -15.81
N ALA A 24 4.72 -10.15 -16.62
CA ALA A 24 5.78 -10.07 -17.63
C ALA A 24 5.51 -8.95 -18.63
N ALA A 25 4.30 -8.95 -19.20
CA ALA A 25 3.92 -7.94 -20.18
C ALA A 25 4.27 -6.54 -19.69
N GLU A 26 3.78 -6.19 -18.50
CA GLU A 26 4.05 -4.88 -17.91
C GLU A 26 5.52 -4.74 -17.55
N ALA A 27 6.17 -5.87 -17.29
CA ALA A 27 7.59 -5.87 -16.93
C ALA A 27 8.44 -5.30 -18.06
N GLN A 28 8.12 -5.68 -19.29
CA GLN A 28 8.86 -5.20 -20.46
C GLN A 28 8.95 -3.68 -20.45
N GLU A 29 7.86 -3.03 -20.06
CA GLU A 29 7.82 -1.57 -20.01
C GLU A 29 8.40 -1.04 -18.69
N ALA A 30 8.00 -1.68 -17.60
CA ALA A 30 8.48 -1.28 -16.27
C ALA A 30 10.00 -1.26 -16.22
N MET A 31 10.63 -2.01 -17.13
CA MET A 31 12.08 -2.08 -17.20
C MET A 31 12.69 -0.68 -17.38
N ARG A 32 11.86 0.26 -17.82
CA ARG A 32 12.31 1.63 -18.03
C ARG A 32 13.12 2.14 -16.84
N GLN A 33 12.62 1.89 -15.64
CA GLN A 33 13.30 2.32 -14.42
C GLN A 33 14.68 1.68 -14.31
N GLN A 34 14.78 0.43 -14.75
CA GLN A 34 16.05 -0.29 -14.71
C GLN A 34 16.85 0.09 -13.47
N MET A 35 16.56 -0.57 -12.36
CA MET A 35 17.25 -0.31 -11.10
C MET A 35 17.16 -1.52 -10.16
N GLU A 36 17.77 -1.39 -8.99
CA GLU A 36 17.75 -2.47 -8.00
C GLU A 36 16.35 -2.70 -7.46
N GLU A 37 15.92 -3.95 -7.42
CA GLU A 37 14.60 -4.31 -6.92
C GLU A 37 14.57 -5.75 -6.42
N GLN A 38 14.53 -6.70 -7.35
CA GLN A 38 14.49 -8.11 -7.00
C GLN A 38 15.59 -8.45 -6.00
N ARG A 39 16.62 -7.60 -5.94
CA ARG A 39 17.73 -7.81 -5.02
C ARG A 39 17.57 -6.96 -3.76
N ARG A 40 17.59 -5.64 -3.94
CA ARG A 40 17.45 -4.72 -2.82
C ARG A 40 16.04 -4.77 -2.26
N ILE A 41 15.05 -4.46 -3.09
CA ILE A 41 13.66 -4.47 -2.67
C ILE A 41 13.31 -5.77 -1.98
N MET A 42 13.84 -6.87 -2.49
CA MET A 42 13.58 -8.19 -1.91
C MET A 42 14.34 -8.36 -0.59
N LEU A 43 15.56 -7.85 -0.55
CA LEU A 43 16.38 -7.94 0.65
C LEU A 43 15.69 -7.30 1.85
N ARG A 44 15.10 -6.13 1.63
CA ARG A 44 14.40 -5.42 2.68
C ARG A 44 12.96 -5.92 2.82
N ALA A 45 12.38 -6.33 1.70
CA ALA A 45 11.01 -6.84 1.69
C ALA A 45 10.77 -7.78 2.86
N VAL A 46 11.80 -8.55 3.23
CA VAL A 46 11.70 -9.50 4.33
C VAL A 46 11.22 -8.81 5.60
N LEU A 47 11.78 -7.63 5.88
CA LEU A 47 11.40 -6.87 7.07
C LEU A 47 10.01 -6.28 6.93
N THR A 48 9.56 -5.57 7.96
CA THR A 48 8.24 -4.95 7.94
C THR A 48 7.97 -4.22 9.24
N PRO A 49 7.68 -2.91 9.15
CA PRO A 49 7.39 -2.06 10.31
C PRO A 49 6.05 -2.41 10.95
N ALA A 50 5.57 -1.52 11.81
CA ALA A 50 4.29 -1.72 12.49
C ALA A 50 3.27 -0.68 12.06
N ALA A 51 3.38 -0.22 10.82
CA ALA A 51 2.47 0.78 10.29
C ALA A 51 1.02 0.35 10.48
N GLN A 52 0.79 -0.96 10.45
CA GLN A 52 -0.56 -1.50 10.62
C GLN A 52 -1.24 -0.89 11.84
N GLU A 53 -0.44 -0.57 12.85
CA GLU A 53 -0.96 0.02 14.08
C GLU A 53 -1.85 1.22 13.78
N ARG A 54 -1.21 2.35 13.45
CA ARG A 54 -1.94 3.57 13.14
C ARG A 54 -2.93 3.35 12.00
N LEU A 55 -2.54 2.50 11.05
CA LEU A 55 -3.39 2.19 9.90
C LEU A 55 -4.76 1.72 10.35
N HIS A 56 -4.79 0.68 11.19
CA HIS A 56 -6.03 0.14 11.70
C HIS A 56 -6.74 1.14 12.60
N ARG A 57 -5.96 1.91 13.35
CA ARG A 57 -6.52 2.92 14.25
C ARG A 57 -7.29 3.98 13.48
N ILE A 58 -6.66 4.52 12.43
CA ILE A 58 -7.29 5.54 11.62
C ILE A 58 -8.34 4.94 10.69
N GLN A 59 -7.97 3.86 10.00
CA GLN A 59 -8.88 3.19 9.09
C GLN A 59 -10.10 2.67 9.82
N LEU A 60 -9.96 2.44 11.12
CA LEU A 60 -11.05 1.93 11.95
C LEU A 60 -12.31 2.77 11.75
N VAL A 61 -12.13 4.09 11.69
CA VAL A 61 -13.25 5.01 11.51
C VAL A 61 -13.39 5.42 10.04
N LYS A 62 -12.25 5.64 9.38
CA LYS A 62 -12.24 6.04 7.98
C LYS A 62 -12.27 4.82 7.07
N ALA A 63 -13.45 4.22 6.91
CA ALA A 63 -13.61 3.05 6.06
C ALA A 63 -13.36 3.40 4.60
N ASP A 64 -14.13 4.35 4.09
CA ASP A 64 -13.99 4.76 2.70
C ASP A 64 -12.58 5.27 2.42
N LYS A 65 -11.97 5.90 3.41
CA LYS A 65 -10.63 6.43 3.27
C LYS A 65 -9.59 5.34 3.53
N ALA A 66 -10.02 4.24 4.11
CA ALA A 66 -9.13 3.12 4.40
C ALA A 66 -8.84 2.31 3.15
N ARG A 67 -9.82 2.24 2.25
CA ARG A 67 -9.66 1.50 1.01
C ARG A 67 -8.66 2.18 0.08
N GLU A 68 -8.65 3.51 0.11
CA GLU A 68 -7.74 4.28 -0.73
C GLU A 68 -6.31 4.21 -0.18
N VAL A 69 -6.19 4.09 1.14
CA VAL A 69 -4.90 4.02 1.79
C VAL A 69 -4.23 2.67 1.55
N GLU A 70 -5.04 1.61 1.56
CA GLU A 70 -4.54 0.27 1.35
C GLU A 70 -4.16 0.06 -0.12
N ALA A 71 -4.90 0.70 -1.01
CA ALA A 71 -4.64 0.59 -2.45
C ALA A 71 -3.18 0.87 -2.77
N LEU A 72 -2.69 2.03 -2.32
CA LEU A 72 -1.31 2.42 -2.55
C LEU A 72 -0.35 1.57 -1.74
N ILE A 73 -0.60 1.48 -0.44
CA ILE A 73 0.24 0.70 0.46
C ILE A 73 0.31 -0.75 0.01
N LEU A 74 -0.59 -1.13 -0.90
CA LEU A 74 -0.64 -2.50 -1.41
C LEU A 74 0.72 -2.90 -2.00
N GLN A 75 1.49 -1.91 -2.44
CA GLN A 75 2.80 -2.17 -3.02
C GLN A 75 3.90 -1.69 -2.08
N ASN A 76 3.57 -1.55 -0.79
CA ASN A 76 4.54 -1.12 0.20
C ASN A 76 4.45 -1.98 1.46
N ALA A 77 3.29 -1.92 2.13
CA ALA A 77 3.08 -2.68 3.35
C ALA A 77 3.07 -4.18 3.05
N GLN A 78 2.66 -4.54 1.84
CA GLN A 78 2.60 -5.95 1.43
C GLN A 78 3.90 -6.37 0.75
N ARG A 79 4.59 -5.40 0.15
CA ARG A 79 5.84 -5.67 -0.53
C ARG A 79 7.01 -5.74 0.46
N GLY A 80 6.83 -5.10 1.62
CA GLY A 80 7.87 -5.11 2.63
C GLY A 80 8.73 -3.86 2.58
N ARG A 81 8.09 -2.71 2.40
CA ARG A 81 8.80 -1.44 2.33
C ARG A 81 9.85 -1.46 1.22
N LEU A 82 9.48 -0.93 0.05
CA LEU A 82 10.39 -0.90 -1.08
C LEU A 82 11.62 -0.04 -0.78
N ALA A 83 11.40 1.05 -0.05
CA ALA A 83 12.49 1.94 0.31
C ALA A 83 13.32 2.33 -0.91
N ASP A 84 12.67 2.33 -2.07
CA ASP A 84 13.35 2.69 -3.31
C ASP A 84 12.33 2.92 -4.43
N LYS A 85 11.66 1.85 -4.84
CA LYS A 85 10.66 1.91 -5.90
C LYS A 85 9.26 2.06 -5.32
N VAL A 86 9.15 2.76 -4.20
CA VAL A 86 7.87 2.97 -3.54
C VAL A 86 6.86 3.61 -4.50
N ASP A 87 5.67 3.88 -4.00
CA ASP A 87 4.62 4.49 -4.80
C ASP A 87 4.62 6.00 -4.63
N GLU A 88 3.81 6.69 -5.43
CA GLU A 88 3.71 8.14 -5.38
C GLU A 88 2.79 8.58 -4.24
N ALA A 89 1.96 7.65 -3.76
CA ALA A 89 1.03 7.95 -2.69
C ALA A 89 1.71 7.86 -1.33
N THR A 90 3.02 7.62 -1.35
CA THR A 90 3.80 7.51 -0.12
C THR A 90 3.67 8.77 0.73
N LEU A 91 3.46 9.90 0.07
CA LEU A 91 3.31 11.18 0.76
C LEU A 91 1.89 11.70 0.65
N ILE A 92 1.13 11.15 -0.29
CA ILE A 92 -0.26 11.56 -0.50
C ILE A 92 -1.10 11.30 0.74
N GLU A 93 -0.83 10.18 1.41
CA GLU A 93 -1.57 9.82 2.61
C GLU A 93 -0.97 10.50 3.84
N LEU A 94 0.35 10.55 3.90
CA LEU A 94 1.05 11.16 5.02
C LEU A 94 0.61 12.61 5.20
N LEU A 95 0.12 13.22 4.13
CA LEU A 95 -0.34 14.60 4.16
C LEU A 95 -1.85 14.67 4.34
N GLN A 96 -2.54 13.63 3.86
CA GLN A 96 -3.99 13.58 3.97
C GLN A 96 -4.42 13.42 5.42
N GLN A 97 -3.52 12.92 6.26
CA GLN A 97 -3.81 12.72 7.66
C GLN A 97 -3.45 13.96 8.48
N THR A 98 -2.37 14.62 8.08
CA THR A 98 -1.92 15.83 8.77
C THR A 98 -1.30 16.82 7.80
N SER A 99 -2.12 17.39 6.93
CA SER A 99 -1.65 18.34 5.94
C SER A 99 -1.46 19.72 6.57
N ALA A 100 -1.77 19.83 7.85
CA ALA A 100 -1.63 21.09 8.58
C ALA A 100 -0.72 20.92 9.79
N ALA A 101 -1.11 20.02 10.71
CA ALA A 101 -0.34 19.78 11.90
C ALA A 101 -0.67 18.41 12.50
N SER A 102 -1.95 18.04 12.45
CA SER A 102 -2.40 16.76 12.98
C SER A 102 -3.76 16.39 12.42
N ALA A 103 -4.62 17.38 12.24
CA ALA A 103 -5.96 17.16 11.70
C ALA A 103 -6.81 16.35 12.67
N ALA A 104 -7.97 16.89 13.03
CA ALA A 104 -8.88 16.23 13.95
C ALA A 104 -8.26 16.10 15.33
N LYS A 105 -9.10 16.07 16.36
CA LYS A 105 -8.64 15.96 17.73
C LYS A 105 -9.54 15.01 18.54
N ASN A 106 -10.81 15.40 18.67
CA ASN A 106 -11.77 14.60 19.42
C ASN A 106 -13.20 14.91 18.97
N THR A 107 -14.09 13.93 19.15
CA THR A 107 -15.48 14.11 18.76
C THR A 107 -15.61 14.36 17.27
N PRO A 108 -16.79 14.06 16.72
CA PRO A 108 -17.91 13.51 17.49
C PRO A 108 -17.65 12.08 17.96
N LYS A 109 -17.61 11.88 19.28
CA LYS A 109 -17.37 10.56 19.85
C LYS A 109 -16.23 9.85 19.12
N VAL A 110 -15.16 10.59 18.85
CA VAL A 110 -14.01 10.04 18.16
C VAL A 110 -12.83 9.88 19.11
N THR A 111 -13.12 9.57 20.37
CA THR A 111 -12.09 9.39 21.37
C THR A 111 -11.34 8.08 21.17
N MET A 112 -12.07 7.03 20.81
CA MET A 112 -11.47 5.72 20.57
C MET A 112 -10.59 5.32 21.75
N ARG A 113 -11.07 5.56 22.96
CA ARG A 113 -10.32 5.22 24.16
C ARG A 113 -9.01 6.02 24.24
N ARG A 114 -9.05 7.15 24.93
CA ARG A 114 -7.88 7.99 25.08
C ARG A 114 -7.43 8.54 23.73
N ARG A 115 -7.03 9.81 23.72
CA ARG A 115 -6.58 10.45 22.49
C ARG A 115 -5.85 11.76 22.79
N PHE A 116 -4.77 12.02 22.06
CA PHE A 116 -3.99 13.23 22.25
C PHE A 116 -3.18 13.56 21.00
N SER A 117 -2.31 14.56 21.12
CA SER A 117 -1.48 14.98 20.00
C SER A 117 -0.78 13.78 19.36
N ASP A 118 -1.28 13.36 18.21
CA ASP A 118 -0.71 12.22 17.49
C ASP A 118 0.80 12.38 17.34
N ASP A 119 1.26 13.62 17.26
CA ASP A 119 2.69 13.91 17.12
C ASP A 119 3.48 13.18 18.20
N ASP A 120 2.89 13.02 19.37
CA ASP A 120 3.54 12.35 20.49
C ASP A 120 3.50 10.83 20.31
N ASP A 121 2.44 10.35 19.66
CA ASP A 121 2.28 8.92 19.42
C ASP A 121 2.78 8.54 18.03
N ASP A 122 3.87 9.15 17.60
CA ASP A 122 4.46 8.88 16.30
C ASP A 122 5.21 7.54 16.30
N PHE A 123 4.50 6.47 16.61
CA PHE A 123 5.10 5.14 16.66
C PHE A 123 4.22 4.12 15.95
N SER A 1 -19.47 -15.42 -9.78
CA SER A 1 -18.82 -15.60 -8.48
C SER A 1 -18.45 -17.07 -8.26
N MET A 2 -17.80 -17.67 -9.24
CA MET A 2 -17.39 -19.07 -9.16
C MET A 2 -16.06 -19.29 -9.87
N GLN A 3 -14.97 -19.14 -9.12
CA GLN A 3 -13.64 -19.32 -9.69
C GLN A 3 -12.81 -20.28 -8.83
N PRO A 4 -11.79 -20.89 -9.44
CA PRO A 4 -11.46 -20.67 -10.85
C PRO A 4 -12.51 -21.27 -11.78
N GLU A 5 -12.69 -20.62 -12.94
CA GLU A 5 -13.66 -21.10 -13.93
C GLU A 5 -12.98 -21.88 -15.03
N GLU A 6 -13.73 -22.79 -15.66
CA GLU A 6 -13.18 -23.61 -16.74
C GLU A 6 -12.76 -22.74 -17.92
N PHE A 7 -13.53 -21.68 -18.17
CA PHE A 7 -13.23 -20.77 -19.28
C PHE A 7 -12.43 -19.57 -18.79
N ALA A 8 -11.57 -19.79 -17.80
CA ALA A 8 -10.74 -18.74 -17.25
C ALA A 8 -9.88 -18.09 -18.33
N ALA A 9 -9.03 -17.15 -17.92
CA ALA A 9 -8.15 -16.46 -18.86
C ALA A 9 -6.70 -16.52 -18.40
N ALA A 10 -6.35 -15.64 -17.47
CA ALA A 10 -4.99 -15.58 -16.95
C ALA A 10 -4.00 -15.16 -18.02
N ALA A 11 -4.42 -14.24 -18.89
CA ALA A 11 -3.58 -13.75 -19.97
C ALA A 11 -4.24 -12.58 -20.69
N ARG A 12 -5.19 -12.90 -21.57
CA ARG A 12 -5.89 -11.87 -22.33
C ARG A 12 -4.92 -10.88 -22.93
N GLY A 13 -3.69 -11.33 -23.21
CA GLY A 13 -2.68 -10.46 -23.79
C GLY A 13 -2.58 -9.13 -23.05
N GLY A 14 -2.86 -9.15 -21.76
CA GLY A 14 -2.79 -7.94 -20.96
C GLY A 14 -3.14 -8.18 -19.51
N PHE A 15 -2.20 -8.77 -18.77
CA PHE A 15 -2.40 -9.07 -17.36
C PHE A 15 -3.46 -10.15 -17.16
N GLY A 16 -4.71 -9.83 -17.48
CA GLY A 16 -5.78 -10.79 -17.35
C GLY A 16 -6.10 -11.09 -15.89
N GLY A 17 -5.96 -10.09 -15.04
CA GLY A 17 -6.24 -10.28 -13.62
C GLY A 17 -5.01 -10.68 -12.83
N ASP A 18 -4.10 -11.40 -13.50
CA ASP A 18 -2.88 -11.84 -12.85
C ASP A 18 -1.94 -10.67 -12.59
N ALA A 19 -1.90 -10.22 -11.34
CA ALA A 19 -1.04 -9.09 -10.95
C ALA A 19 0.40 -9.36 -11.34
N GLU A 20 0.77 -10.63 -11.42
CA GLU A 20 2.13 -11.02 -11.78
C GLU A 20 2.61 -10.23 -13.00
N LYS A 21 1.79 -10.21 -14.05
CA LYS A 21 2.14 -9.50 -15.27
C LYS A 21 2.41 -8.03 -14.98
N ALA A 22 1.45 -7.35 -14.36
CA ALA A 22 1.60 -5.95 -14.01
C ALA A 22 2.89 -5.69 -13.26
N LYS A 23 3.40 -6.72 -12.59
CA LYS A 23 4.63 -6.61 -11.83
C LYS A 23 5.84 -6.64 -12.75
N ALA A 24 6.06 -7.78 -13.40
CA ALA A 24 7.17 -7.94 -14.33
C ALA A 24 7.08 -6.95 -15.48
N ALA A 25 5.94 -6.94 -16.15
CA ALA A 25 5.72 -6.03 -17.28
C ALA A 25 6.17 -4.62 -16.94
N GLU A 26 5.62 -4.07 -15.85
CA GLU A 26 5.97 -2.73 -15.42
C GLU A 26 7.45 -2.63 -15.03
N ALA A 27 8.00 -3.76 -14.58
CA ALA A 27 9.40 -3.81 -14.18
C ALA A 27 10.32 -3.51 -15.35
N GLN A 28 10.01 -4.08 -16.50
CA GLN A 28 10.81 -3.87 -17.70
C GLN A 28 10.98 -2.39 -18.00
N GLU A 29 9.93 -1.62 -17.75
CA GLU A 29 9.95 -0.18 -17.98
C GLU A 29 10.64 0.55 -16.84
N ALA A 30 10.19 0.27 -15.62
CA ALA A 30 10.76 0.91 -14.43
C ALA A 30 12.25 0.60 -14.32
N MET A 31 12.69 -0.44 -15.01
CA MET A 31 14.10 -0.84 -14.99
C MET A 31 15.00 0.35 -15.25
N ARG A 32 14.47 1.36 -15.92
CA ARG A 32 15.23 2.56 -16.24
C ARG A 32 16.00 3.06 -15.01
N GLN A 33 15.41 2.86 -13.84
CA GLN A 33 16.04 3.29 -12.59
C GLN A 33 17.45 2.71 -12.46
N GLN A 34 17.61 1.46 -12.86
CA GLN A 34 18.90 0.79 -12.78
C GLN A 34 19.51 0.93 -11.40
N MET A 35 19.23 -0.03 -10.53
CA MET A 35 19.74 -0.01 -9.16
C MET A 35 19.61 -1.39 -8.51
N GLU A 36 20.08 -1.49 -7.27
CA GLU A 36 20.02 -2.75 -6.54
C GLU A 36 18.57 -3.13 -6.23
N GLU A 37 18.19 -4.35 -6.58
CA GLU A 37 16.84 -4.84 -6.34
C GLU A 37 16.86 -6.28 -5.83
N GLN A 38 17.08 -7.21 -6.75
CA GLN A 38 17.12 -8.63 -6.40
C GLN A 38 18.03 -8.87 -5.20
N ARG A 39 18.94 -7.93 -4.97
CA ARG A 39 19.88 -8.04 -3.84
C ARG A 39 19.39 -7.24 -2.65
N ARG A 40 19.29 -5.92 -2.82
CA ARG A 40 18.83 -5.04 -1.75
C ARG A 40 17.34 -5.24 -1.48
N ILE A 41 16.53 -4.99 -2.50
CA ILE A 41 15.09 -5.15 -2.38
C ILE A 41 14.73 -6.50 -1.75
N MET A 42 15.48 -7.53 -2.11
CA MET A 42 15.25 -8.87 -1.58
C MET A 42 15.83 -9.01 -0.17
N LEU A 43 16.95 -8.34 0.07
CA LEU A 43 17.60 -8.40 1.37
C LEU A 43 16.68 -7.89 2.47
N ARG A 44 15.88 -6.88 2.14
CA ARG A 44 14.94 -6.30 3.10
C ARG A 44 13.62 -7.06 3.09
N ALA A 45 13.30 -7.67 1.96
CA ALA A 45 12.07 -8.44 1.81
C ALA A 45 11.84 -9.34 3.02
N VAL A 46 12.93 -9.84 3.59
CA VAL A 46 12.85 -10.72 4.75
C VAL A 46 12.29 -9.97 5.96
N LEU A 47 12.83 -8.77 6.21
CA LEU A 47 12.38 -7.95 7.33
C LEU A 47 11.02 -7.33 7.06
N THR A 48 10.53 -6.56 8.02
CA THR A 48 9.24 -5.90 7.88
C THR A 48 9.01 -4.90 9.01
N PRO A 49 8.61 -3.67 8.64
CA PRO A 49 8.36 -2.60 9.61
C PRO A 49 7.09 -2.86 10.42
N ALA A 50 6.61 -1.82 11.09
CA ALA A 50 5.41 -1.93 11.91
C ALA A 50 4.36 -0.90 11.49
N ALA A 51 4.36 -0.55 10.21
CA ALA A 51 3.41 0.42 9.68
C ALA A 51 1.98 -0.04 9.91
N GLN A 52 1.77 -1.35 9.91
CA GLN A 52 0.44 -1.91 10.12
C GLN A 52 -0.23 -1.30 11.34
N GLU A 53 0.59 -0.93 12.33
CA GLU A 53 0.07 -0.34 13.56
C GLU A 53 -0.83 0.86 13.24
N ARG A 54 -0.21 1.98 12.87
CA ARG A 54 -0.95 3.19 12.55
C ARG A 54 -1.95 2.93 11.43
N LEU A 55 -1.59 2.04 10.50
CA LEU A 55 -2.45 1.71 9.38
C LEU A 55 -3.81 1.20 9.86
N HIS A 56 -3.78 0.20 10.73
CA HIS A 56 -5.01 -0.38 11.28
C HIS A 56 -5.72 0.62 12.17
N ARG A 57 -4.94 1.45 12.87
CA ARG A 57 -5.51 2.46 13.76
C ARG A 57 -6.30 3.51 12.96
N ILE A 58 -5.69 4.02 11.91
CA ILE A 58 -6.33 5.03 11.07
C ILE A 58 -7.40 4.39 10.18
N GLN A 59 -7.03 3.32 9.49
CA GLN A 59 -7.95 2.62 8.60
C GLN A 59 -9.15 2.09 9.37
N LEU A 60 -8.97 1.88 10.68
CA LEU A 60 -10.04 1.38 11.53
C LEU A 60 -11.33 2.16 11.31
N VAL A 61 -11.22 3.49 11.32
CA VAL A 61 -12.37 4.34 11.12
C VAL A 61 -12.50 4.76 9.66
N LYS A 62 -11.36 4.99 9.00
CA LYS A 62 -11.35 5.38 7.60
C LYS A 62 -11.33 4.17 6.69
N ALA A 63 -12.47 3.47 6.62
CA ALA A 63 -12.58 2.28 5.78
C ALA A 63 -12.51 2.64 4.30
N ASP A 64 -13.41 3.52 3.87
CA ASP A 64 -13.45 3.95 2.48
C ASP A 64 -12.09 4.48 2.03
N LYS A 65 -11.40 5.15 2.95
CA LYS A 65 -10.09 5.70 2.65
C LYS A 65 -8.99 4.65 2.82
N ALA A 66 -9.31 3.61 3.57
CA ALA A 66 -8.36 2.52 3.80
C ALA A 66 -8.20 1.64 2.57
N ARG A 67 -9.29 1.51 1.81
CA ARG A 67 -9.27 0.70 0.60
C ARG A 67 -8.39 1.33 -0.47
N GLU A 68 -8.39 2.65 -0.53
CA GLU A 68 -7.58 3.38 -1.50
C GLU A 68 -6.12 3.41 -1.09
N VAL A 69 -5.87 3.34 0.22
CA VAL A 69 -4.51 3.37 0.74
C VAL A 69 -3.85 2.00 0.60
N GLU A 70 -4.64 0.95 0.74
CA GLU A 70 -4.13 -0.42 0.64
C GLU A 70 -3.71 -0.73 -0.80
N ALA A 71 -4.39 -0.10 -1.75
CA ALA A 71 -4.08 -0.30 -3.17
C ALA A 71 -2.59 -0.12 -3.44
N LEU A 72 -2.00 0.88 -2.79
CA LEU A 72 -0.58 1.18 -2.97
C LEU A 72 0.27 0.21 -2.16
N ILE A 73 0.05 0.19 -0.84
CA ILE A 73 0.80 -0.69 0.05
C ILE A 73 0.73 -2.14 -0.44
N LEU A 74 -0.29 -2.45 -1.22
CA LEU A 74 -0.46 -3.80 -1.76
C LEU A 74 0.80 -4.27 -2.47
N GLN A 75 1.57 -3.32 -3.00
CA GLN A 75 2.81 -3.65 -3.69
C GLN A 75 4.02 -3.14 -2.93
N ASN A 76 3.88 -3.02 -1.61
CA ASN A 76 4.96 -2.54 -0.77
C ASN A 76 5.10 -3.41 0.48
N ALA A 77 4.03 -3.52 1.26
CA ALA A 77 4.03 -4.32 2.47
C ALA A 77 4.13 -5.80 2.14
N GLN A 78 3.61 -6.18 0.98
CA GLN A 78 3.63 -7.58 0.55
C GLN A 78 4.86 -7.87 -0.30
N ARG A 79 5.35 -6.83 -0.99
CA ARG A 79 6.52 -6.97 -1.85
C ARG A 79 7.79 -7.15 -1.01
N GLY A 80 7.73 -6.71 0.24
CA GLY A 80 8.88 -6.82 1.12
C GLY A 80 9.64 -5.51 1.26
N ARG A 81 8.90 -4.41 1.27
CA ARG A 81 9.51 -3.09 1.41
C ARG A 81 10.51 -2.84 0.28
N LEU A 82 10.08 -2.09 -0.73
CA LEU A 82 10.94 -1.77 -1.86
C LEU A 82 11.54 -0.39 -1.72
N ALA A 83 12.70 -0.33 -1.06
CA ALA A 83 13.39 0.93 -0.85
C ALA A 83 14.22 1.31 -2.08
N ASP A 84 13.64 1.14 -3.25
CA ASP A 84 14.33 1.46 -4.50
C ASP A 84 13.33 1.69 -5.63
N LYS A 85 12.49 0.67 -5.88
CA LYS A 85 11.48 0.76 -6.93
C LYS A 85 10.11 1.06 -6.35
N VAL A 86 10.09 1.70 -5.17
CA VAL A 86 8.84 2.04 -4.51
C VAL A 86 7.89 2.74 -5.46
N ASP A 87 6.61 2.37 -5.41
CA ASP A 87 5.60 2.97 -6.27
C ASP A 87 5.64 4.49 -6.18
N GLU A 88 4.88 5.15 -7.05
CA GLU A 88 4.83 6.60 -7.07
C GLU A 88 3.69 7.11 -6.19
N ALA A 89 2.63 6.33 -6.10
CA ALA A 89 1.47 6.71 -5.29
C ALA A 89 1.85 6.81 -3.82
N THR A 90 3.00 6.25 -3.46
CA THR A 90 3.47 6.27 -2.09
C THR A 90 3.37 7.68 -1.50
N LEU A 91 3.63 8.69 -2.33
CA LEU A 91 3.58 10.07 -1.90
C LEU A 91 2.17 10.64 -2.06
N ILE A 92 1.47 10.18 -3.10
CA ILE A 92 0.11 10.64 -3.36
C ILE A 92 -0.79 10.40 -2.15
N GLU A 93 -0.62 9.26 -1.50
CA GLU A 93 -1.42 8.92 -0.34
C GLU A 93 -0.82 9.52 0.94
N LEU A 94 0.51 9.43 1.05
CA LEU A 94 1.21 9.96 2.21
C LEU A 94 0.84 11.42 2.45
N LEU A 95 0.44 12.10 1.38
CA LEU A 95 0.05 13.51 1.47
C LEU A 95 -1.46 13.65 1.60
N GLN A 96 -2.19 12.67 1.09
CA GLN A 96 -3.65 12.69 1.16
C GLN A 96 -4.14 12.50 2.59
N GLN A 97 -3.32 11.86 3.41
CA GLN A 97 -3.66 11.62 4.80
C GLN A 97 -3.26 12.81 5.68
N THR A 98 -2.13 13.42 5.36
CA THR A 98 -1.64 14.57 6.12
C THR A 98 -0.99 15.59 5.19
N SER A 99 -1.79 16.23 4.35
CA SER A 99 -1.28 17.23 3.41
C SER A 99 -0.97 18.54 4.14
N ALA A 100 -1.24 18.57 5.44
CA ALA A 100 -0.98 19.75 6.24
C ALA A 100 -0.15 19.41 7.47
N ALA A 101 -0.68 18.52 8.31
CA ALA A 101 0.02 18.10 9.53
C ALA A 101 -0.48 16.74 10.00
N SER A 102 -1.78 16.51 9.85
CA SER A 102 -2.39 15.25 10.28
C SER A 102 -3.73 15.03 9.59
N ALA A 103 -4.48 16.13 9.40
CA ALA A 103 -5.78 16.05 8.75
C ALA A 103 -6.78 15.31 9.61
N ALA A 104 -7.48 16.04 10.47
CA ALA A 104 -8.47 15.44 11.36
C ALA A 104 -7.82 14.50 12.35
N LYS A 105 -8.60 14.05 13.34
CA LYS A 105 -8.09 13.14 14.37
C LYS A 105 -9.15 12.11 14.74
N ASN A 106 -10.07 12.51 15.62
CA ASN A 106 -11.14 11.61 16.06
C ASN A 106 -10.57 10.28 16.51
N THR A 107 -11.46 9.31 16.73
CA THR A 107 -11.05 7.98 17.15
C THR A 107 -10.23 8.04 18.44
N PRO A 108 -10.15 6.91 19.15
CA PRO A 108 -10.83 5.68 18.75
C PRO A 108 -12.35 5.78 18.87
N LYS A 109 -13.05 5.37 17.82
CA LYS A 109 -14.51 5.41 17.81
C LYS A 109 -15.02 6.83 18.07
N VAL A 110 -15.25 7.14 19.34
CA VAL A 110 -15.72 8.47 19.72
C VAL A 110 -15.25 8.83 21.12
N THR A 111 -14.33 9.78 21.21
CA THR A 111 -13.79 10.24 22.48
C THR A 111 -14.91 10.66 23.42
N MET A 112 -15.82 11.48 22.91
CA MET A 112 -16.94 11.97 23.71
C MET A 112 -16.46 12.72 24.94
N ARG A 113 -15.18 13.12 24.92
CA ARG A 113 -14.59 13.86 26.03
C ARG A 113 -13.22 14.40 25.65
N ARG A 114 -13.19 15.66 25.21
CA ARG A 114 -11.95 16.30 24.81
C ARG A 114 -11.29 15.55 23.65
N ARG A 115 -10.37 16.22 22.96
CA ARG A 115 -9.67 15.63 21.84
C ARG A 115 -8.52 16.51 21.38
N PHE A 116 -7.42 15.88 20.97
CA PHE A 116 -6.24 16.61 20.52
C PHE A 116 -5.48 15.79 19.47
N SER A 117 -4.28 16.26 19.13
CA SER A 117 -3.46 15.59 18.13
C SER A 117 -3.42 14.09 18.39
N ASP A 118 -4.14 13.34 17.55
CA ASP A 118 -4.19 11.89 17.68
C ASP A 118 -3.00 11.24 17.00
N ASP A 119 -2.33 11.99 16.13
CA ASP A 119 -1.16 11.49 15.41
C ASP A 119 0.04 11.40 16.34
N ASP A 120 -0.11 11.91 17.56
CA ASP A 120 0.97 11.89 18.54
C ASP A 120 0.86 10.65 19.43
N ASP A 121 -0.37 10.27 19.75
CA ASP A 121 -0.61 9.11 20.60
C ASP A 121 -0.84 7.86 19.76
N ASP A 122 -0.12 7.75 18.65
CA ASP A 122 -0.24 6.61 17.76
C ASP A 122 -1.71 6.26 17.53
N PHE A 123 -2.57 7.28 17.57
CA PHE A 123 -4.00 7.08 17.36
C PHE A 123 -4.58 8.18 16.49
N SER A 1 -11.15 -10.55 -14.92
CA SER A 1 -11.61 -11.89 -14.57
C SER A 1 -11.78 -12.75 -15.82
N MET A 2 -10.87 -13.69 -16.02
CA MET A 2 -10.93 -14.58 -17.18
C MET A 2 -10.66 -16.03 -16.77
N GLN A 3 -11.73 -16.82 -16.68
CA GLN A 3 -11.60 -18.22 -16.31
C GLN A 3 -12.36 -19.11 -17.29
N PRO A 4 -11.99 -20.40 -17.32
CA PRO A 4 -10.92 -20.94 -16.46
C PRO A 4 -9.55 -20.43 -16.86
N GLU A 5 -8.53 -20.78 -16.07
CA GLU A 5 -7.17 -20.36 -16.35
C GLU A 5 -6.63 -21.03 -17.60
N GLU A 6 -7.09 -22.25 -17.86
CA GLU A 6 -6.65 -23.00 -19.03
C GLU A 6 -6.96 -22.25 -20.31
N PHE A 7 -8.02 -21.44 -20.27
CA PHE A 7 -8.42 -20.66 -21.44
C PHE A 7 -7.84 -19.24 -21.37
N ALA A 8 -6.64 -19.13 -20.80
CA ALA A 8 -5.98 -17.84 -20.67
C ALA A 8 -5.74 -17.21 -22.04
N ALA A 9 -4.94 -16.15 -22.06
CA ALA A 9 -4.63 -15.46 -23.30
C ALA A 9 -5.87 -14.83 -23.91
N ALA A 10 -6.94 -14.75 -23.12
CA ALA A 10 -8.19 -14.17 -23.59
C ALA A 10 -8.18 -12.65 -23.44
N ALA A 11 -7.46 -12.16 -22.44
CA ALA A 11 -7.37 -10.72 -22.18
C ALA A 11 -6.57 -10.04 -23.28
N ARG A 12 -5.67 -10.78 -23.92
CA ARG A 12 -4.84 -10.23 -24.98
C ARG A 12 -3.95 -9.11 -24.46
N GLY A 13 -3.09 -9.43 -23.50
CA GLY A 13 -2.20 -8.44 -22.93
C GLY A 13 -2.93 -7.44 -22.05
N GLY A 14 -4.05 -7.88 -21.47
CA GLY A 14 -4.82 -7.00 -20.61
C GLY A 14 -5.04 -7.58 -19.23
N PHE A 15 -4.11 -8.43 -18.80
CA PHE A 15 -4.20 -9.06 -17.48
C PHE A 15 -5.33 -10.08 -17.45
N GLY A 16 -6.56 -9.60 -17.54
CA GLY A 16 -7.72 -10.49 -17.53
C GLY A 16 -8.08 -10.94 -16.13
N GLY A 17 -7.92 -10.05 -15.15
CA GLY A 17 -8.23 -10.38 -13.78
C GLY A 17 -7.05 -11.00 -13.06
N ASP A 18 -6.39 -11.96 -13.70
CA ASP A 18 -5.24 -12.64 -13.11
C ASP A 18 -4.21 -11.62 -12.62
N ALA A 19 -4.18 -11.40 -11.31
CA ALA A 19 -3.23 -10.46 -10.73
C ALA A 19 -1.80 -10.78 -11.15
N GLU A 20 -1.53 -12.06 -11.42
CA GLU A 20 -0.21 -12.50 -11.83
C GLU A 20 0.32 -11.63 -12.96
N LYS A 21 -0.48 -11.50 -14.02
CA LYS A 21 -0.09 -10.70 -15.17
C LYS A 21 0.30 -9.28 -14.75
N ALA A 22 -0.61 -8.59 -14.07
CA ALA A 22 -0.35 -7.24 -13.62
C ALA A 22 0.92 -7.17 -12.77
N LYS A 23 1.27 -8.29 -12.15
CA LYS A 23 2.46 -8.36 -11.32
C LYS A 23 3.72 -8.39 -12.18
N ALA A 24 3.87 -9.45 -12.97
CA ALA A 24 5.03 -9.59 -13.84
C ALA A 24 5.08 -8.47 -14.88
N ALA A 25 3.98 -8.28 -15.60
CA ALA A 25 3.90 -7.25 -16.62
C ALA A 25 4.42 -5.92 -16.09
N GLU A 26 3.87 -5.49 -14.95
CA GLU A 26 4.28 -4.23 -14.34
C GLU A 26 5.75 -4.26 -13.96
N ALA A 27 6.25 -5.45 -13.62
CA ALA A 27 7.64 -5.61 -13.24
C ALA A 27 8.57 -5.28 -14.40
N GLN A 28 8.24 -5.77 -15.59
CA GLN A 28 9.04 -5.52 -16.78
C GLN A 28 9.27 -4.03 -16.98
N GLU A 29 8.25 -3.23 -16.69
CA GLU A 29 8.35 -1.78 -16.85
C GLU A 29 9.09 -1.16 -15.66
N ALA A 30 8.64 -1.48 -14.46
CA ALA A 30 9.25 -0.96 -13.25
C ALA A 30 10.75 -1.27 -13.21
N MET A 31 11.14 -2.33 -13.92
CA MET A 31 12.54 -2.72 -13.98
C MET A 31 13.41 -1.62 -14.58
N ARG A 32 12.75 -0.66 -15.24
CA ARG A 32 13.47 0.45 -15.86
C ARG A 32 14.34 1.17 -14.85
N GLN A 33 14.05 0.98 -13.57
CA GLN A 33 14.81 1.61 -12.50
C GLN A 33 16.15 0.91 -12.30
N GLN A 34 16.16 -0.41 -12.48
CA GLN A 34 17.38 -1.18 -12.31
C GLN A 34 17.99 -0.96 -10.93
N MET A 35 17.71 -1.85 -10.01
CA MET A 35 18.23 -1.75 -8.64
C MET A 35 17.93 -3.01 -7.85
N GLU A 36 18.14 -2.93 -6.53
CA GLU A 36 17.89 -4.08 -5.66
C GLU A 36 16.40 -4.41 -5.61
N GLU A 37 16.07 -5.64 -5.97
CA GLU A 37 14.67 -6.09 -5.96
C GLU A 37 14.56 -7.54 -5.48
N GLN A 38 14.92 -8.47 -6.36
CA GLN A 38 14.86 -9.89 -6.02
C GLN A 38 15.54 -10.16 -4.68
N ARG A 39 16.42 -9.25 -4.28
CA ARG A 39 17.14 -9.39 -3.02
C ARG A 39 16.46 -8.59 -1.91
N ARG A 40 16.42 -7.28 -2.06
CA ARG A 40 15.80 -6.41 -1.08
C ARG A 40 14.29 -6.57 -1.08
N ILE A 41 13.67 -6.28 -2.23
CA ILE A 41 12.22 -6.40 -2.37
C ILE A 41 11.73 -7.74 -1.83
N MET A 42 12.51 -8.79 -2.07
CA MET A 42 12.15 -10.13 -1.61
C MET A 42 12.40 -10.28 -0.11
N LEU A 43 13.51 -9.70 0.36
CA LEU A 43 13.87 -9.77 1.77
C LEU A 43 12.73 -9.25 2.65
N ARG A 44 12.09 -8.18 2.19
CA ARG A 44 10.97 -7.59 2.94
C ARG A 44 9.67 -8.31 2.63
N ALA A 45 9.61 -8.95 1.47
CA ALA A 45 8.42 -9.68 1.06
C ALA A 45 7.87 -10.51 2.22
N VAL A 46 8.75 -11.06 3.03
CA VAL A 46 8.36 -11.88 4.17
C VAL A 46 8.17 -11.03 5.42
N LEU A 47 9.11 -10.10 5.64
CA LEU A 47 9.05 -9.22 6.80
C LEU A 47 7.99 -8.14 6.61
N THR A 48 7.85 -7.28 7.61
CA THR A 48 6.88 -6.19 7.55
C THR A 48 6.84 -5.41 8.87
N PRO A 49 6.72 -4.09 8.76
CA PRO A 49 6.67 -3.21 9.94
C PRO A 49 5.37 -3.36 10.72
N ALA A 50 5.10 -2.40 11.60
CA ALA A 50 3.89 -2.43 12.42
C ALA A 50 2.95 -1.30 12.05
N ALA A 51 3.10 -0.78 10.84
CA ALA A 51 2.27 0.32 10.36
C ALA A 51 0.81 -0.11 10.26
N GLN A 52 0.58 -1.39 9.98
CA GLN A 52 -0.76 -1.92 9.86
C GLN A 52 -1.61 -1.54 11.06
N GLU A 53 -0.97 -1.40 12.22
CA GLU A 53 -1.67 -1.02 13.43
C GLU A 53 -2.47 0.26 13.24
N ARG A 54 -1.77 1.39 13.23
CA ARG A 54 -2.41 2.69 13.05
C ARG A 54 -3.23 2.71 11.77
N LEU A 55 -2.73 2.06 10.72
CA LEU A 55 -3.41 2.01 9.45
C LEU A 55 -4.81 1.41 9.60
N HIS A 56 -4.86 0.14 10.00
CA HIS A 56 -6.13 -0.55 10.19
C HIS A 56 -7.05 0.24 11.10
N ARG A 57 -6.46 0.96 12.05
CA ARG A 57 -7.23 1.76 13.00
C ARG A 57 -7.84 2.98 12.30
N ILE A 58 -7.00 3.95 11.98
CA ILE A 58 -7.46 5.16 11.32
C ILE A 58 -8.35 4.83 10.12
N GLN A 59 -8.09 3.67 9.50
CA GLN A 59 -8.87 3.24 8.36
C GLN A 59 -10.23 2.71 8.77
N LEU A 60 -10.28 2.07 9.94
CA LEU A 60 -11.52 1.52 10.46
C LEU A 60 -12.59 2.60 10.59
N VAL A 61 -12.15 3.82 10.89
CA VAL A 61 -13.07 4.95 11.04
C VAL A 61 -13.20 5.73 9.73
N LYS A 62 -12.08 5.90 9.04
CA LYS A 62 -12.07 6.63 7.78
C LYS A 62 -12.11 5.66 6.59
N ALA A 63 -13.32 5.34 6.14
CA ALA A 63 -13.51 4.43 5.02
C ALA A 63 -13.10 5.09 3.71
N ASP A 64 -13.38 6.38 3.58
CA ASP A 64 -13.04 7.13 2.38
C ASP A 64 -11.53 7.37 2.30
N LYS A 65 -10.89 7.51 3.45
CA LYS A 65 -9.46 7.74 3.51
C LYS A 65 -8.70 6.42 3.52
N ALA A 66 -9.38 5.34 3.88
CA ALA A 66 -8.77 4.03 3.92
C ALA A 66 -8.70 3.41 2.53
N ARG A 67 -9.57 3.87 1.63
CA ARG A 67 -9.61 3.37 0.27
C ARG A 67 -8.49 3.98 -0.57
N GLU A 68 -8.15 5.22 -0.26
CA GLU A 68 -7.10 5.93 -0.99
C GLU A 68 -5.72 5.52 -0.48
N VAL A 69 -5.65 5.14 0.79
CA VAL A 69 -4.39 4.72 1.40
C VAL A 69 -4.03 3.31 0.99
N GLU A 70 -5.05 2.49 0.70
CA GLU A 70 -4.83 1.11 0.30
C GLU A 70 -4.44 1.03 -1.17
N ALA A 71 -4.96 1.96 -1.96
CA ALA A 71 -4.67 1.99 -3.39
C ALA A 71 -3.17 1.94 -3.65
N LEU A 72 -2.41 2.73 -2.88
CA LEU A 72 -0.96 2.77 -3.03
C LEU A 72 -0.31 1.59 -2.32
N ILE A 73 -0.69 1.38 -1.07
CA ILE A 73 -0.14 0.28 -0.27
C ILE A 73 -0.31 -1.05 -1.01
N LEU A 74 -1.27 -1.11 -1.90
CA LEU A 74 -1.53 -2.32 -2.67
C LEU A 74 -0.28 -2.79 -3.41
N GLN A 75 0.57 -1.83 -3.77
CA GLN A 75 1.81 -2.14 -4.48
C GLN A 75 3.02 -1.88 -3.60
N ASN A 76 2.83 -1.99 -2.29
CA ASN A 76 3.90 -1.77 -1.33
C ASN A 76 3.87 -2.81 -0.21
N ALA A 77 2.74 -2.87 0.49
CA ALA A 77 2.56 -3.81 1.58
C ALA A 77 2.50 -5.25 1.06
N GLN A 78 2.02 -5.41 -0.16
CA GLN A 78 1.91 -6.73 -0.77
C GLN A 78 3.12 -7.04 -1.64
N ARG A 79 3.73 -5.99 -2.18
CA ARG A 79 4.91 -6.15 -3.02
C ARG A 79 6.13 -6.55 -2.19
N GLY A 80 6.08 -6.23 -0.90
CA GLY A 80 7.20 -6.57 -0.03
C GLY A 80 8.07 -5.37 0.29
N ARG A 81 7.43 -4.24 0.61
CA ARG A 81 8.17 -3.02 0.93
C ARG A 81 9.25 -2.75 -0.11
N LEU A 82 8.88 -2.07 -1.18
CA LEU A 82 9.82 -1.74 -2.25
C LEU A 82 11.07 -1.08 -1.68
N ALA A 83 10.87 -0.10 -0.81
CA ALA A 83 11.99 0.61 -0.19
C ALA A 83 12.97 1.12 -1.25
N ASP A 84 12.45 1.40 -2.44
CA ASP A 84 13.29 1.89 -3.53
C ASP A 84 12.43 2.53 -4.62
N LYS A 85 11.51 1.74 -5.19
CA LYS A 85 10.63 2.23 -6.24
C LYS A 85 9.31 2.71 -5.66
N VAL A 86 9.37 3.31 -4.47
CA VAL A 86 8.17 3.82 -3.80
C VAL A 86 7.30 4.60 -4.78
N ASP A 87 6.01 4.23 -4.82
CA ASP A 87 5.06 4.90 -5.71
C ASP A 87 5.01 6.39 -5.43
N GLU A 88 4.13 7.09 -6.13
CA GLU A 88 3.98 8.53 -5.96
C GLU A 88 2.82 8.86 -5.02
N ALA A 89 1.86 7.93 -4.93
CA ALA A 89 0.71 8.12 -4.06
C ALA A 89 1.08 7.97 -2.60
N THR A 90 2.19 7.26 -2.34
CA THR A 90 2.66 7.04 -0.98
C THR A 90 2.73 8.35 -0.21
N LEU A 91 3.12 9.42 -0.90
CA LEU A 91 3.24 10.73 -0.27
C LEU A 91 1.94 11.51 -0.41
N ILE A 92 1.21 11.27 -1.50
CA ILE A 92 -0.05 11.95 -1.75
C ILE A 92 -1.00 11.78 -0.57
N GLU A 93 -0.98 10.59 0.03
CA GLU A 93 -1.85 10.30 1.16
C GLU A 93 -1.22 10.80 2.46
N LEU A 94 0.08 10.63 2.59
CA LEU A 94 0.80 11.06 3.78
C LEU A 94 0.57 12.54 4.05
N LEU A 95 0.21 13.28 3.00
CA LEU A 95 -0.04 14.71 3.12
C LEU A 95 -1.54 14.98 3.27
N GLN A 96 -2.36 14.05 2.79
CA GLN A 96 -3.80 14.20 2.86
C GLN A 96 -4.29 14.03 4.29
N GLN A 97 -3.56 13.26 5.08
CA GLN A 97 -3.92 13.02 6.47
C GLN A 97 -3.44 14.16 7.37
N THR A 98 -2.21 14.62 7.12
CA THR A 98 -1.64 15.72 7.90
C THR A 98 -1.47 16.97 7.05
N SER A 99 -2.45 17.24 6.19
CA SER A 99 -2.39 18.41 5.32
C SER A 99 -2.22 19.68 6.13
N ALA A 100 -2.60 19.63 7.40
CA ALA A 100 -2.49 20.79 8.28
C ALA A 100 -1.76 20.42 9.58
N ALA A 101 -2.41 19.59 10.40
CA ALA A 101 -1.83 19.16 11.66
C ALA A 101 -2.76 18.21 12.40
N SER A 102 -2.25 17.04 12.75
CA SER A 102 -3.03 16.04 13.46
C SER A 102 -2.49 15.81 14.87
N ALA A 103 -1.18 15.61 14.95
CA ALA A 103 -0.52 15.38 16.24
C ALA A 103 -1.10 14.14 16.92
N ALA A 104 -0.80 14.00 18.22
CA ALA A 104 -1.28 12.86 18.98
C ALA A 104 -0.65 11.57 18.50
N LYS A 105 -0.25 10.71 19.44
CA LYS A 105 0.37 9.44 19.10
C LYS A 105 -0.15 8.33 20.01
N ASN A 106 -0.33 8.64 21.29
CA ASN A 106 -0.82 7.66 22.25
C ASN A 106 -1.60 8.36 23.36
N THR A 107 -2.88 8.64 23.10
CA THR A 107 -3.73 9.30 24.08
C THR A 107 -5.19 8.94 23.87
N PRO A 108 -6.02 9.15 24.90
CA PRO A 108 -5.56 9.72 26.17
C PRO A 108 -4.68 8.75 26.95
N LYS A 109 -3.57 9.24 27.47
CA LYS A 109 -2.64 8.42 28.24
C LYS A 109 -2.10 7.27 27.40
N VAL A 110 -2.80 6.15 27.40
CA VAL A 110 -2.39 4.98 26.63
C VAL A 110 -3.59 4.15 26.22
N THR A 111 -4.53 4.77 25.52
CA THR A 111 -5.74 4.09 25.05
C THR A 111 -5.39 2.83 24.26
N MET A 112 -4.37 2.95 23.42
CA MET A 112 -3.94 1.82 22.60
C MET A 112 -5.11 1.19 21.86
N ARG A 113 -6.08 2.03 21.48
CA ARG A 113 -7.25 1.55 20.77
C ARG A 113 -7.60 2.49 19.61
N ARG A 114 -8.63 3.29 19.80
CA ARG A 114 -9.06 4.23 18.77
C ARG A 114 -8.31 5.56 18.89
N ARG A 115 -7.95 6.13 17.74
CA ARG A 115 -7.22 7.39 17.71
C ARG A 115 -7.13 7.92 16.28
N PHE A 116 -7.30 9.24 16.13
CA PHE A 116 -7.24 9.87 14.82
C PHE A 116 -6.79 11.33 14.95
N SER A 117 -6.72 12.02 13.82
CA SER A 117 -6.30 13.42 13.80
C SER A 117 -7.04 14.22 14.87
N ASP A 118 -6.35 14.52 15.96
CA ASP A 118 -6.93 15.29 17.05
C ASP A 118 -6.79 16.79 16.80
N ASP A 119 -5.71 17.18 16.15
CA ASP A 119 -5.45 18.58 15.85
C ASP A 119 -6.22 19.02 14.60
N ASP A 120 -6.90 18.07 13.97
CA ASP A 120 -7.69 18.36 12.78
C ASP A 120 -8.76 19.41 13.06
N ASP A 121 -9.67 19.08 13.97
CA ASP A 121 -10.75 19.99 14.33
C ASP A 121 -10.23 21.13 15.21
N ASP A 122 -9.03 20.94 15.75
CA ASP A 122 -8.42 21.94 16.62
C ASP A 122 -7.21 22.58 15.94
N PHE A 123 -7.43 23.71 15.27
CA PHE A 123 -6.36 24.41 14.58
C PHE A 123 -6.93 25.52 13.68
N SER A 1 5.47 -8.33 -13.22
CA SER A 1 6.18 -9.58 -12.97
C SER A 1 5.78 -10.17 -11.62
N MET A 2 5.00 -11.25 -11.66
CA MET A 2 4.55 -11.91 -10.44
C MET A 2 5.01 -13.36 -10.42
N GLN A 3 6.17 -13.59 -9.80
CA GLN A 3 6.73 -14.94 -9.71
C GLN A 3 5.70 -15.91 -9.13
N PRO A 4 5.88 -17.21 -9.42
CA PRO A 4 6.99 -17.68 -10.27
C PRO A 4 6.84 -17.27 -11.73
N GLU A 5 7.94 -16.83 -12.32
CA GLU A 5 7.92 -16.40 -13.72
C GLU A 5 7.86 -17.60 -14.66
N GLU A 6 8.75 -18.57 -14.44
CA GLU A 6 8.79 -19.76 -15.27
C GLU A 6 7.50 -20.56 -15.14
N PHE A 7 6.90 -20.53 -13.95
CA PHE A 7 5.66 -21.25 -13.70
C PHE A 7 4.46 -20.32 -13.83
N ALA A 8 4.57 -19.35 -14.74
CA ALA A 8 3.48 -18.40 -14.96
C ALA A 8 2.33 -19.04 -15.73
N ALA A 9 1.41 -18.22 -16.21
CA ALA A 9 0.26 -18.70 -16.96
C ALA A 9 -0.45 -19.82 -16.20
N ALA A 10 -1.27 -19.44 -15.23
CA ALA A 10 -2.01 -20.42 -14.43
C ALA A 10 -2.78 -21.38 -15.33
N ALA A 11 -3.92 -20.93 -15.84
CA ALA A 11 -4.75 -21.75 -16.71
C ALA A 11 -4.44 -21.49 -18.18
N ARG A 12 -3.28 -20.88 -18.43
CA ARG A 12 -2.88 -20.56 -19.80
C ARG A 12 -3.88 -19.64 -20.47
N GLY A 13 -3.63 -19.32 -21.74
CA GLY A 13 -4.53 -18.45 -22.47
C GLY A 13 -3.99 -17.04 -22.58
N GLY A 14 -3.28 -16.58 -21.56
CA GLY A 14 -2.73 -15.24 -21.57
C GLY A 14 -3.48 -14.29 -20.67
N PHE A 15 -4.81 -14.30 -20.79
CA PHE A 15 -5.65 -13.42 -19.98
C PHE A 15 -6.95 -14.12 -19.60
N GLY A 16 -7.81 -14.34 -20.59
CA GLY A 16 -9.07 -15.00 -20.34
C GLY A 16 -10.07 -14.10 -19.64
N GLY A 17 -9.97 -12.81 -19.89
CA GLY A 17 -10.88 -11.85 -19.28
C GLY A 17 -10.24 -11.13 -18.10
N ASP A 18 -9.41 -11.85 -17.36
CA ASP A 18 -8.74 -11.28 -16.19
C ASP A 18 -7.66 -10.28 -16.62
N ALA A 19 -8.02 -9.01 -16.65
CA ALA A 19 -7.09 -7.96 -17.04
C ALA A 19 -5.77 -8.09 -16.29
N GLU A 20 -5.85 -8.58 -15.05
CA GLU A 20 -4.66 -8.75 -14.22
C GLU A 20 -3.56 -9.47 -14.99
N LYS A 21 -3.92 -10.60 -15.59
CA LYS A 21 -2.97 -11.39 -16.37
C LYS A 21 -2.23 -10.52 -17.37
N ALA A 22 -2.99 -9.74 -18.13
CA ALA A 22 -2.40 -8.85 -19.14
C ALA A 22 -1.31 -7.98 -18.53
N LYS A 23 -1.49 -7.60 -17.27
CA LYS A 23 -0.52 -6.77 -16.58
C LYS A 23 0.78 -7.53 -16.34
N ALA A 24 0.70 -8.59 -15.55
CA ALA A 24 1.87 -9.41 -15.24
C ALA A 24 2.47 -10.00 -16.50
N ALA A 25 1.66 -10.70 -17.27
CA ALA A 25 2.12 -11.31 -18.52
C ALA A 25 2.95 -10.34 -19.34
N GLU A 26 2.36 -9.20 -19.67
CA GLU A 26 3.04 -8.18 -20.46
C GLU A 26 4.28 -7.67 -19.72
N ALA A 27 4.22 -7.66 -18.39
CA ALA A 27 5.33 -7.20 -17.58
C ALA A 27 6.59 -8.00 -17.87
N GLN A 28 6.46 -9.31 -17.95
CA GLN A 28 7.60 -10.18 -18.23
C GLN A 28 8.34 -9.72 -19.48
N GLU A 29 7.58 -9.26 -20.47
CA GLU A 29 8.18 -8.79 -21.72
C GLU A 29 8.67 -7.35 -21.58
N ALA A 30 7.83 -6.51 -20.99
CA ALA A 30 8.18 -5.10 -20.80
C ALA A 30 9.50 -4.96 -20.04
N MET A 31 9.91 -6.04 -19.37
CA MET A 31 11.14 -6.03 -18.61
C MET A 31 12.29 -5.45 -19.43
N ARG A 32 12.19 -5.58 -20.74
CA ARG A 32 13.22 -5.06 -21.64
C ARG A 32 13.60 -3.62 -21.26
N GLN A 33 12.64 -2.90 -20.71
CA GLN A 33 12.86 -1.51 -20.31
C GLN A 33 14.12 -1.39 -19.45
N GLN A 34 14.38 -2.42 -18.66
CA GLN A 34 15.56 -2.44 -17.78
C GLN A 34 15.47 -1.32 -16.74
N MET A 35 15.12 -1.69 -15.51
CA MET A 35 15.01 -0.73 -14.43
C MET A 35 14.63 -1.43 -13.12
N GLU A 36 14.48 -0.64 -12.06
CA GLU A 36 14.11 -1.17 -10.75
C GLU A 36 12.73 -1.80 -10.79
N GLU A 37 12.66 -3.12 -10.58
CA GLU A 37 11.40 -3.83 -10.59
C GLU A 37 11.60 -5.30 -10.25
N GLN A 38 12.07 -6.07 -11.22
CA GLN A 38 12.31 -7.49 -11.03
C GLN A 38 13.12 -7.74 -9.77
N ARG A 39 13.82 -6.71 -9.30
CA ARG A 39 14.64 -6.82 -8.11
C ARG A 39 13.89 -6.27 -6.89
N ARG A 40 13.63 -4.97 -6.90
CA ARG A 40 12.92 -4.33 -5.80
C ARG A 40 11.46 -4.79 -5.73
N ILE A 41 10.74 -4.55 -6.82
CA ILE A 41 9.33 -4.94 -6.88
C ILE A 41 9.15 -6.40 -6.49
N MET A 42 10.07 -7.26 -6.93
CA MET A 42 10.02 -8.67 -6.61
C MET A 42 10.38 -8.92 -5.15
N LEU A 43 11.45 -8.29 -4.70
CA LEU A 43 11.91 -8.44 -3.32
C LEU A 43 10.78 -8.17 -2.35
N ARG A 44 10.02 -7.12 -2.60
CA ARG A 44 8.90 -6.75 -1.75
C ARG A 44 7.63 -7.50 -2.16
N ALA A 45 7.62 -8.02 -3.37
CA ALA A 45 6.48 -8.76 -3.89
C ALA A 45 5.94 -9.73 -2.84
N VAL A 46 6.85 -10.29 -2.03
CA VAL A 46 6.46 -11.24 -0.99
C VAL A 46 6.72 -10.66 0.39
N LEU A 47 7.82 -9.94 0.53
CA LEU A 47 8.18 -9.33 1.81
C LEU A 47 7.25 -8.16 2.13
N THR A 48 7.49 -7.51 3.28
CA THR A 48 6.69 -6.38 3.69
C THR A 48 7.09 -5.90 5.09
N PRO A 49 6.95 -4.60 5.34
CA PRO A 49 7.30 -3.99 6.62
C PRO A 49 6.33 -4.39 7.73
N ALA A 50 6.39 -3.67 8.85
CA ALA A 50 5.52 -3.96 9.98
C ALA A 50 4.35 -2.98 10.03
N ALA A 51 4.16 -2.25 8.94
CA ALA A 51 3.07 -1.27 8.86
C ALA A 51 1.72 -1.93 9.18
N GLN A 52 1.58 -3.20 8.81
CA GLN A 52 0.35 -3.93 9.05
C GLN A 52 -0.07 -3.81 10.51
N GLU A 53 0.91 -3.65 11.40
CA GLU A 53 0.64 -3.52 12.82
C GLU A 53 -0.23 -2.30 13.11
N ARG A 54 0.38 -1.11 13.01
CA ARG A 54 -0.32 0.13 13.25
C ARG A 54 -1.62 0.18 12.45
N LEU A 55 -1.61 -0.40 11.27
CA LEU A 55 -2.78 -0.41 10.40
C LEU A 55 -3.89 -1.27 11.01
N HIS A 56 -3.59 -2.53 11.26
CA HIS A 56 -4.56 -3.45 11.85
C HIS A 56 -5.19 -2.85 13.10
N ARG A 57 -4.40 -2.07 13.83
CA ARG A 57 -4.88 -1.43 15.06
C ARG A 57 -5.67 -0.17 14.74
N ILE A 58 -4.98 0.84 14.21
CA ILE A 58 -5.62 2.10 13.86
C ILE A 58 -6.90 1.87 13.06
N GLN A 59 -6.91 0.80 12.26
CA GLN A 59 -8.07 0.47 11.45
C GLN A 59 -9.10 -0.31 12.27
N LEU A 60 -8.62 -1.06 13.25
CA LEU A 60 -9.49 -1.86 14.10
C LEU A 60 -10.70 -1.05 14.55
N VAL A 61 -10.50 0.25 14.74
CA VAL A 61 -11.57 1.14 15.16
C VAL A 61 -11.94 2.13 14.06
N LYS A 62 -10.93 2.63 13.36
CA LYS A 62 -11.14 3.59 12.29
C LYS A 62 -11.49 2.88 10.99
N ALA A 63 -12.73 2.41 10.89
CA ALA A 63 -13.20 1.71 9.70
C ALA A 63 -13.26 2.65 8.50
N ASP A 64 -13.81 3.84 8.71
CA ASP A 64 -13.93 4.83 7.66
C ASP A 64 -12.56 5.27 7.16
N LYS A 65 -11.60 5.37 8.08
CA LYS A 65 -10.24 5.77 7.72
C LYS A 65 -9.44 4.58 7.24
N ALA A 66 -9.92 3.38 7.53
CA ALA A 66 -9.24 2.15 7.12
C ALA A 66 -9.53 1.83 5.66
N ARG A 67 -10.74 2.16 5.22
CA ARG A 67 -11.15 1.90 3.84
C ARG A 67 -10.32 2.74 2.87
N GLU A 68 -9.96 3.95 3.29
CA GLU A 68 -9.17 4.84 2.44
C GLU A 68 -7.71 4.41 2.41
N VAL A 69 -7.28 3.72 3.45
CA VAL A 69 -5.90 3.25 3.55
C VAL A 69 -5.66 2.09 2.57
N GLU A 70 -6.62 1.19 2.48
CA GLU A 70 -6.50 0.04 1.58
C GLU A 70 -6.68 0.46 0.13
N ALA A 71 -7.49 1.48 -0.09
CA ALA A 71 -7.74 1.99 -1.43
C ALA A 71 -6.44 2.23 -2.18
N LEU A 72 -5.53 2.99 -1.57
CA LEU A 72 -4.25 3.30 -2.18
C LEU A 72 -3.31 2.09 -2.09
N ILE A 73 -3.21 1.50 -0.90
CA ILE A 73 -2.35 0.34 -0.69
C ILE A 73 -2.66 -0.76 -1.70
N LEU A 74 -3.88 -0.75 -2.23
CA LEU A 74 -4.31 -1.74 -3.20
C LEU A 74 -3.36 -1.79 -4.39
N GLN A 75 -2.67 -0.67 -4.63
CA GLN A 75 -1.72 -0.59 -5.74
C GLN A 75 -0.29 -0.49 -5.23
N ASN A 76 -0.05 -1.07 -4.06
CA ASN A 76 1.28 -1.05 -3.46
C ASN A 76 1.55 -2.33 -2.67
N ALA A 77 0.84 -2.49 -1.56
CA ALA A 77 1.00 -3.68 -0.72
C ALA A 77 0.82 -4.96 -1.53
N GLN A 78 -0.06 -4.89 -2.53
CA GLN A 78 -0.32 -6.05 -3.38
C GLN A 78 0.59 -6.05 -4.60
N ARG A 79 0.92 -4.85 -5.08
CA ARG A 79 1.79 -4.71 -6.24
C ARG A 79 3.22 -5.13 -5.90
N GLY A 80 3.57 -5.06 -4.62
CA GLY A 80 4.91 -5.43 -4.20
C GLY A 80 5.78 -4.23 -3.92
N ARG A 81 5.25 -3.27 -3.17
CA ARG A 81 5.99 -2.05 -2.84
C ARG A 81 6.78 -1.55 -4.05
N LEU A 82 6.11 -0.84 -4.94
CA LEU A 82 6.75 -0.30 -6.13
C LEU A 82 8.03 0.46 -5.78
N ALA A 83 8.00 1.15 -4.64
CA ALA A 83 9.16 1.91 -4.19
C ALA A 83 9.71 2.79 -5.31
N ASP A 84 8.84 3.21 -6.21
CA ASP A 84 9.25 4.05 -7.34
C ASP A 84 8.04 4.76 -7.95
N LYS A 85 7.03 3.98 -8.30
CA LYS A 85 5.82 4.53 -8.91
C LYS A 85 4.76 4.82 -7.84
N VAL A 86 5.21 5.21 -6.65
CA VAL A 86 4.31 5.51 -5.55
C VAL A 86 3.17 6.41 -6.01
N ASP A 87 1.96 6.09 -5.55
CA ASP A 87 0.78 6.88 -5.93
C ASP A 87 0.75 8.21 -5.19
N GLU A 88 -0.34 8.94 -5.33
CA GLU A 88 -0.48 10.25 -4.69
C GLU A 88 -1.16 10.10 -3.32
N ALA A 89 -1.95 9.03 -3.17
CA ALA A 89 -2.65 8.79 -1.93
C ALA A 89 -1.73 8.14 -0.90
N THR A 90 -0.68 7.48 -1.37
CA THR A 90 0.28 6.83 -0.49
C THR A 90 0.77 7.78 0.60
N LEU A 91 0.96 9.04 0.23
CA LEU A 91 1.42 10.05 1.18
C LEU A 91 0.25 10.74 1.85
N ILE A 92 -0.85 10.89 1.12
CA ILE A 92 -2.04 11.53 1.65
C ILE A 92 -2.48 10.88 2.96
N GLU A 93 -2.37 9.56 3.02
CA GLU A 93 -2.76 8.82 4.21
C GLU A 93 -1.58 8.70 5.18
N LEU A 94 -0.38 8.57 4.64
CA LEU A 94 0.82 8.45 5.46
C LEU A 94 1.00 9.67 6.36
N LEU A 95 0.36 10.77 5.98
CA LEU A 95 0.43 12.00 6.76
C LEU A 95 -0.79 12.17 7.65
N GLN A 96 -1.91 11.57 7.22
CA GLN A 96 -3.15 11.64 7.98
C GLN A 96 -3.04 10.87 9.30
N GLN A 97 -2.12 9.91 9.34
CA GLN A 97 -1.92 9.10 10.53
C GLN A 97 -0.81 9.68 11.39
N THR A 98 0.21 10.25 10.75
CA THR A 98 1.33 10.84 11.47
C THR A 98 2.43 11.28 10.50
N SER A 99 2.20 12.40 9.83
CA SER A 99 3.16 12.94 8.87
C SER A 99 4.54 13.01 9.48
N ALA A 100 4.60 13.31 10.78
CA ALA A 100 5.87 13.41 11.49
C ALA A 100 5.85 12.60 12.78
N ALA A 101 4.86 12.86 13.62
CA ALA A 101 4.72 12.16 14.89
C ALA A 101 3.46 12.61 15.64
N SER A 102 2.46 11.75 15.68
CA SER A 102 1.21 12.07 16.36
C SER A 102 0.44 10.80 16.70
N ALA A 103 -0.24 10.25 15.70
CA ALA A 103 -1.02 9.03 15.88
C ALA A 103 -2.22 9.28 16.81
N ALA A 104 -3.11 8.30 16.89
CA ALA A 104 -4.28 8.41 17.74
C ALA A 104 -5.19 9.55 17.28
N LYS A 105 -6.46 9.48 17.65
CA LYS A 105 -7.43 10.50 17.28
C LYS A 105 -8.38 10.80 18.43
N ASN A 106 -8.81 9.74 19.12
CA ASN A 106 -9.73 9.88 20.25
C ASN A 106 -9.48 8.81 21.29
N THR A 107 -9.91 9.07 22.52
CA THR A 107 -9.72 8.12 23.61
C THR A 107 -8.24 7.95 23.95
N PRO A 108 -7.93 7.92 25.25
CA PRO A 108 -8.93 8.06 26.31
C PRO A 108 -9.51 9.47 26.37
N LYS A 109 -10.80 9.57 26.69
CA LYS A 109 -11.47 10.85 26.79
C LYS A 109 -11.57 11.52 25.43
N VAL A 110 -12.65 12.26 25.20
CA VAL A 110 -12.86 12.96 23.94
C VAL A 110 -12.42 14.41 24.02
N THR A 111 -11.73 14.88 22.99
CA THR A 111 -11.25 16.26 22.96
C THR A 111 -12.40 17.25 23.08
N MET A 112 -13.53 16.90 22.48
CA MET A 112 -14.71 17.76 22.53
C MET A 112 -14.41 19.13 21.93
N ARG A 113 -13.70 19.14 20.80
CA ARG A 113 -13.35 20.39 20.13
C ARG A 113 -12.57 20.10 18.85
N ARG A 114 -11.24 20.14 18.95
CA ARG A 114 -10.38 19.89 17.81
C ARG A 114 -9.46 18.70 18.06
N ARG A 115 -8.47 18.53 17.19
CA ARG A 115 -7.52 17.43 17.32
C ARG A 115 -6.33 17.63 16.39
N PHE A 116 -5.14 17.35 16.89
CA PHE A 116 -3.91 17.50 16.10
C PHE A 116 -2.76 16.74 16.74
N SER A 117 -1.55 16.98 16.25
CA SER A 117 -0.36 16.31 16.76
C SER A 117 -0.31 16.39 18.28
N ASP A 118 -0.69 15.30 18.93
CA ASP A 118 -0.70 15.25 20.39
C ASP A 118 0.65 15.72 20.95
N ASP A 119 1.72 15.43 20.23
CA ASP A 119 3.05 15.83 20.66
C ASP A 119 3.17 17.34 20.71
N ASP A 120 2.61 18.02 19.71
CA ASP A 120 2.66 19.47 19.64
C ASP A 120 1.60 20.09 20.54
N ASP A 121 0.46 19.41 20.66
CA ASP A 121 -0.63 19.90 21.51
C ASP A 121 -0.74 19.08 22.78
N ASP A 122 0.41 18.71 23.35
CA ASP A 122 0.43 17.92 24.58
C ASP A 122 0.14 18.79 25.79
N PHE A 123 -1.02 19.45 25.78
CA PHE A 123 -1.42 20.31 26.88
C PHE A 123 -2.95 20.39 26.98
N SER A 1 -16.17 -16.71 -14.99
CA SER A 1 -15.49 -16.34 -16.22
C SER A 1 -15.77 -17.36 -17.33
N MET A 2 -16.96 -17.26 -17.91
CA MET A 2 -17.36 -18.17 -18.99
C MET A 2 -18.16 -17.42 -20.06
N GLN A 3 -17.49 -17.05 -21.14
CA GLN A 3 -18.15 -16.34 -22.24
C GLN A 3 -18.64 -14.97 -21.78
N PRO A 4 -18.77 -14.04 -22.73
CA PRO A 4 -18.48 -14.30 -24.14
C PRO A 4 -16.99 -14.48 -24.39
N GLU A 5 -16.65 -14.80 -25.63
CA GLU A 5 -15.24 -15.00 -26.01
C GLU A 5 -14.67 -13.74 -26.63
N GLU A 6 -15.25 -12.59 -26.28
CA GLU A 6 -14.78 -11.31 -26.81
C GLU A 6 -13.35 -11.04 -26.36
N PHE A 7 -13.02 -11.44 -25.14
CA PHE A 7 -11.68 -11.23 -24.61
C PHE A 7 -10.79 -12.43 -24.88
N ALA A 8 -11.03 -13.09 -26.01
CA ALA A 8 -10.24 -14.26 -26.40
C ALA A 8 -8.79 -13.87 -26.71
N ALA A 9 -8.00 -14.85 -27.12
CA ALA A 9 -6.60 -14.62 -27.45
C ALA A 9 -5.81 -14.20 -26.22
N ALA A 10 -5.31 -15.18 -25.48
CA ALA A 10 -4.54 -14.91 -24.27
C ALA A 10 -5.40 -14.30 -23.18
N ALA A 11 -5.95 -15.14 -22.31
CA ALA A 11 -6.80 -14.69 -21.23
C ALA A 11 -5.97 -14.03 -20.12
N ARG A 12 -4.75 -14.52 -19.93
CA ARG A 12 -3.86 -13.98 -18.91
C ARG A 12 -4.44 -14.20 -17.52
N GLY A 13 -4.55 -15.46 -17.11
CA GLY A 13 -5.09 -15.78 -15.80
C GLY A 13 -5.47 -17.24 -15.68
N GLY A 14 -4.46 -18.11 -15.56
CA GLY A 14 -4.72 -19.53 -15.43
C GLY A 14 -3.55 -20.37 -15.89
N PHE A 15 -2.93 -19.97 -16.99
CA PHE A 15 -1.79 -20.70 -17.54
C PHE A 15 -2.21 -22.09 -18.02
N GLY A 16 -3.53 -22.31 -18.08
CA GLY A 16 -4.04 -23.60 -18.51
C GLY A 16 -3.34 -24.76 -17.84
N GLY A 17 -2.82 -24.51 -16.63
CA GLY A 17 -2.13 -25.56 -15.89
C GLY A 17 -0.68 -25.70 -16.31
N ASP A 18 -0.41 -25.43 -17.58
CA ASP A 18 0.95 -25.54 -18.10
C ASP A 18 1.84 -24.43 -17.54
N ALA A 19 2.68 -24.77 -16.59
CA ALA A 19 3.58 -23.81 -15.97
C ALA A 19 4.28 -22.96 -17.03
N GLU A 20 4.58 -23.57 -18.17
CA GLU A 20 5.26 -22.87 -19.25
C GLU A 20 4.60 -21.52 -19.53
N LYS A 21 3.27 -21.53 -19.65
CA LYS A 21 2.52 -20.30 -19.90
C LYS A 21 2.91 -19.21 -18.91
N ALA A 22 2.75 -19.50 -17.62
CA ALA A 22 3.09 -18.54 -16.57
C ALA A 22 4.49 -17.99 -16.77
N LYS A 23 5.41 -18.85 -17.17
CA LYS A 23 6.79 -18.45 -17.40
C LYS A 23 6.88 -17.41 -18.52
N ALA A 24 6.49 -17.81 -19.72
CA ALA A 24 6.52 -16.92 -20.87
C ALA A 24 5.69 -15.66 -20.61
N ALA A 25 4.43 -15.85 -20.24
CA ALA A 25 3.54 -14.73 -19.96
C ALA A 25 4.19 -13.74 -19.00
N GLU A 26 4.58 -14.23 -17.82
CA GLU A 26 5.21 -13.39 -16.82
C GLU A 26 6.52 -12.79 -17.34
N ALA A 27 7.23 -13.57 -18.15
CA ALA A 27 8.49 -13.12 -18.73
C ALA A 27 8.32 -11.78 -19.43
N GLN A 28 7.37 -11.73 -20.36
CA GLN A 28 7.11 -10.51 -21.12
C GLN A 28 7.08 -9.29 -20.19
N GLU A 29 6.37 -9.42 -19.08
CA GLU A 29 6.25 -8.34 -18.11
C GLU A 29 7.54 -8.20 -17.30
N ALA A 30 8.16 -9.33 -16.99
CA ALA A 30 9.40 -9.33 -16.21
C ALA A 30 10.42 -8.37 -16.81
N MET A 31 10.36 -8.18 -18.13
CA MET A 31 11.29 -7.29 -18.82
C MET A 31 11.33 -5.93 -18.14
N ARG A 32 10.17 -5.28 -18.07
CA ARG A 32 10.08 -3.96 -17.44
C ARG A 32 10.83 -3.93 -16.11
N GLN A 33 10.73 -5.03 -15.35
CA GLN A 33 11.40 -5.13 -14.07
C GLN A 33 12.88 -4.80 -14.20
N GLN A 34 13.64 -5.70 -14.81
CA GLN A 34 15.07 -5.50 -14.98
C GLN A 34 15.64 -4.60 -13.89
N MET A 35 15.72 -5.13 -12.67
CA MET A 35 16.24 -4.38 -11.55
C MET A 35 16.28 -5.24 -10.29
N GLU A 36 16.70 -4.65 -9.18
CA GLU A 36 16.79 -5.36 -7.91
C GLU A 36 15.45 -5.34 -7.18
N GLU A 37 15.01 -6.51 -6.73
CA GLU A 37 13.75 -6.61 -6.01
C GLU A 37 13.79 -7.77 -5.00
N GLN A 38 13.67 -8.99 -5.49
CA GLN A 38 13.70 -10.17 -4.63
C GLN A 38 14.90 -10.12 -3.69
N ARG A 39 15.90 -9.34 -4.06
CA ARG A 39 17.11 -9.22 -3.24
C ARG A 39 17.05 -7.97 -2.37
N ARG A 40 17.01 -6.80 -3.02
CA ARG A 40 16.95 -5.54 -2.30
C ARG A 40 15.59 -5.34 -1.64
N ILE A 41 14.54 -5.34 -2.45
CA ILE A 41 13.18 -5.16 -1.95
C ILE A 41 12.90 -6.11 -0.79
N MET A 42 13.45 -7.32 -0.88
CA MET A 42 13.27 -8.32 0.16
C MET A 42 14.13 -8.00 1.39
N LEU A 43 15.38 -7.61 1.13
CA LEU A 43 16.30 -7.27 2.21
C LEU A 43 15.77 -6.11 3.04
N ARG A 44 15.08 -5.18 2.39
CA ARG A 44 14.52 -4.02 3.08
C ARG A 44 13.24 -4.40 3.81
N ALA A 45 12.43 -5.24 3.18
CA ALA A 45 11.17 -5.68 3.77
C ALA A 45 11.35 -6.02 5.25
N VAL A 46 12.52 -6.55 5.59
CA VAL A 46 12.82 -6.92 6.97
C VAL A 46 12.35 -5.85 7.94
N LEU A 47 13.08 -4.74 7.97
CA LEU A 47 12.74 -3.62 8.87
C LEU A 47 11.45 -2.97 8.44
N THR A 48 10.96 -2.03 9.27
CA THR A 48 9.72 -1.33 8.97
C THR A 48 9.33 -0.40 10.12
N PRO A 49 8.73 0.75 9.78
CA PRO A 49 8.29 1.74 10.77
C PRO A 49 7.11 1.25 11.60
N ALA A 50 6.47 2.17 12.30
CA ALA A 50 5.32 1.84 13.13
C ALA A 50 4.09 2.67 12.75
N ALA A 51 4.02 3.04 11.48
CA ALA A 51 2.90 3.84 10.99
C ALA A 51 1.61 3.04 10.98
N GLN A 52 1.72 1.73 10.73
CA GLN A 52 0.56 0.86 10.69
C GLN A 52 -0.28 1.01 11.95
N GLU A 53 0.37 1.36 13.06
CA GLU A 53 -0.32 1.55 14.33
C GLU A 53 -1.48 2.52 14.17
N ARG A 54 -1.17 3.81 14.07
CA ARG A 54 -2.19 4.84 13.92
C ARG A 54 -3.04 4.58 12.68
N LEU A 55 -2.42 4.06 11.65
CA LEU A 55 -3.11 3.76 10.40
C LEU A 55 -4.29 2.83 10.64
N HIS A 56 -4.02 1.68 11.24
CA HIS A 56 -5.05 0.69 11.53
C HIS A 56 -6.05 1.24 12.55
N ARG A 57 -5.57 2.14 13.41
CA ARG A 57 -6.42 2.75 14.43
C ARG A 57 -7.44 3.68 13.80
N ILE A 58 -6.97 4.57 12.94
CA ILE A 58 -7.85 5.52 12.27
C ILE A 58 -8.61 4.87 11.12
N GLN A 59 -7.88 4.19 10.24
CA GLN A 59 -8.49 3.52 9.11
C GLN A 59 -9.49 2.46 9.58
N LEU A 60 -9.37 2.05 10.84
CA LEU A 60 -10.27 1.06 11.40
C LEU A 60 -11.73 1.39 11.09
N VAL A 61 -12.09 2.65 11.30
CA VAL A 61 -13.46 3.11 11.04
C VAL A 61 -13.53 3.90 9.75
N LYS A 62 -12.51 4.72 9.50
CA LYS A 62 -12.47 5.54 8.29
C LYS A 62 -11.98 4.72 7.10
N ALA A 63 -12.81 3.80 6.64
CA ALA A 63 -12.47 2.96 5.50
C ALA A 63 -12.34 3.79 4.23
N ASP A 64 -13.41 4.48 3.86
CA ASP A 64 -13.41 5.30 2.66
C ASP A 64 -12.26 6.30 2.68
N LYS A 65 -11.96 6.82 3.86
CA LYS A 65 -10.87 7.78 4.02
C LYS A 65 -9.52 7.08 4.11
N ALA A 66 -9.56 5.78 4.39
CA ALA A 66 -8.34 4.99 4.50
C ALA A 66 -7.80 4.61 3.13
N ARG A 67 -8.71 4.37 2.19
CA ARG A 67 -8.33 3.99 0.83
C ARG A 67 -7.53 5.11 0.17
N GLU A 68 -7.88 6.36 0.49
CA GLU A 68 -7.19 7.51 -0.07
C GLU A 68 -5.89 7.80 0.68
N VAL A 69 -5.85 7.38 1.94
CA VAL A 69 -4.67 7.60 2.77
C VAL A 69 -3.62 6.51 2.54
N GLU A 70 -4.10 5.33 2.13
CA GLU A 70 -3.20 4.21 1.86
C GLU A 70 -2.47 4.39 0.54
N ALA A 71 -3.08 5.16 -0.37
CA ALA A 71 -2.48 5.41 -1.67
C ALA A 71 -1.06 5.95 -1.53
N LEU A 72 -0.83 6.72 -0.47
CA LEU A 72 0.48 7.30 -0.22
C LEU A 72 1.44 6.26 0.34
N ILE A 73 1.07 5.66 1.46
CA ILE A 73 1.89 4.64 2.11
C ILE A 73 2.10 3.44 1.18
N LEU A 74 1.26 3.34 0.15
CA LEU A 74 1.35 2.24 -0.80
C LEU A 74 2.39 2.53 -1.87
N GLN A 75 3.40 3.31 -1.51
CA GLN A 75 4.47 3.67 -2.44
C GLN A 75 5.74 2.88 -2.14
N ASN A 76 5.96 2.57 -0.86
CA ASN A 76 7.13 1.82 -0.44
C ASN A 76 6.77 0.78 0.61
N ALA A 77 5.89 1.16 1.54
CA ALA A 77 5.45 0.25 2.59
C ALA A 77 4.77 -0.97 2.02
N GLN A 78 4.28 -0.85 0.79
CA GLN A 78 3.59 -1.95 0.13
C GLN A 78 4.36 -2.40 -1.12
N ARG A 79 5.14 -1.49 -1.69
CA ARG A 79 5.93 -1.79 -2.87
C ARG A 79 7.04 -2.79 -2.55
N GLY A 80 7.46 -2.81 -1.29
CA GLY A 80 8.51 -3.71 -0.86
C GLY A 80 9.64 -3.00 -0.15
N ARG A 81 9.29 -2.05 0.71
CA ARG A 81 10.27 -1.28 1.45
C ARG A 81 11.36 -0.75 0.52
N LEU A 82 11.07 0.38 -0.13
CA LEU A 82 12.03 0.99 -1.06
C LEU A 82 12.41 2.39 -0.59
N ALA A 83 13.39 2.47 0.31
CA ALA A 83 13.85 3.75 0.83
C ALA A 83 14.57 4.55 -0.25
N ASP A 84 14.84 3.90 -1.38
CA ASP A 84 15.53 4.55 -2.48
C ASP A 84 14.54 5.13 -3.48
N LYS A 85 13.42 4.45 -3.66
CA LYS A 85 12.38 4.88 -4.58
C LYS A 85 11.29 5.65 -3.84
N VAL A 86 11.68 6.38 -2.80
CA VAL A 86 10.73 7.16 -2.02
C VAL A 86 9.86 8.03 -2.92
N ASP A 87 8.62 8.28 -2.48
CA ASP A 87 7.69 9.10 -3.25
C ASP A 87 7.71 10.53 -2.76
N GLU A 88 6.68 11.30 -3.14
CA GLU A 88 6.58 12.69 -2.74
C GLU A 88 5.38 12.91 -1.82
N ALA A 89 4.51 11.92 -1.73
CA ALA A 89 3.33 12.00 -0.89
C ALA A 89 3.69 11.79 0.58
N THR A 90 4.98 11.59 0.84
CA THR A 90 5.45 11.37 2.21
C THR A 90 4.95 12.47 3.14
N LEU A 91 4.71 13.65 2.59
CA LEU A 91 4.23 14.78 3.37
C LEU A 91 2.81 15.17 2.96
N ILE A 92 2.39 14.67 1.79
CA ILE A 92 1.06 14.97 1.28
C ILE A 92 -0.02 14.42 2.21
N GLU A 93 0.25 13.25 2.80
CA GLU A 93 -0.70 12.62 3.71
C GLU A 93 -0.55 13.18 5.12
N LEU A 94 0.68 13.42 5.53
CA LEU A 94 0.96 13.96 6.86
C LEU A 94 0.27 15.30 7.05
N LEU A 95 0.02 16.00 5.95
CA LEU A 95 -0.64 17.30 6.00
C LEU A 95 -2.16 17.15 5.85
N GLN A 96 -2.58 16.11 5.16
CA GLN A 96 -3.99 15.85 4.94
C GLN A 96 -4.67 15.39 6.23
N GLN A 97 -3.91 14.67 7.06
CA GLN A 97 -4.43 14.16 8.32
C GLN A 97 -4.57 15.29 9.34
N THR A 98 -3.59 16.17 9.38
CA THR A 98 -3.60 17.29 10.32
C THR A 98 -3.56 18.63 9.57
N SER A 99 -4.45 18.77 8.60
CA SER A 99 -4.52 20.00 7.81
C SER A 99 -5.09 21.15 8.63
N ALA A 100 -5.57 20.82 9.84
CA ALA A 100 -6.14 21.83 10.72
C ALA A 100 -5.21 22.11 11.89
N ALA A 101 -4.92 21.08 12.69
CA ALA A 101 -4.06 21.23 13.84
C ALA A 101 -3.50 19.87 14.29
N SER A 102 -4.35 18.85 14.21
CA SER A 102 -3.94 17.50 14.62
C SER A 102 -5.08 16.51 14.38
N ALA A 103 -6.31 16.98 14.51
CA ALA A 103 -7.48 16.13 14.31
C ALA A 103 -7.65 15.15 15.47
N ALA A 104 -8.90 14.96 15.90
CA ALA A 104 -9.19 14.05 17.00
C ALA A 104 -8.61 14.56 18.32
N LYS A 105 -9.38 14.43 19.39
CA LYS A 105 -8.94 14.88 20.71
C LYS A 105 -9.35 13.87 21.78
N ASN A 106 -10.64 13.89 22.13
CA ASN A 106 -11.16 12.98 23.14
C ASN A 106 -12.63 13.28 23.44
N THR A 107 -13.51 12.43 22.93
CA THR A 107 -14.95 12.59 23.13
C THR A 107 -15.41 13.97 22.64
N PRO A 108 -16.72 14.08 22.38
CA PRO A 108 -17.67 12.97 22.55
C PRO A 108 -17.46 11.88 21.51
N LYS A 109 -17.39 10.63 21.99
CA LYS A 109 -17.19 9.49 21.10
C LYS A 109 -16.20 9.82 19.99
N VAL A 110 -15.09 10.44 20.37
CA VAL A 110 -14.06 10.81 19.41
C VAL A 110 -12.81 9.96 19.60
N THR A 111 -12.56 9.55 20.84
CA THR A 111 -11.38 8.73 21.15
C THR A 111 -11.30 7.52 20.22
N MET A 112 -12.46 6.99 19.83
CA MET A 112 -12.52 5.84 18.95
C MET A 112 -11.76 4.65 19.54
N ARG A 113 -11.97 4.42 20.84
CA ARG A 113 -11.31 3.32 21.54
C ARG A 113 -9.80 3.50 21.53
N ARG A 114 -9.25 3.91 22.67
CA ARG A 114 -7.81 4.13 22.80
C ARG A 114 -7.34 5.19 21.80
N ARG A 115 -6.02 5.25 21.61
CA ARG A 115 -5.43 6.22 20.69
C ARG A 115 -5.80 7.64 21.08
N PHE A 116 -5.16 8.61 20.43
CA PHE A 116 -5.42 10.02 20.72
C PHE A 116 -4.72 10.92 19.71
N SER A 117 -4.58 12.20 20.05
CA SER A 117 -3.93 13.16 19.18
C SER A 117 -2.63 12.60 18.62
N ASP A 118 -2.65 12.19 17.36
CA ASP A 118 -1.48 11.64 16.70
C ASP A 118 -0.32 12.62 16.75
N ASP A 119 -0.64 13.91 16.73
CA ASP A 119 0.38 14.95 16.76
C ASP A 119 1.29 14.78 17.97
N ASP A 120 0.72 14.31 19.07
CA ASP A 120 1.48 14.10 20.30
C ASP A 120 2.23 12.77 20.25
N ASP A 121 1.62 11.78 19.63
CA ASP A 121 2.23 10.46 19.51
C ASP A 121 2.82 10.26 18.12
N ASP A 122 3.37 11.32 17.56
CA ASP A 122 3.96 11.26 16.23
C ASP A 122 5.38 10.68 16.29
N PHE A 123 5.49 9.48 16.83
CA PHE A 123 6.79 8.82 16.95
C PHE A 123 6.62 7.30 16.90
N SER A 1 -0.75 -35.33 -27.05
CA SER A 1 -1.77 -36.12 -27.74
C SER A 1 -3.07 -36.15 -26.93
N MET A 2 -3.54 -34.98 -26.55
CA MET A 2 -4.77 -34.86 -25.76
C MET A 2 -5.59 -33.66 -26.21
N GLN A 3 -6.65 -33.91 -26.96
CA GLN A 3 -7.52 -32.85 -27.45
C GLN A 3 -7.99 -31.96 -26.29
N PRO A 4 -8.33 -30.70 -26.62
CA PRO A 4 -8.26 -30.19 -27.99
C PRO A 4 -6.83 -30.03 -28.48
N GLU A 5 -5.88 -30.22 -27.57
CA GLU A 5 -4.47 -30.09 -27.91
C GLU A 5 -3.93 -31.39 -28.50
N GLU A 6 -4.80 -32.11 -29.22
CA GLU A 6 -4.41 -33.37 -29.83
C GLU A 6 -3.33 -33.15 -30.89
N PHE A 7 -3.44 -32.06 -31.64
CA PHE A 7 -2.48 -31.73 -32.69
C PHE A 7 -1.65 -30.52 -32.29
N ALA A 8 -1.38 -30.39 -31.01
CA ALA A 8 -0.59 -29.26 -30.50
C ALA A 8 -1.14 -27.93 -31.01
N ALA A 9 -0.36 -26.86 -30.83
CA ALA A 9 -0.78 -25.54 -31.27
C ALA A 9 -0.01 -25.11 -32.52
N ALA A 10 1.20 -24.63 -32.33
CA ALA A 10 2.04 -24.19 -33.44
C ALA A 10 1.28 -23.24 -34.35
N ALA A 11 0.63 -22.24 -33.76
CA ALA A 11 -0.14 -21.27 -34.52
C ALA A 11 0.59 -19.92 -34.58
N ARG A 12 1.22 -19.54 -33.46
CA ARG A 12 1.95 -18.29 -33.38
C ARG A 12 1.00 -17.10 -33.54
N GLY A 13 0.15 -16.89 -32.54
CA GLY A 13 -0.79 -15.78 -32.58
C GLY A 13 -1.68 -15.74 -31.35
N GLY A 14 -1.96 -16.90 -30.78
CA GLY A 14 -2.81 -16.96 -29.60
C GLY A 14 -2.23 -17.84 -28.52
N PHE A 15 -0.91 -17.75 -28.32
CA PHE A 15 -0.24 -18.55 -27.31
C PHE A 15 -0.19 -20.02 -27.71
N GLY A 16 -1.36 -20.64 -27.78
CA GLY A 16 -1.44 -22.04 -28.14
C GLY A 16 -1.04 -22.96 -27.01
N GLY A 17 -1.33 -22.56 -25.78
CA GLY A 17 -0.98 -23.36 -24.63
C GLY A 17 0.41 -23.06 -24.11
N ASP A 18 1.34 -22.81 -25.01
CA ASP A 18 2.72 -22.51 -24.63
C ASP A 18 2.77 -21.26 -23.76
N ALA A 19 2.87 -21.47 -22.44
CA ALA A 19 2.93 -20.36 -21.50
C ALA A 19 4.00 -19.36 -21.90
N GLU A 20 5.06 -19.84 -22.54
CA GLU A 20 6.15 -18.99 -22.97
C GLU A 20 5.62 -17.76 -23.72
N LYS A 21 4.73 -18.01 -24.68
CA LYS A 21 4.14 -16.94 -25.48
C LYS A 21 3.50 -15.89 -24.58
N ALA A 22 2.55 -16.34 -23.75
CA ALA A 22 1.85 -15.44 -22.84
C ALA A 22 2.83 -14.61 -22.02
N LYS A 23 4.02 -15.17 -21.78
CA LYS A 23 5.05 -14.49 -21.02
C LYS A 23 5.64 -13.32 -21.81
N ALA A 24 6.29 -13.63 -22.92
CA ALA A 24 6.89 -12.61 -23.77
C ALA A 24 5.83 -11.65 -24.31
N ALA A 25 4.78 -12.21 -24.90
CA ALA A 25 3.71 -11.40 -25.45
C ALA A 25 3.25 -10.33 -24.46
N GLU A 26 2.88 -10.76 -23.27
CA GLU A 26 2.42 -9.85 -22.22
C GLU A 26 3.55 -8.91 -21.80
N ALA A 27 4.79 -9.37 -21.96
CA ALA A 27 5.96 -8.57 -21.59
C ALA A 27 6.06 -7.32 -22.46
N GLN A 28 5.81 -7.48 -23.76
CA GLN A 28 5.88 -6.38 -24.71
C GLN A 28 5.00 -5.22 -24.24
N GLU A 29 3.85 -5.55 -23.66
CA GLU A 29 2.92 -4.53 -23.18
C GLU A 29 3.32 -4.05 -21.79
N ALA A 30 3.56 -5.00 -20.89
CA ALA A 30 3.95 -4.68 -19.52
C ALA A 30 5.24 -3.86 -19.49
N MET A 31 5.98 -3.90 -20.60
CA MET A 31 7.23 -3.17 -20.69
C MET A 31 7.04 -1.70 -20.36
N ARG A 32 5.80 -1.23 -20.48
CA ARG A 32 5.46 0.16 -20.19
C ARG A 32 6.15 0.63 -18.91
N GLN A 33 6.04 -0.19 -17.86
CA GLN A 33 6.64 0.14 -16.57
C GLN A 33 8.16 -0.01 -16.63
N GLN A 34 8.61 -1.04 -17.35
CA GLN A 34 10.04 -1.29 -17.48
C GLN A 34 10.78 -0.97 -16.19
N MET A 35 10.81 -1.93 -15.27
CA MET A 35 11.48 -1.74 -13.99
C MET A 35 11.34 -2.99 -13.12
N GLU A 36 11.85 -2.91 -11.90
CA GLU A 36 11.79 -4.03 -10.97
C GLU A 36 10.62 -3.88 -10.01
N GLU A 37 9.82 -4.94 -9.87
CA GLU A 37 8.66 -4.91 -8.99
C GLU A 37 8.62 -6.16 -8.11
N GLN A 38 8.21 -7.28 -8.70
CA GLN A 38 8.13 -8.54 -7.97
C GLN A 38 9.42 -8.82 -7.23
N ARG A 39 10.50 -8.20 -7.68
CA ARG A 39 11.82 -8.38 -7.07
C ARG A 39 12.14 -7.24 -6.10
N ARG A 40 12.23 -6.03 -6.64
CA ARG A 40 12.54 -4.86 -5.84
C ARG A 40 11.37 -4.50 -4.94
N ILE A 41 10.21 -4.24 -5.53
CA ILE A 41 9.02 -3.88 -4.79
C ILE A 41 8.75 -4.90 -3.68
N MET A 42 9.02 -6.17 -3.97
CA MET A 42 8.81 -7.24 -2.99
C MET A 42 9.92 -7.25 -1.95
N LEU A 43 11.16 -7.10 -2.41
CA LEU A 43 12.30 -7.09 -1.50
C LEU A 43 12.26 -5.89 -0.57
N ARG A 44 11.64 -4.80 -1.04
CA ARG A 44 11.52 -3.60 -0.24
C ARG A 44 10.44 -3.74 0.83
N ALA A 45 9.30 -4.31 0.42
CA ALA A 45 8.19 -4.50 1.35
C ALA A 45 8.66 -5.17 2.64
N VAL A 46 9.72 -5.97 2.52
CA VAL A 46 10.27 -6.68 3.68
C VAL A 46 10.30 -5.77 4.91
N LEU A 47 11.25 -4.84 4.92
CA LEU A 47 11.40 -3.91 6.04
C LEU A 47 10.09 -3.20 6.33
N THR A 48 9.82 -2.95 7.61
CA THR A 48 8.60 -2.28 8.02
C THR A 48 8.46 -2.26 9.54
N PRO A 49 7.91 -1.16 10.06
CA PRO A 49 7.72 -0.99 11.51
C PRO A 49 6.64 -1.91 12.06
N ALA A 50 6.18 -1.64 13.28
CA ALA A 50 5.15 -2.45 13.91
C ALA A 50 3.83 -1.68 13.99
N ALA A 51 3.73 -0.59 13.25
CA ALA A 51 2.53 0.23 13.22
C ALA A 51 1.31 -0.61 12.82
N GLN A 52 1.54 -1.63 12.01
CA GLN A 52 0.47 -2.49 11.56
C GLN A 52 -0.40 -2.95 12.73
N GLU A 53 0.21 -3.08 13.90
CA GLU A 53 -0.51 -3.51 15.10
C GLU A 53 -1.67 -2.57 15.40
N ARG A 54 -1.35 -1.39 15.92
CA ARG A 54 -2.37 -0.40 16.25
C ARG A 54 -3.27 -0.11 15.04
N LEU A 55 -2.67 -0.14 13.86
CA LEU A 55 -3.42 0.11 12.62
C LEU A 55 -4.49 -0.95 12.40
N HIS A 56 -4.12 -2.22 12.64
CA HIS A 56 -5.05 -3.32 12.47
C HIS A 56 -6.17 -3.26 13.49
N ARG A 57 -5.83 -2.81 14.70
CA ARG A 57 -6.82 -2.70 15.77
C ARG A 57 -7.74 -1.50 15.55
N ILE A 58 -7.15 -0.31 15.49
CA ILE A 58 -7.91 0.90 15.28
C ILE A 58 -8.83 0.79 14.07
N GLN A 59 -8.35 0.07 13.05
CA GLN A 59 -9.12 -0.12 11.83
C GLN A 59 -10.16 -1.22 12.01
N LEU A 60 -9.92 -2.12 12.96
CA LEU A 60 -10.83 -3.21 13.24
C LEU A 60 -12.20 -2.69 13.66
N VAL A 61 -12.21 -1.51 14.30
CA VAL A 61 -13.45 -0.90 14.76
C VAL A 61 -13.86 0.24 13.84
N LYS A 62 -12.88 1.05 13.43
CA LYS A 62 -13.14 2.19 12.55
C LYS A 62 -12.92 1.80 11.10
N ALA A 63 -13.78 0.94 10.57
CA ALA A 63 -13.68 0.50 9.19
C ALA A 63 -13.95 1.64 8.23
N ASP A 64 -15.13 2.25 8.36
CA ASP A 64 -15.50 3.37 7.49
C ASP A 64 -14.45 4.48 7.54
N LYS A 65 -13.89 4.69 8.73
CA LYS A 65 -12.86 5.72 8.91
C LYS A 65 -11.49 5.21 8.46
N ALA A 66 -11.36 3.89 8.35
CA ALA A 66 -10.11 3.28 7.92
C ALA A 66 -9.99 3.27 6.40
N ARG A 67 -11.12 3.14 5.72
CA ARG A 67 -11.14 3.11 4.26
C ARG A 67 -10.60 4.42 3.69
N GLU A 68 -10.89 5.52 4.38
CA GLU A 68 -10.44 6.84 3.95
C GLU A 68 -9.00 7.09 4.37
N VAL A 69 -8.57 6.42 5.43
CA VAL A 69 -7.21 6.57 5.93
C VAL A 69 -6.24 5.65 5.20
N GLU A 70 -6.77 4.55 4.67
CA GLU A 70 -5.95 3.59 3.93
C GLU A 70 -5.60 4.13 2.56
N ALA A 71 -6.44 5.01 2.03
CA ALA A 71 -6.21 5.59 0.72
C ALA A 71 -4.83 6.23 0.62
N LEU A 72 -4.49 7.03 1.63
CA LEU A 72 -3.19 7.70 1.66
C LEU A 72 -2.06 6.69 1.79
N ILE A 73 -2.25 5.69 2.66
CA ILE A 73 -1.25 4.66 2.86
C ILE A 73 -1.48 3.48 1.92
N LEU A 74 -2.06 3.75 0.76
CA LEU A 74 -2.34 2.71 -0.22
C LEU A 74 -1.49 2.90 -1.47
N GLN A 75 -0.38 3.62 -1.32
CA GLN A 75 0.52 3.87 -2.44
C GLN A 75 1.97 3.61 -2.05
N ASN A 76 2.17 2.94 -0.93
CA ASN A 76 3.51 2.64 -0.44
C ASN A 76 3.51 1.35 0.38
N ALA A 77 2.90 1.42 1.57
CA ALA A 77 2.82 0.27 2.45
C ALA A 77 2.11 -0.90 1.77
N GLN A 78 1.19 -0.58 0.87
CA GLN A 78 0.43 -1.60 0.16
C GLN A 78 1.03 -1.86 -1.21
N ARG A 79 1.68 -0.84 -1.77
CA ARG A 79 2.29 -0.96 -3.09
C ARG A 79 3.53 -1.87 -3.03
N GLY A 80 4.14 -1.95 -1.86
CA GLY A 80 5.32 -2.78 -1.70
C GLY A 80 6.55 -1.97 -1.31
N ARG A 81 6.36 -1.00 -0.43
CA ARG A 81 7.45 -0.16 0.02
C ARG A 81 8.23 0.41 -1.17
N LEU A 82 7.84 1.60 -1.60
CA LEU A 82 8.50 2.26 -2.73
C LEU A 82 9.20 3.54 -2.29
N ALA A 83 10.51 3.45 -2.09
CA ALA A 83 11.29 4.60 -1.67
C ALA A 83 11.35 5.66 -2.76
N ASP A 84 11.27 5.21 -4.01
CA ASP A 84 11.30 6.11 -5.15
C ASP A 84 9.95 6.79 -5.36
N LYS A 85 8.88 6.04 -5.15
CA LYS A 85 7.53 6.55 -5.31
C LYS A 85 6.85 6.75 -3.96
N VAL A 86 7.58 7.34 -3.03
CA VAL A 86 7.04 7.59 -1.69
C VAL A 86 5.97 8.67 -1.71
N ASP A 87 5.28 8.84 -0.59
CA ASP A 87 4.23 9.86 -0.48
C ASP A 87 4.36 10.63 0.83
N GLU A 88 3.86 11.87 0.82
CA GLU A 88 3.91 12.72 2.00
C GLU A 88 2.70 12.49 2.89
N ALA A 89 1.57 12.18 2.27
CA ALA A 89 0.33 11.95 3.00
C ALA A 89 0.44 10.70 3.88
N THR A 90 1.42 9.86 3.57
CA THR A 90 1.64 8.63 4.33
C THR A 90 1.77 8.93 5.82
N LEU A 91 2.38 10.06 6.15
CA LEU A 91 2.57 10.46 7.54
C LEU A 91 1.50 11.46 7.97
N ILE A 92 1.08 12.31 7.04
CA ILE A 92 0.07 13.31 7.33
C ILE A 92 -1.20 12.66 7.90
N GLU A 93 -1.51 11.48 7.40
CA GLU A 93 -2.70 10.75 7.88
C GLU A 93 -2.39 9.97 9.15
N LEU A 94 -1.19 9.41 9.22
CA LEU A 94 -0.78 8.63 10.39
C LEU A 94 -0.85 9.48 11.65
N LEU A 95 -0.77 10.80 11.48
CA LEU A 95 -0.83 11.72 12.60
C LEU A 95 -2.21 12.35 12.73
N GLN A 96 -2.97 12.32 11.64
CA GLN A 96 -4.31 12.88 11.63
C GLN A 96 -5.26 12.05 12.47
N GLN A 97 -4.89 10.78 12.70
CA GLN A 97 -5.71 9.89 13.49
C GLN A 97 -5.12 9.69 14.89
N THR A 98 -3.82 9.47 14.95
CA THR A 98 -3.13 9.27 16.23
C THR A 98 -1.73 8.71 16.02
N SER A 99 -0.76 9.61 15.89
CA SER A 99 0.63 9.20 15.68
C SER A 99 1.01 8.07 16.62
N ALA A 100 0.40 8.05 17.80
CA ALA A 100 0.68 7.03 18.80
C ALA A 100 -0.62 6.49 19.40
N ALA A 101 -1.24 7.30 20.25
CA ALA A 101 -2.49 6.90 20.89
C ALA A 101 -3.54 8.02 20.81
N SER A 102 -3.06 9.25 20.72
CA SER A 102 -3.95 10.41 20.64
C SER A 102 -3.16 11.69 20.48
N ALA A 103 -1.94 11.71 21.03
CA ALA A 103 -1.09 12.88 20.96
C ALA A 103 -1.53 13.96 21.94
N ALA A 104 -0.64 14.34 22.84
CA ALA A 104 -0.93 15.37 23.83
C ALA A 104 -1.95 14.86 24.85
N LYS A 105 -1.73 15.19 26.12
CA LYS A 105 -2.64 14.77 27.19
C LYS A 105 -2.86 15.90 28.18
N ASN A 106 -1.83 16.18 28.99
CA ASN A 106 -1.92 17.24 29.98
C ASN A 106 -0.61 17.36 30.76
N THR A 107 -0.63 18.15 31.83
CA THR A 107 0.55 18.34 32.66
C THR A 107 1.34 17.05 32.81
N PRO A 108 2.66 17.18 33.05
CA PRO A 108 3.31 18.49 33.14
C PRO A 108 3.37 19.20 31.80
N LYS A 109 3.01 18.50 30.74
CA LYS A 109 3.02 19.07 29.40
C LYS A 109 2.39 20.46 29.39
N VAL A 110 1.36 20.63 30.21
CA VAL A 110 0.66 21.92 30.29
C VAL A 110 -0.08 22.22 29.01
N THR A 111 -1.31 22.71 29.14
CA THR A 111 -2.14 23.05 27.98
C THR A 111 -1.31 23.77 26.92
N MET A 112 -0.40 24.63 27.36
CA MET A 112 0.46 25.38 26.45
C MET A 112 -0.39 26.24 25.50
N ARG A 113 -1.33 26.99 26.06
CA ARG A 113 -2.20 27.84 25.27
C ARG A 113 -3.15 27.01 24.42
N ARG A 114 -4.42 26.98 24.82
CA ARG A 114 -5.43 26.22 24.10
C ARG A 114 -5.21 24.73 24.24
N ARG A 115 -6.27 23.99 24.53
CA ARG A 115 -6.18 22.55 24.70
C ARG A 115 -7.57 21.91 24.71
N PHE A 116 -7.68 20.76 24.06
CA PHE A 116 -8.95 20.04 23.99
C PHE A 116 -8.74 18.55 23.78
N SER A 117 -9.82 17.83 23.50
CA SER A 117 -9.74 16.39 23.28
C SER A 117 -8.63 16.05 22.29
N ASP A 118 -7.54 15.48 22.81
CA ASP A 118 -6.41 15.11 21.97
C ASP A 118 -6.86 14.35 20.73
N ASP A 119 -7.87 13.50 20.91
CA ASP A 119 -8.41 12.71 19.81
C ASP A 119 -9.17 13.60 18.83
N ASP A 120 -10.01 14.47 19.35
CA ASP A 120 -10.79 15.39 18.53
C ASP A 120 -9.88 16.32 17.73
N ASP A 121 -8.86 16.84 18.40
CA ASP A 121 -7.92 17.75 17.75
C ASP A 121 -6.71 16.98 17.21
N ASP A 122 -6.97 15.81 16.64
CA ASP A 122 -5.91 14.98 16.09
C ASP A 122 -5.44 15.52 14.74
N PHE A 123 -4.97 16.77 14.75
CA PHE A 123 -4.50 17.41 13.52
C PHE A 123 -3.09 17.97 13.70
N SER A 1 -10.55 -12.21 -16.88
CA SER A 1 -9.53 -11.79 -15.92
C SER A 1 -8.31 -12.70 -16.00
N MET A 2 -7.75 -12.82 -17.20
CA MET A 2 -6.57 -13.66 -17.40
C MET A 2 -5.47 -12.88 -18.15
N GLN A 3 -4.58 -12.26 -17.40
CA GLN A 3 -3.49 -11.49 -18.00
C GLN A 3 -2.66 -12.36 -18.92
N PRO A 4 -1.92 -11.72 -19.84
CA PRO A 4 -1.92 -10.26 -19.96
C PRO A 4 -3.24 -9.72 -20.50
N GLU A 5 -3.34 -8.39 -20.55
CA GLU A 5 -4.56 -7.74 -21.04
C GLU A 5 -4.79 -8.05 -22.52
N GLU A 6 -6.04 -8.28 -22.88
CA GLU A 6 -6.39 -8.59 -24.27
C GLU A 6 -6.05 -7.42 -25.19
N PHE A 7 -6.22 -6.20 -24.68
CA PHE A 7 -5.94 -5.00 -25.45
C PHE A 7 -4.65 -4.34 -24.97
N ALA A 8 -3.69 -5.15 -24.54
CA ALA A 8 -2.41 -4.65 -24.06
C ALA A 8 -1.54 -4.18 -25.21
N ALA A 9 -0.27 -3.92 -24.92
CA ALA A 9 0.67 -3.46 -25.94
C ALA A 9 0.11 -2.26 -26.69
N ALA A 10 0.23 -1.08 -26.09
CA ALA A 10 -0.25 0.16 -26.70
C ALA A 10 0.29 0.32 -28.11
N ALA A 11 1.55 0.75 -28.20
CA ALA A 11 2.19 0.95 -29.50
C ALA A 11 2.97 -0.30 -29.92
N ARG A 12 2.62 -1.43 -29.32
CA ARG A 12 3.29 -2.69 -29.64
C ARG A 12 4.79 -2.60 -29.38
N GLY A 13 5.51 -3.68 -29.67
CA GLY A 13 6.94 -3.71 -29.46
C GLY A 13 7.33 -4.37 -28.16
N GLY A 14 6.47 -4.26 -27.15
CA GLY A 14 6.74 -4.86 -25.86
C GLY A 14 7.28 -3.86 -24.86
N PHE A 15 8.10 -2.93 -25.34
CA PHE A 15 8.69 -1.91 -24.48
C PHE A 15 9.04 -0.65 -25.27
N GLY A 16 10.11 -0.73 -26.05
CA GLY A 16 10.52 0.41 -26.86
C GLY A 16 11.33 1.41 -26.05
N GLY A 17 12.15 0.92 -25.13
CA GLY A 17 12.96 1.79 -24.31
C GLY A 17 12.48 1.85 -22.88
N ASP A 18 11.17 1.76 -22.68
CA ASP A 18 10.59 1.81 -21.34
C ASP A 18 10.80 0.48 -20.62
N ALA A 19 11.86 0.40 -19.83
CA ALA A 19 12.17 -0.81 -19.08
C ALA A 19 10.96 -1.30 -18.31
N GLU A 20 10.12 -0.37 -17.86
CA GLU A 20 8.93 -0.71 -17.11
C GLU A 20 8.07 -1.72 -17.87
N LYS A 21 7.78 -1.42 -19.13
CA LYS A 21 6.97 -2.31 -19.97
C LYS A 21 7.48 -3.74 -19.87
N ALA A 22 8.76 -3.93 -20.18
CA ALA A 22 9.37 -5.25 -20.14
C ALA A 22 9.15 -5.91 -18.78
N LYS A 23 9.09 -5.10 -17.73
CA LYS A 23 8.88 -5.60 -16.38
C LYS A 23 7.46 -6.13 -16.21
N ALA A 24 6.48 -5.24 -16.35
CA ALA A 24 5.09 -5.62 -16.21
C ALA A 24 4.69 -6.65 -17.27
N ALA A 25 4.90 -6.31 -18.54
CA ALA A 25 4.57 -7.20 -19.64
C ALA A 25 5.01 -8.62 -19.34
N GLU A 26 6.30 -8.80 -19.06
CA GLU A 26 6.86 -10.12 -18.76
C GLU A 26 6.27 -10.66 -17.46
N ALA A 27 5.92 -9.76 -16.55
CA ALA A 27 5.34 -10.15 -15.27
C ALA A 27 4.00 -10.86 -15.45
N GLN A 28 3.17 -10.32 -16.34
CA GLN A 28 1.86 -10.89 -16.61
C GLN A 28 1.97 -12.38 -16.90
N GLU A 29 2.96 -12.75 -17.69
CA GLU A 29 3.18 -14.16 -18.05
C GLU A 29 3.95 -14.88 -16.95
N ALA A 30 5.04 -14.26 -16.49
CA ALA A 30 5.86 -14.85 -15.44
C ALA A 30 5.02 -15.20 -14.21
N MET A 31 3.90 -14.50 -14.05
CA MET A 31 3.01 -14.74 -12.92
C MET A 31 2.71 -16.22 -12.76
N ARG A 32 2.79 -16.96 -13.87
CA ARG A 32 2.53 -18.39 -13.85
C ARG A 32 3.32 -19.08 -12.74
N GLN A 33 4.44 -18.48 -12.37
CA GLN A 33 5.29 -19.03 -11.32
C GLN A 33 4.46 -19.44 -10.10
N GLN A 34 3.52 -18.59 -9.72
CA GLN A 34 2.65 -18.87 -8.58
C GLN A 34 3.48 -19.30 -7.36
N MET A 35 4.74 -18.89 -7.34
CA MET A 35 5.63 -19.24 -6.24
C MET A 35 6.74 -18.20 -6.09
N GLU A 36 7.41 -18.21 -4.94
CA GLU A 36 8.49 -17.28 -4.68
C GLU A 36 7.97 -15.83 -4.64
N GLU A 37 8.06 -15.21 -3.48
CA GLU A 37 7.59 -13.84 -3.31
C GLU A 37 8.04 -13.27 -1.97
N GLN A 38 7.40 -13.71 -0.90
CA GLN A 38 7.73 -13.25 0.44
C GLN A 38 9.23 -13.32 0.68
N ARG A 39 9.92 -14.13 -0.11
CA ARG A 39 11.36 -14.29 0.02
C ARG A 39 12.10 -13.47 -1.03
N ARG A 40 11.92 -13.85 -2.29
CA ARG A 40 12.57 -13.14 -3.40
C ARG A 40 12.03 -11.72 -3.53
N ILE A 41 10.72 -11.60 -3.71
CA ILE A 41 10.08 -10.30 -3.85
C ILE A 41 10.43 -9.39 -2.69
N MET A 42 10.41 -9.94 -1.47
CA MET A 42 10.74 -9.18 -0.28
C MET A 42 12.21 -8.77 -0.28
N LEU A 43 13.05 -9.61 -0.86
CA LEU A 43 14.48 -9.34 -0.93
C LEU A 43 14.76 -8.13 -1.81
N ARG A 44 14.38 -8.23 -3.08
CA ARG A 44 14.59 -7.14 -4.03
C ARG A 44 13.81 -5.89 -3.62
N ALA A 45 12.70 -6.11 -2.92
CA ALA A 45 11.86 -5.00 -2.46
C ALA A 45 12.26 -4.57 -1.05
N VAL A 46 13.24 -5.25 -0.48
CA VAL A 46 13.71 -4.93 0.87
C VAL A 46 13.69 -3.43 1.11
N LEU A 47 14.07 -2.66 0.09
CA LEU A 47 14.11 -1.21 0.19
C LEU A 47 12.77 -0.68 0.72
N THR A 48 12.73 0.63 1.02
CA THR A 48 11.52 1.26 1.52
C THR A 48 11.66 2.77 1.55
N PRO A 49 10.54 3.48 1.34
CA PRO A 49 10.52 4.94 1.34
C PRO A 49 10.75 5.54 2.73
N ALA A 50 10.99 4.66 3.70
CA ALA A 50 11.23 5.10 5.06
C ALA A 50 9.93 5.51 5.76
N ALA A 51 8.81 5.03 5.22
CA ALA A 51 7.51 5.35 5.77
C ALA A 51 7.42 4.94 7.24
N GLN A 52 8.17 3.90 7.61
CA GLN A 52 8.17 3.41 8.97
C GLN A 52 8.38 4.55 9.97
N GLU A 53 9.15 5.55 9.55
CA GLU A 53 9.43 6.71 10.40
C GLU A 53 8.14 7.32 10.92
N ARG A 54 7.43 8.06 10.07
CA ARG A 54 6.18 8.69 10.47
C ARG A 54 5.21 7.67 11.04
N LEU A 55 5.28 6.44 10.53
CA LEU A 55 4.41 5.37 10.99
C LEU A 55 4.53 5.17 12.51
N HIS A 56 5.69 4.68 12.93
CA HIS A 56 5.95 4.44 14.34
C HIS A 56 5.75 5.72 15.15
N ARG A 57 5.86 6.86 14.48
CA ARG A 57 5.71 8.16 15.13
C ARG A 57 4.24 8.43 15.46
N ILE A 58 3.43 8.57 14.42
CA ILE A 58 2.00 8.83 14.59
C ILE A 58 1.31 7.64 15.24
N GLN A 59 1.69 6.44 14.82
CA GLN A 59 1.09 5.22 15.35
C GLN A 59 1.46 5.04 16.82
N LEU A 60 2.61 5.59 17.22
CA LEU A 60 3.07 5.48 18.59
C LEU A 60 1.96 5.80 19.57
N VAL A 61 1.28 6.93 19.34
CA VAL A 61 0.18 7.34 20.21
C VAL A 61 -1.13 6.71 19.78
N LYS A 62 -1.33 6.60 18.47
CA LYS A 62 -2.55 6.01 17.93
C LYS A 62 -2.31 4.55 17.53
N ALA A 63 -1.92 3.74 18.51
CA ALA A 63 -1.66 2.32 18.26
C ALA A 63 -2.95 1.59 17.88
N ASP A 64 -3.94 1.67 18.75
CA ASP A 64 -5.22 1.01 18.50
C ASP A 64 -5.78 1.40 17.13
N LYS A 65 -5.61 2.67 16.78
CA LYS A 65 -6.09 3.17 15.50
C LYS A 65 -5.10 2.86 14.38
N ALA A 66 -3.87 2.53 14.76
CA ALA A 66 -2.83 2.21 13.79
C ALA A 66 -2.95 0.76 13.34
N ARG A 67 -3.37 -0.11 14.24
CA ARG A 67 -3.51 -1.52 13.95
C ARG A 67 -4.56 -1.75 12.86
N GLU A 68 -5.60 -0.92 12.88
CA GLU A 68 -6.68 -1.02 11.90
C GLU A 68 -6.26 -0.38 10.57
N VAL A 69 -5.39 0.61 10.64
CA VAL A 69 -4.91 1.30 9.46
C VAL A 69 -3.84 0.48 8.74
N GLU A 70 -3.04 -0.25 9.51
CA GLU A 70 -1.97 -1.07 8.96
C GLU A 70 -2.54 -2.32 8.30
N ALA A 71 -3.67 -2.79 8.81
CA ALA A 71 -4.32 -3.98 8.27
C ALA A 71 -4.45 -3.89 6.75
N LEU A 72 -4.96 -2.75 6.28
CA LEU A 72 -5.15 -2.54 4.84
C LEU A 72 -3.81 -2.61 4.11
N ILE A 73 -2.80 -1.96 4.67
CA ILE A 73 -1.48 -1.96 4.06
C ILE A 73 -0.61 -3.09 4.61
N LEU A 74 -1.26 -4.16 5.06
CA LEU A 74 -0.55 -5.31 5.61
C LEU A 74 -0.48 -6.44 4.59
N GLN A 75 -0.70 -6.10 3.32
CA GLN A 75 -0.65 -7.09 2.25
C GLN A 75 0.41 -6.72 1.22
N ASN A 76 1.11 -5.61 1.46
CA ASN A 76 2.16 -5.15 0.56
C ASN A 76 3.34 -4.59 1.32
N ALA A 77 3.10 -3.51 2.08
CA ALA A 77 4.15 -2.88 2.86
C ALA A 77 4.70 -3.84 3.91
N GLN A 78 3.88 -4.78 4.34
CA GLN A 78 4.29 -5.77 5.34
C GLN A 78 4.60 -7.10 4.69
N ARG A 79 3.95 -7.37 3.56
CA ARG A 79 4.15 -8.62 2.83
C ARG A 79 5.56 -8.69 2.24
N GLY A 80 6.15 -7.52 1.98
CA GLY A 80 7.48 -7.47 1.42
C GLY A 80 7.57 -6.59 0.19
N ARG A 81 6.82 -5.49 0.20
CA ARG A 81 6.81 -4.56 -0.92
C ARG A 81 6.75 -5.32 -2.25
N LEU A 82 5.67 -6.05 -2.45
CA LEU A 82 5.50 -6.82 -3.68
C LEU A 82 5.70 -5.94 -4.91
N ALA A 83 5.06 -4.79 -4.91
CA ALA A 83 5.18 -3.85 -6.03
C ALA A 83 4.30 -4.28 -7.20
N ASP A 84 4.25 -5.57 -7.46
CA ASP A 84 3.45 -6.10 -8.55
C ASP A 84 2.02 -6.41 -8.08
N LYS A 85 1.91 -6.96 -6.88
CA LYS A 85 0.61 -7.30 -6.32
C LYS A 85 0.27 -6.38 -5.15
N VAL A 86 0.68 -5.12 -5.26
CA VAL A 86 0.42 -4.13 -4.21
C VAL A 86 -1.07 -4.01 -3.94
N ASP A 87 -1.43 -3.12 -3.02
CA ASP A 87 -2.83 -2.90 -2.67
C ASP A 87 -3.30 -1.54 -3.16
N GLU A 88 -4.46 -1.10 -2.65
CA GLU A 88 -5.03 0.18 -3.05
C GLU A 88 -5.16 1.11 -1.84
N ALA A 89 -4.97 0.55 -0.65
CA ALA A 89 -5.06 1.32 0.58
C ALA A 89 -3.78 2.11 0.84
N THR A 90 -2.84 2.01 -0.09
CA THR A 90 -1.57 2.71 0.04
C THR A 90 -1.79 4.21 0.24
N LEU A 91 -2.91 4.71 -0.25
CA LEU A 91 -3.23 6.13 -0.12
C LEU A 91 -4.47 6.33 0.74
N ILE A 92 -5.20 5.24 0.97
CA ILE A 92 -6.41 5.29 1.79
C ILE A 92 -6.09 5.66 3.23
N GLU A 93 -4.92 5.21 3.70
CA GLU A 93 -4.50 5.48 5.07
C GLU A 93 -3.81 6.84 5.15
N LEU A 94 -3.06 7.20 4.10
CA LEU A 94 -2.36 8.47 4.06
C LEU A 94 -3.34 9.64 4.03
N LEU A 95 -4.57 9.36 3.62
CA LEU A 95 -5.60 10.39 3.55
C LEU A 95 -6.48 10.37 4.81
N GLN A 96 -6.59 9.20 5.43
CA GLN A 96 -7.39 9.05 6.64
C GLN A 96 -6.69 9.70 7.83
N GLN A 97 -5.37 9.81 7.75
CA GLN A 97 -4.59 10.41 8.83
C GLN A 97 -4.58 11.93 8.72
N THR A 98 -4.61 12.43 7.48
CA THR A 98 -4.62 13.86 7.24
C THR A 98 -4.63 14.17 5.75
N SER A 99 -5.81 14.10 5.14
CA SER A 99 -5.95 14.37 3.72
C SER A 99 -5.23 15.65 3.32
N ALA A 100 -5.22 16.62 4.23
CA ALA A 100 -4.56 17.89 3.99
C ALA A 100 -3.87 18.42 5.25
N ALA A 101 -4.62 18.43 6.35
CA ALA A 101 -4.08 18.90 7.62
C ALA A 101 -5.12 18.79 8.74
N SER A 102 -4.84 17.94 9.72
CA SER A 102 -5.75 17.73 10.83
C SER A 102 -5.05 17.04 12.00
N ALA A 103 -4.23 16.04 11.67
CA ALA A 103 -3.50 15.31 12.69
C ALA A 103 -4.44 14.55 13.61
N ALA A 104 -3.95 13.46 14.19
CA ALA A 104 -4.75 12.65 15.10
C ALA A 104 -5.93 12.02 14.37
N LYS A 105 -6.33 10.83 14.81
CA LYS A 105 -7.45 10.11 14.20
C LYS A 105 -8.28 9.39 15.26
N ASN A 106 -8.91 10.16 16.13
CA ASN A 106 -9.73 9.59 17.20
C ASN A 106 -8.89 8.74 18.15
N THR A 107 -9.56 7.98 19.00
CA THR A 107 -8.88 7.13 19.96
C THR A 107 -7.80 6.30 19.29
N PRO A 108 -6.86 5.77 20.09
CA PRO A 108 -6.86 5.97 21.54
C PRO A 108 -6.53 7.41 21.93
N LYS A 109 -7.32 7.97 22.84
CA LYS A 109 -7.11 9.34 23.29
C LYS A 109 -7.15 10.31 22.12
N VAL A 110 -7.06 11.61 22.43
CA VAL A 110 -7.08 12.65 21.41
C VAL A 110 -8.50 12.89 20.90
N THR A 111 -9.33 11.84 20.94
CA THR A 111 -10.70 11.95 20.49
C THR A 111 -11.53 12.81 21.43
N MET A 112 -11.31 12.64 22.73
CA MET A 112 -12.03 13.41 23.73
C MET A 112 -13.53 13.41 23.45
N ARG A 113 -14.06 12.24 23.09
CA ARG A 113 -15.47 12.11 22.77
C ARG A 113 -15.81 12.79 21.46
N ARG A 114 -15.87 12.01 20.38
CA ARG A 114 -16.18 12.53 19.06
C ARG A 114 -15.08 13.46 18.57
N ARG A 115 -14.63 13.26 17.35
CA ARG A 115 -13.57 14.07 16.75
C ARG A 115 -13.51 13.88 15.25
N PHE A 116 -13.29 14.98 14.52
CA PHE A 116 -13.21 14.94 13.07
C PHE A 116 -12.31 16.04 12.55
N SER A 117 -12.25 16.17 11.22
CA SER A 117 -11.41 17.18 10.59
C SER A 117 -11.61 18.54 11.24
N ASP A 118 -10.63 18.96 12.05
CA ASP A 118 -10.70 20.24 12.73
C ASP A 118 -11.05 21.36 11.76
N ASP A 119 -10.59 21.24 10.52
CA ASP A 119 -10.85 22.24 9.49
C ASP A 119 -12.33 22.55 9.41
N ASP A 120 -13.16 21.53 9.61
CA ASP A 120 -14.61 21.70 9.56
C ASP A 120 -15.06 22.82 10.51
N ASP A 121 -14.36 22.96 11.62
CA ASP A 121 -14.68 23.98 12.61
C ASP A 121 -13.75 25.19 12.46
N ASP A 122 -13.40 25.51 11.22
CA ASP A 122 -12.52 26.64 10.95
C ASP A 122 -11.37 26.68 11.93
N PHE A 123 -10.85 25.51 12.29
CA PHE A 123 -9.74 25.42 13.23
C PHE A 123 -8.75 24.33 12.79
N SER A 1 -2.21 -14.41 -12.89
CA SER A 1 -2.86 -14.34 -11.58
C SER A 1 -4.36 -14.09 -11.74
N MET A 2 -5.15 -15.12 -11.47
CA MET A 2 -6.60 -15.02 -11.58
C MET A 2 -7.27 -15.24 -10.23
N GLN A 3 -7.50 -14.16 -9.50
CA GLN A 3 -8.14 -14.23 -8.20
C GLN A 3 -9.42 -15.04 -8.26
N PRO A 4 -9.85 -15.58 -7.10
CA PRO A 4 -9.13 -15.40 -5.84
C PRO A 4 -7.81 -16.16 -5.82
N GLU A 5 -7.05 -16.00 -4.74
CA GLU A 5 -5.76 -16.67 -4.60
C GLU A 5 -5.95 -18.18 -4.53
N GLU A 6 -7.03 -18.61 -3.90
CA GLU A 6 -7.31 -20.03 -3.76
C GLU A 6 -7.53 -20.69 -5.12
N PHE A 7 -8.13 -19.93 -6.04
CA PHE A 7 -8.40 -20.43 -7.38
C PHE A 7 -7.41 -19.84 -8.39
N ALA A 8 -6.18 -19.63 -7.94
CA ALA A 8 -5.14 -19.07 -8.80
C ALA A 8 -4.73 -20.08 -9.87
N ALA A 9 -3.70 -19.72 -10.63
CA ALA A 9 -3.19 -20.59 -11.69
C ALA A 9 -4.25 -20.80 -12.77
N ALA A 10 -4.62 -19.70 -13.43
CA ALA A 10 -5.63 -19.76 -14.50
C ALA A 10 -5.06 -20.41 -15.75
N ALA A 11 -4.24 -19.67 -16.48
CA ALA A 11 -3.63 -20.19 -17.70
C ALA A 11 -2.11 -20.11 -17.63
N ARG A 12 -1.61 -19.00 -17.13
CA ARG A 12 -0.16 -18.80 -17.00
C ARG A 12 0.52 -18.89 -18.37
N GLY A 13 0.09 -18.04 -19.29
CA GLY A 13 0.67 -18.03 -20.62
C GLY A 13 1.13 -16.66 -21.06
N GLY A 14 0.44 -15.63 -20.57
CA GLY A 14 0.80 -14.26 -20.93
C GLY A 14 -0.11 -13.24 -20.27
N PHE A 15 -1.39 -13.30 -20.60
CA PHE A 15 -2.37 -12.36 -20.05
C PHE A 15 -3.71 -13.06 -19.78
N GLY A 16 -4.39 -13.44 -20.86
CA GLY A 16 -5.67 -14.11 -20.73
C GLY A 16 -6.78 -13.16 -20.32
N GLY A 17 -6.65 -11.90 -20.73
CA GLY A 17 -7.67 -10.91 -20.40
C GLY A 17 -7.29 -10.08 -19.19
N ASP A 18 -6.58 -10.70 -18.25
CA ASP A 18 -6.15 -10.01 -17.04
C ASP A 18 -5.01 -9.05 -17.33
N ALA A 19 -5.34 -7.77 -17.51
CA ALA A 19 -4.33 -6.75 -17.79
C ALA A 19 -3.18 -6.83 -16.80
N GLU A 20 -3.50 -7.23 -15.56
CA GLU A 20 -2.48 -7.33 -14.52
C GLU A 20 -1.25 -8.08 -15.03
N LYS A 21 -1.48 -9.24 -15.63
CA LYS A 21 -0.39 -10.05 -16.17
C LYS A 21 0.50 -9.22 -17.10
N ALA A 22 -0.12 -8.45 -17.97
CA ALA A 22 0.61 -7.61 -18.91
C ALA A 22 1.66 -6.77 -18.19
N LYS A 23 1.34 -6.35 -16.97
CA LYS A 23 2.26 -5.54 -16.18
C LYS A 23 3.48 -6.34 -15.77
N ALA A 24 3.25 -7.39 -15.00
CA ALA A 24 4.35 -8.25 -14.54
C ALA A 24 5.10 -8.86 -15.71
N ALA A 25 4.36 -9.55 -16.58
CA ALA A 25 4.96 -10.18 -17.76
C ALA A 25 5.93 -9.23 -18.46
N GLU A 26 5.41 -8.07 -18.88
CA GLU A 26 6.22 -7.08 -19.58
C GLU A 26 7.37 -6.60 -18.68
N ALA A 27 7.13 -6.60 -17.37
CA ALA A 27 8.14 -6.17 -16.41
C ALA A 27 9.41 -7.00 -16.54
N GLN A 28 9.25 -8.31 -16.66
CA GLN A 28 10.39 -9.21 -16.80
C GLN A 28 11.31 -8.77 -17.94
N GLU A 29 10.70 -8.29 -19.02
CA GLU A 29 11.47 -7.82 -20.17
C GLU A 29 11.97 -6.40 -19.96
N ALA A 30 11.10 -5.53 -19.48
CA ALA A 30 11.46 -4.14 -19.23
C ALA A 30 12.73 -4.05 -18.39
N MET A 31 13.00 -5.09 -17.62
CA MET A 31 14.19 -5.12 -16.77
C MET A 31 15.44 -4.74 -17.56
N ARG A 32 15.38 -4.93 -18.87
CA ARG A 32 16.50 -4.61 -19.74
C ARG A 32 17.00 -3.19 -19.47
N GLN A 33 16.11 -2.35 -18.94
CA GLN A 33 16.46 -0.97 -18.64
C GLN A 33 17.70 -0.89 -17.75
N GLN A 34 17.92 -1.94 -16.97
CA GLN A 34 19.06 -2.00 -16.07
C GLN A 34 18.97 -0.90 -15.00
N MET A 35 18.65 -1.30 -13.79
CA MET A 35 18.53 -0.37 -12.68
C MET A 35 18.02 -1.07 -11.42
N GLU A 36 17.80 -0.29 -10.36
CA GLU A 36 17.31 -0.84 -9.11
C GLU A 36 15.92 -1.45 -9.27
N GLU A 37 15.83 -2.76 -9.11
CA GLU A 37 14.56 -3.46 -9.24
C GLU A 37 14.73 -4.95 -8.92
N GLN A 38 15.27 -5.69 -9.87
CA GLN A 38 15.48 -7.13 -9.69
C GLN A 38 16.17 -7.42 -8.36
N ARG A 39 16.83 -6.40 -7.81
CA ARG A 39 17.53 -6.55 -6.55
C ARG A 39 16.66 -6.08 -5.39
N ARG A 40 16.37 -4.78 -5.35
CA ARG A 40 15.55 -4.20 -4.29
C ARG A 40 14.10 -4.66 -4.42
N ILE A 41 13.48 -4.33 -5.56
CA ILE A 41 12.10 -4.71 -5.81
C ILE A 41 11.86 -6.18 -5.50
N MET A 42 12.82 -7.03 -5.88
CA MET A 42 12.72 -8.46 -5.63
C MET A 42 12.99 -8.78 -4.17
N LEU A 43 14.01 -8.16 -3.61
CA LEU A 43 14.38 -8.38 -2.21
C LEU A 43 13.16 -8.21 -1.31
N ARG A 44 12.38 -7.18 -1.56
CA ARG A 44 11.18 -6.91 -0.76
C ARG A 44 9.98 -7.67 -1.30
N ALA A 45 10.08 -8.11 -2.56
CA ALA A 45 9.00 -8.85 -3.21
C ALA A 45 8.51 -9.98 -2.31
N VAL A 46 9.39 -10.47 -1.44
CA VAL A 46 9.04 -11.56 -0.53
C VAL A 46 9.00 -11.07 0.92
N LEU A 47 10.05 -10.36 1.32
CA LEU A 47 10.13 -9.82 2.67
C LEU A 47 9.18 -8.65 2.87
N THR A 48 9.12 -8.14 4.09
CA THR A 48 8.25 -7.00 4.40
C THR A 48 8.32 -6.65 5.88
N PRO A 49 8.17 -5.35 6.18
CA PRO A 49 8.21 -4.85 7.57
C PRO A 49 6.99 -5.28 8.38
N ALA A 50 6.79 -4.65 9.52
CA ALA A 50 5.66 -4.97 10.39
C ALA A 50 4.58 -3.90 10.30
N ALA A 51 4.59 -3.14 9.21
CA ALA A 51 3.61 -2.09 9.00
C ALA A 51 2.19 -2.63 9.12
N GLN A 52 2.00 -3.87 8.69
CA GLN A 52 0.69 -4.51 8.75
C GLN A 52 0.07 -4.35 10.13
N GLU A 53 0.91 -4.32 11.15
CA GLU A 53 0.45 -4.18 12.53
C GLU A 53 -0.36 -2.90 12.69
N ARG A 54 0.33 -1.76 12.72
CA ARG A 54 -0.33 -0.47 12.87
C ARG A 54 -1.41 -0.28 11.81
N LEU A 55 -1.18 -0.84 10.62
CA LEU A 55 -2.13 -0.73 9.53
C LEU A 55 -3.44 -1.44 9.86
N HIS A 56 -3.33 -2.65 10.40
CA HIS A 56 -4.50 -3.43 10.77
C HIS A 56 -5.24 -2.78 11.92
N ARG A 57 -4.50 -2.17 12.84
CA ARG A 57 -5.10 -1.51 13.99
C ARG A 57 -5.73 -0.17 13.59
N ILE A 58 -4.90 0.74 13.06
CA ILE A 58 -5.38 2.05 12.64
C ILE A 58 -6.60 1.91 11.73
N GLN A 59 -6.61 0.86 10.92
CA GLN A 59 -7.72 0.63 10.00
C GLN A 59 -8.91 0.01 10.73
N LEU A 60 -8.62 -0.74 11.78
CA LEU A 60 -9.67 -1.38 12.57
C LEU A 60 -10.69 -0.36 13.06
N VAL A 61 -10.22 0.86 13.30
CA VAL A 61 -11.09 1.94 13.77
C VAL A 61 -11.47 2.88 12.64
N LYS A 62 -10.50 3.18 11.78
CA LYS A 62 -10.72 4.08 10.65
C LYS A 62 -11.11 3.28 9.40
N ALA A 63 -12.41 3.02 9.24
CA ALA A 63 -12.90 2.28 8.10
C ALA A 63 -12.74 3.07 6.81
N ASP A 64 -13.30 4.28 6.80
CA ASP A 64 -13.22 5.14 5.63
C ASP A 64 -11.77 5.48 5.30
N LYS A 65 -10.94 5.57 6.34
CA LYS A 65 -9.53 5.89 6.17
C LYS A 65 -8.73 4.63 5.86
N ALA A 66 -9.33 3.48 6.08
CA ALA A 66 -8.67 2.20 5.83
C ALA A 66 -8.63 1.90 4.33
N ARG A 67 -9.64 2.37 3.60
CA ARG A 67 -9.72 2.14 2.17
C ARG A 67 -8.70 3.01 1.43
N GLU A 68 -8.47 4.22 1.94
CA GLU A 68 -7.53 5.13 1.32
C GLU A 68 -6.09 4.68 1.57
N VAL A 69 -5.86 4.04 2.71
CA VAL A 69 -4.54 3.54 3.07
C VAL A 69 -4.12 2.39 2.16
N GLU A 70 -5.05 1.50 1.88
CA GLU A 70 -4.78 0.34 1.04
C GLU A 70 -4.72 0.74 -0.44
N ALA A 71 -5.51 1.75 -0.79
CA ALA A 71 -5.56 2.24 -2.17
C ALA A 71 -4.16 2.50 -2.70
N LEU A 72 -3.34 3.21 -1.91
CA LEU A 72 -1.98 3.52 -2.31
C LEU A 72 -1.06 2.32 -2.11
N ILE A 73 -1.11 1.73 -0.92
CA ILE A 73 -0.29 0.58 -0.59
C ILE A 73 -0.45 -0.52 -1.64
N LEU A 74 -1.59 -0.51 -2.33
CA LEU A 74 -1.88 -1.50 -3.35
C LEU A 74 -0.80 -1.48 -4.44
N GLN A 75 -0.08 -0.38 -4.53
CA GLN A 75 0.99 -0.23 -5.53
C GLN A 75 2.35 -0.20 -4.85
N ASN A 76 2.46 -0.83 -3.69
CA ASN A 76 3.71 -0.86 -2.95
C ASN A 76 3.84 -2.18 -2.17
N ALA A 77 2.95 -2.38 -1.21
CA ALA A 77 2.98 -3.59 -0.39
C ALA A 77 2.78 -4.83 -1.26
N GLN A 78 2.04 -4.66 -2.35
CA GLN A 78 1.77 -5.77 -3.27
C GLN A 78 2.80 -5.82 -4.39
N ARG A 79 3.33 -4.66 -4.74
CA ARG A 79 4.33 -4.56 -5.81
C ARG A 79 5.68 -5.05 -5.32
N GLY A 80 5.90 -5.02 -4.00
CA GLY A 80 7.16 -5.47 -3.44
C GLY A 80 8.04 -4.31 -3.02
N ARG A 81 7.47 -3.37 -2.28
CA ARG A 81 8.21 -2.20 -1.82
C ARG A 81 9.15 -1.69 -2.90
N LEU A 82 8.62 -0.87 -3.80
CA LEU A 82 9.42 -0.31 -4.89
C LEU A 82 10.66 0.38 -4.35
N ALA A 83 10.51 1.05 -3.22
CA ALA A 83 11.63 1.75 -2.59
C ALA A 83 12.35 2.64 -3.61
N ASP A 84 11.61 3.14 -4.59
CA ASP A 84 12.18 4.00 -5.61
C ASP A 84 11.08 4.76 -6.36
N LYS A 85 10.09 4.03 -6.84
CA LYS A 85 8.97 4.63 -7.57
C LYS A 85 7.81 4.91 -6.64
N VAL A 86 8.11 5.28 -5.40
CA VAL A 86 7.07 5.58 -4.41
C VAL A 86 5.99 6.47 -5.01
N ASP A 87 4.75 6.24 -4.59
CA ASP A 87 3.62 7.02 -5.07
C ASP A 87 3.55 8.38 -4.37
N GLU A 88 2.49 9.13 -4.65
CA GLU A 88 2.31 10.44 -4.04
C GLU A 88 1.44 10.35 -2.79
N ALA A 89 0.60 9.32 -2.74
CA ALA A 89 -0.29 9.12 -1.60
C ALA A 89 0.49 8.63 -0.39
N THR A 90 1.67 8.08 -0.61
CA THR A 90 2.52 7.58 0.46
C THR A 90 2.69 8.62 1.56
N LEU A 91 2.88 9.88 1.15
CA LEU A 91 3.06 10.97 2.10
C LEU A 91 1.71 11.47 2.61
N ILE A 92 0.71 11.44 1.75
CA ILE A 92 -0.63 11.90 2.10
C ILE A 92 -1.17 11.10 3.29
N GLU A 93 -0.88 9.80 3.31
CA GLU A 93 -1.34 8.94 4.39
C GLU A 93 -0.38 8.97 5.57
N LEU A 94 0.93 8.98 5.27
CA LEU A 94 1.95 9.02 6.30
C LEU A 94 1.77 10.22 7.21
N LEU A 95 1.10 11.26 6.69
CA LEU A 95 0.85 12.47 7.47
C LEU A 95 -0.55 12.45 8.06
N GLN A 96 -1.46 11.72 7.42
CA GLN A 96 -2.84 11.62 7.89
C GLN A 96 -2.91 10.94 9.26
N GLN A 97 -1.93 10.09 9.54
CA GLN A 97 -1.87 9.38 10.81
C GLN A 97 -1.10 10.17 11.85
N THR A 98 -0.02 10.82 11.40
CA THR A 98 0.81 11.61 12.30
C THR A 98 2.07 12.11 11.59
N SER A 99 1.92 13.16 10.79
CA SER A 99 3.04 13.72 10.05
C SER A 99 4.24 13.93 10.96
N ALA A 100 3.97 14.25 12.22
CA ALA A 100 5.04 14.47 13.20
C ALA A 100 4.70 13.80 14.53
N ALA A 101 3.58 14.20 15.12
CA ALA A 101 3.14 13.65 16.40
C ALA A 101 1.70 13.16 16.32
N SER A 102 0.91 13.82 15.49
CA SER A 102 -0.50 13.45 15.33
C SER A 102 -1.10 14.12 14.09
N ALA A 103 -0.75 15.38 13.88
CA ALA A 103 -1.24 16.14 12.73
C ALA A 103 -2.75 16.39 12.85
N ALA A 104 -3.31 17.05 11.85
CA ALA A 104 -4.73 17.36 11.84
C ALA A 104 -5.08 18.36 12.93
N LYS A 105 -6.28 18.94 12.84
CA LYS A 105 -6.73 19.92 13.82
C LYS A 105 -8.20 19.70 14.17
N ASN A 106 -8.61 18.43 14.19
CA ASN A 106 -9.99 18.08 14.52
C ASN A 106 -10.94 18.53 13.42
N THR A 107 -11.48 17.56 12.68
CA THR A 107 -12.40 17.86 11.59
C THR A 107 -13.73 18.36 12.12
N PRO A 108 -14.17 17.79 13.25
CA PRO A 108 -13.42 16.75 13.95
C PRO A 108 -13.40 15.43 13.19
N LYS A 109 -12.28 14.71 13.27
CA LYS A 109 -12.14 13.43 12.59
C LYS A 109 -12.41 12.27 13.54
N VAL A 110 -11.61 12.18 14.59
CA VAL A 110 -11.75 11.12 15.58
C VAL A 110 -11.47 11.63 16.98
N THR A 111 -11.68 12.93 17.19
CA THR A 111 -11.46 13.54 18.49
C THR A 111 -12.38 12.96 19.54
N MET A 112 -13.40 12.24 19.10
CA MET A 112 -14.36 11.62 20.00
C MET A 112 -15.20 12.68 20.69
N ARG A 113 -15.72 13.62 19.92
CA ARG A 113 -16.55 14.70 20.46
C ARG A 113 -15.68 15.75 21.15
N ARG A 114 -15.45 16.86 20.46
CA ARG A 114 -14.65 17.95 21.00
C ARG A 114 -13.18 17.53 21.10
N ARG A 115 -12.33 18.48 21.50
CA ARG A 115 -10.90 18.21 21.64
C ARG A 115 -10.65 17.09 22.65
N PHE A 116 -9.72 16.20 22.33
CA PHE A 116 -9.38 15.09 23.21
C PHE A 116 -8.03 14.50 22.85
N SER A 117 -7.65 13.44 23.54
CA SER A 117 -6.37 12.77 23.30
C SER A 117 -6.18 12.49 21.81
N ASP A 118 -5.34 13.29 21.17
CA ASP A 118 -5.07 13.13 19.74
C ASP A 118 -3.93 12.14 19.51
N ASP A 119 -2.91 12.22 20.36
CA ASP A 119 -1.77 11.32 20.25
C ASP A 119 -2.06 9.97 20.89
N ASP A 120 -2.74 10.01 22.04
CA ASP A 120 -3.09 8.78 22.76
C ASP A 120 -4.10 7.96 21.97
N ASP A 121 -5.02 8.66 21.30
CA ASP A 121 -6.05 7.99 20.51
C ASP A 121 -5.59 7.80 19.07
N ASP A 122 -4.30 7.55 18.90
CA ASP A 122 -3.74 7.34 17.57
C ASP A 122 -3.89 5.89 17.12
N PHE A 123 -5.15 5.43 17.07
CA PHE A 123 -5.43 4.06 16.67
C PHE A 123 -6.59 4.02 15.68
N SER A 1 4.68 -29.60 -26.97
CA SER A 1 4.00 -29.74 -28.25
C SER A 1 2.65 -30.41 -28.09
N MET A 2 1.80 -29.81 -27.26
CA MET A 2 0.47 -30.35 -27.01
C MET A 2 -0.55 -29.22 -26.83
N GLN A 3 -1.36 -29.00 -27.85
CA GLN A 3 -2.38 -27.95 -27.81
C GLN A 3 -3.25 -28.09 -26.57
N PRO A 4 -3.94 -27.00 -26.21
CA PRO A 4 -3.88 -25.74 -26.96
C PRO A 4 -2.53 -25.04 -26.80
N GLU A 5 -2.34 -23.95 -27.54
CA GLU A 5 -1.09 -23.20 -27.49
C GLU A 5 -0.72 -22.86 -26.05
N GLU A 6 0.56 -22.60 -25.82
CA GLU A 6 1.04 -22.27 -24.49
C GLU A 6 0.43 -20.95 -24.00
N PHE A 7 0.29 -20.00 -24.91
CA PHE A 7 -0.28 -18.70 -24.58
C PHE A 7 -1.65 -18.52 -25.24
N ALA A 8 -2.39 -19.62 -25.37
CA ALA A 8 -3.71 -19.57 -25.97
C ALA A 8 -3.67 -18.87 -27.32
N ALA A 9 -4.85 -18.55 -27.86
CA ALA A 9 -4.96 -17.87 -29.13
C ALA A 9 -4.00 -16.68 -29.21
N ALA A 10 -3.88 -15.95 -28.10
CA ALA A 10 -3.00 -14.79 -28.03
C ALA A 10 -3.46 -13.70 -28.98
N ALA A 11 -4.53 -13.00 -28.61
CA ALA A 11 -5.07 -11.92 -29.43
C ALA A 11 -4.98 -10.59 -28.70
N ARG A 12 -4.96 -10.64 -27.38
CA ARG A 12 -4.87 -9.42 -26.57
C ARG A 12 -6.05 -8.50 -26.85
N GLY A 13 -7.26 -9.00 -26.63
CA GLY A 13 -8.45 -8.21 -26.87
C GLY A 13 -8.75 -7.24 -25.74
N GLY A 14 -9.15 -7.80 -24.59
CA GLY A 14 -9.46 -6.96 -23.45
C GLY A 14 -9.51 -7.76 -22.15
N PHE A 15 -8.48 -8.56 -21.90
CA PHE A 15 -8.43 -9.38 -20.70
C PHE A 15 -9.43 -10.52 -20.77
N GLY A 16 -10.71 -10.18 -20.84
CA GLY A 16 -11.75 -11.19 -20.90
C GLY A 16 -12.17 -11.68 -19.54
N GLY A 17 -12.09 -10.80 -18.54
CA GLY A 17 -12.47 -11.17 -17.19
C GLY A 17 -11.34 -11.83 -16.43
N ASP A 18 -10.69 -12.81 -17.06
CA ASP A 18 -9.59 -13.51 -16.44
C ASP A 18 -8.54 -12.54 -15.91
N ALA A 19 -8.51 -12.38 -14.59
CA ALA A 19 -7.55 -11.47 -13.96
C ALA A 19 -6.13 -11.76 -14.42
N GLU A 20 -5.86 -13.02 -14.75
CA GLU A 20 -4.53 -13.42 -15.21
C GLU A 20 -4.04 -12.50 -16.32
N LYS A 21 -4.89 -12.29 -17.32
CA LYS A 21 -4.54 -11.42 -18.45
C LYS A 21 -4.13 -10.04 -17.96
N ALA A 22 -5.02 -9.38 -17.23
CA ALA A 22 -4.75 -8.05 -16.70
C ALA A 22 -3.40 -8.01 -15.98
N LYS A 23 -3.02 -9.13 -15.39
CA LYS A 23 -1.76 -9.23 -14.67
C LYS A 23 -0.58 -9.12 -15.63
N ALA A 24 -0.50 -10.04 -16.57
CA ALA A 24 0.58 -10.04 -17.55
C ALA A 24 0.53 -8.80 -18.44
N ALA A 25 -0.64 -8.54 -19.01
CA ALA A 25 -0.83 -7.39 -19.87
C ALA A 25 -0.28 -6.12 -19.23
N GLU A 26 -0.71 -5.86 -18.00
CA GLU A 26 -0.26 -4.68 -17.27
C GLU A 26 1.22 -4.77 -16.94
N ALA A 27 1.73 -6.00 -16.82
CA ALA A 27 3.13 -6.23 -16.50
C ALA A 27 4.03 -5.72 -17.62
N GLN A 28 3.63 -5.98 -18.86
CA GLN A 28 4.41 -5.54 -20.02
C GLN A 28 4.71 -4.05 -19.94
N GLU A 29 3.73 -3.27 -19.47
CA GLU A 29 3.88 -1.83 -19.35
C GLU A 29 4.60 -1.47 -18.05
N ALA A 30 4.14 -2.05 -16.94
CA ALA A 30 4.73 -1.79 -15.64
C ALA A 30 6.23 -2.09 -15.66
N MET A 31 6.66 -2.93 -16.59
CA MET A 31 8.06 -3.30 -16.70
C MET A 31 8.93 -2.07 -16.95
N ARG A 32 8.30 -0.99 -17.40
CA ARG A 32 9.01 0.25 -17.66
C ARG A 32 9.95 0.60 -16.51
N GLN A 33 9.52 0.28 -15.29
CA GLN A 33 10.31 0.57 -14.10
C GLN A 33 11.74 0.04 -14.26
N GLN A 34 11.86 -1.14 -14.85
CA GLN A 34 13.17 -1.76 -15.06
C GLN A 34 14.03 -1.67 -13.80
N MET A 35 13.88 -2.64 -12.92
CA MET A 35 14.63 -2.66 -11.67
C MET A 35 14.62 -4.06 -11.06
N GLU A 36 15.36 -4.23 -9.96
CA GLU A 36 15.43 -5.51 -9.28
C GLU A 36 14.19 -5.74 -8.41
N GLU A 37 13.53 -6.87 -8.62
CA GLU A 37 12.33 -7.20 -7.87
C GLU A 37 12.47 -8.58 -7.20
N GLN A 38 12.31 -9.62 -8.00
CA GLN A 38 12.41 -10.99 -7.49
C GLN A 38 13.67 -11.17 -6.66
N ARG A 39 14.66 -10.31 -6.90
CA ARG A 39 15.92 -10.37 -6.17
C ARG A 39 15.93 -9.40 -5.00
N ARG A 40 15.82 -8.10 -5.30
CA ARG A 40 15.82 -7.08 -4.27
C ARG A 40 14.52 -7.12 -3.47
N ILE A 41 13.39 -6.91 -4.16
CA ILE A 41 12.09 -6.92 -3.52
C ILE A 41 11.92 -8.15 -2.64
N MET A 42 12.47 -9.27 -3.08
CA MET A 42 12.39 -10.52 -2.32
C MET A 42 13.43 -10.54 -1.20
N LEU A 43 14.60 -9.98 -1.47
CA LEU A 43 15.67 -9.94 -0.48
C LEU A 43 15.22 -9.21 0.78
N ARG A 44 14.38 -8.20 0.61
CA ARG A 44 13.88 -7.43 1.74
C ARG A 44 12.70 -8.14 2.40
N ALA A 45 11.89 -8.82 1.60
CA ALA A 45 10.73 -9.54 2.10
C ALA A 45 11.08 -10.29 3.39
N VAL A 46 12.31 -10.81 3.46
CA VAL A 46 12.76 -11.55 4.63
C VAL A 46 12.47 -10.76 5.92
N LEU A 47 13.29 -9.74 6.16
CA LEU A 47 13.13 -8.91 7.35
C LEU A 47 11.90 -8.02 7.24
N THR A 48 11.66 -7.22 8.28
CA THR A 48 10.51 -6.32 8.29
C THR A 48 10.59 -5.34 9.46
N PRO A 49 10.15 -4.10 9.23
CA PRO A 49 10.15 -3.06 10.25
C PRO A 49 9.15 -3.32 11.36
N ALA A 50 8.89 -2.30 12.17
CA ALA A 50 7.94 -2.42 13.28
C ALA A 50 6.80 -1.41 13.15
N ALA A 51 6.51 -1.02 11.91
CA ALA A 51 5.44 -0.05 11.65
C ALA A 51 4.10 -0.56 12.19
N GLN A 52 3.96 -1.87 12.26
CA GLN A 52 2.72 -2.48 12.75
C GLN A 52 2.30 -1.85 14.07
N GLU A 53 3.28 -1.39 14.85
CA GLU A 53 3.00 -0.77 16.13
C GLU A 53 2.12 0.47 15.96
N ARG A 54 2.72 1.55 15.47
CA ARG A 54 1.99 2.80 15.26
C ARG A 54 0.71 2.56 14.46
N LEU A 55 0.78 1.61 13.53
CA LEU A 55 -0.37 1.29 12.70
C LEU A 55 -1.51 0.70 13.55
N HIS A 56 -1.21 -0.38 14.26
CA HIS A 56 -2.20 -1.03 15.11
C HIS A 56 -2.86 -0.02 16.05
N ARG A 57 -2.10 0.99 16.45
CA ARG A 57 -2.60 2.03 17.35
C ARG A 57 -3.50 3.00 16.60
N ILE A 58 -2.90 3.80 15.73
CA ILE A 58 -3.65 4.78 14.94
C ILE A 58 -4.86 4.15 14.29
N GLN A 59 -4.77 2.86 13.97
CA GLN A 59 -5.86 2.13 13.35
C GLN A 59 -6.90 1.71 14.38
N LEU A 60 -6.43 1.46 15.61
CA LEU A 60 -7.32 1.04 16.68
C LEU A 60 -8.50 2.00 16.82
N VAL A 61 -8.26 3.28 16.53
CA VAL A 61 -9.29 4.29 16.62
C VAL A 61 -9.84 4.66 15.24
N LYS A 62 -8.94 4.70 14.26
CA LYS A 62 -9.33 5.03 12.89
C LYS A 62 -9.49 3.77 12.06
N ALA A 63 -10.54 3.00 12.34
CA ALA A 63 -10.81 1.76 11.62
C ALA A 63 -11.16 2.05 10.16
N ASP A 64 -12.20 2.84 9.96
CA ASP A 64 -12.63 3.20 8.61
C ASP A 64 -11.49 3.84 7.81
N LYS A 65 -10.67 4.62 8.50
CA LYS A 65 -9.54 5.28 7.86
C LYS A 65 -8.35 4.34 7.75
N ALA A 66 -8.40 3.24 8.49
CA ALA A 66 -7.32 2.25 8.48
C ALA A 66 -7.42 1.37 7.23
N ARG A 67 -8.65 1.04 6.85
CA ARG A 67 -8.88 0.19 5.69
C ARG A 67 -8.33 0.84 4.42
N GLU A 68 -8.44 2.17 4.34
CA GLU A 68 -7.94 2.90 3.19
C GLU A 68 -6.43 3.10 3.26
N VAL A 69 -5.92 3.19 4.48
CA VAL A 69 -4.48 3.37 4.69
C VAL A 69 -3.73 2.07 4.47
N GLU A 70 -4.38 0.95 4.77
CA GLU A 70 -3.77 -0.36 4.60
C GLU A 70 -3.81 -0.80 3.13
N ALA A 71 -4.85 -0.38 2.43
CA ALA A 71 -5.01 -0.73 1.02
C ALA A 71 -3.81 -0.25 0.20
N LEU A 72 -3.36 0.97 0.49
CA LEU A 72 -2.22 1.54 -0.22
C LEU A 72 -0.90 1.00 0.31
N ILE A 73 -0.75 1.05 1.64
CA ILE A 73 0.47 0.55 2.27
C ILE A 73 0.72 -0.90 1.93
N LEU A 74 -0.35 -1.61 1.55
CA LEU A 74 -0.24 -3.02 1.20
C LEU A 74 0.68 -3.21 -0.01
N GLN A 75 1.06 -2.10 -0.64
CA GLN A 75 1.93 -2.14 -1.80
C GLN A 75 3.31 -2.69 -1.42
N ASN A 76 3.66 -2.54 -0.15
CA ASN A 76 4.96 -3.02 0.34
C ASN A 76 4.84 -3.54 1.77
N ALA A 77 4.12 -2.79 2.61
CA ALA A 77 3.93 -3.18 4.00
C ALA A 77 3.54 -4.65 4.12
N GLN A 78 2.84 -5.15 3.11
CA GLN A 78 2.39 -6.54 3.09
C GLN A 78 3.22 -7.36 2.11
N ARG A 79 3.90 -6.67 1.20
CA ARG A 79 4.72 -7.33 0.19
C ARG A 79 6.13 -7.58 0.72
N GLY A 80 6.32 -7.34 2.01
CA GLY A 80 7.63 -7.54 2.61
C GLY A 80 8.58 -6.39 2.35
N ARG A 81 8.01 -5.20 2.17
CA ARG A 81 8.81 -4.01 1.89
C ARG A 81 9.62 -4.17 0.62
N LEU A 82 9.42 -3.25 -0.32
CA LEU A 82 10.13 -3.29 -1.60
C LEU A 82 11.46 -2.54 -1.51
N ALA A 83 11.49 -1.52 -0.66
CA ALA A 83 12.71 -0.72 -0.48
C ALA A 83 13.26 -0.25 -1.82
N ASP A 84 12.38 -0.15 -2.81
CA ASP A 84 12.79 0.29 -4.15
C ASP A 84 11.59 0.81 -4.93
N LYS A 85 10.56 -0.03 -5.06
CA LYS A 85 9.35 0.35 -5.79
C LYS A 85 8.24 0.76 -4.82
N VAL A 86 8.63 1.30 -3.67
CA VAL A 86 7.68 1.74 -2.67
C VAL A 86 6.60 2.62 -3.29
N ASP A 87 5.34 2.32 -2.97
CA ASP A 87 4.22 3.08 -3.50
C ASP A 87 4.43 4.58 -3.28
N GLU A 88 3.77 5.39 -4.11
CA GLU A 88 3.89 6.84 -4.00
C GLU A 88 2.96 7.38 -2.92
N ALA A 89 1.87 6.67 -2.67
CA ALA A 89 0.90 7.09 -1.66
C ALA A 89 1.54 7.12 -0.27
N THR A 90 2.69 6.47 -0.14
CA THR A 90 3.40 6.42 1.13
C THR A 90 3.48 7.80 1.77
N LEU A 91 3.68 8.82 0.94
CA LEU A 91 3.78 10.19 1.43
C LEU A 91 2.40 10.82 1.58
N ILE A 92 1.49 10.45 0.67
CA ILE A 92 0.14 10.98 0.70
C ILE A 92 -0.55 10.66 2.02
N GLU A 93 -0.30 9.46 2.54
CA GLU A 93 -0.88 9.02 3.80
C GLU A 93 -0.08 9.55 4.98
N LEU A 94 1.24 9.47 4.87
CA LEU A 94 2.13 9.94 5.94
C LEU A 94 1.83 11.39 6.30
N LEU A 95 1.28 12.13 5.35
CA LEU A 95 0.94 13.53 5.57
C LEU A 95 -0.53 13.68 5.95
N GLN A 96 -1.34 12.70 5.56
CA GLN A 96 -2.77 12.72 5.86
C GLN A 96 -3.01 12.57 7.36
N GLN A 97 -2.09 11.89 8.03
CA GLN A 97 -2.20 11.67 9.47
C GLN A 97 -1.53 12.78 10.25
N THR A 98 -0.38 13.25 9.76
CA THR A 98 0.36 14.32 10.41
C THR A 98 1.27 15.04 9.43
N SER A 99 0.67 15.77 8.50
CA SER A 99 1.43 16.50 7.50
C SER A 99 2.55 17.32 8.14
N ALA A 100 2.26 17.88 9.32
CA ALA A 100 3.23 18.68 10.04
C ALA A 100 3.28 18.30 11.52
N ALA A 101 2.09 18.21 12.13
CA ALA A 101 1.99 17.85 13.54
C ALA A 101 0.53 17.79 13.98
N SER A 102 0.18 16.70 14.67
CA SER A 102 -1.19 16.52 15.15
C SER A 102 -1.24 15.51 16.29
N ALA A 103 -1.10 14.23 15.93
CA ALA A 103 -1.13 13.15 16.92
C ALA A 103 -2.37 13.23 17.78
N ALA A 104 -2.43 12.40 18.82
CA ALA A 104 -3.57 12.37 19.72
C ALA A 104 -4.82 11.86 19.01
N LYS A 105 -5.69 11.20 19.77
CA LYS A 105 -6.93 10.65 19.22
C LYS A 105 -8.09 10.86 20.18
N ASN A 106 -8.13 10.07 21.24
CA ASN A 106 -9.20 10.18 22.23
C ASN A 106 -10.55 9.93 21.60
N THR A 107 -11.58 9.80 22.44
CA THR A 107 -12.93 9.56 21.96
C THR A 107 -13.03 8.23 21.22
N PRO A 108 -13.85 7.31 21.75
CA PRO A 108 -14.62 7.56 22.98
C PRO A 108 -13.74 7.63 24.22
N LYS A 109 -13.05 6.54 24.50
CA LYS A 109 -12.17 6.47 25.66
C LYS A 109 -12.85 7.06 26.90
N VAL A 110 -12.05 7.38 27.91
CA VAL A 110 -12.57 7.95 29.15
C VAL A 110 -11.87 9.25 29.50
N THR A 111 -11.25 9.87 28.49
CA THR A 111 -10.54 11.13 28.68
C THR A 111 -11.50 12.31 28.77
N MET A 112 -11.42 13.06 29.86
CA MET A 112 -12.29 14.21 30.05
C MET A 112 -11.78 15.43 29.28
N ARG A 113 -11.25 15.18 28.08
CA ARG A 113 -10.72 16.25 27.25
C ARG A 113 -10.35 15.72 25.86
N ARG A 114 -11.36 15.54 25.01
CA ARG A 114 -11.14 15.05 23.66
C ARG A 114 -10.03 15.84 22.96
N ARG A 115 -9.54 15.30 21.85
CA ARG A 115 -8.47 15.95 21.09
C ARG A 115 -9.00 17.17 20.35
N PHE A 116 -8.27 17.60 19.33
CA PHE A 116 -8.66 18.76 18.54
C PHE A 116 -7.95 18.76 17.19
N SER A 117 -8.73 18.91 16.12
CA SER A 117 -8.17 18.94 14.77
C SER A 117 -7.10 20.02 14.64
N ASP A 118 -5.85 19.61 14.79
CA ASP A 118 -4.73 20.54 14.68
C ASP A 118 -4.81 21.34 13.38
N ASP A 119 -4.92 20.62 12.27
CA ASP A 119 -5.00 21.26 10.95
C ASP A 119 -6.11 22.28 10.91
N ASP A 120 -7.31 21.87 11.34
CA ASP A 120 -8.47 22.75 11.35
C ASP A 120 -8.19 23.99 12.19
N ASP A 121 -7.58 23.79 13.35
CA ASP A 121 -7.26 24.90 14.25
C ASP A 121 -6.47 25.97 13.52
N ASP A 122 -5.74 25.58 12.48
CA ASP A 122 -4.93 26.51 11.70
C ASP A 122 -5.52 26.69 10.30
N PHE A 123 -6.85 26.76 10.24
CA PHE A 123 -7.53 26.93 8.96
C PHE A 123 -8.79 27.78 9.12
N SER A 1 -12.46 -12.61 -32.82
CA SER A 1 -12.68 -13.88 -33.50
C SER A 1 -13.36 -13.67 -34.85
N MET A 2 -12.65 -13.03 -35.77
CA MET A 2 -13.19 -12.77 -37.10
C MET A 2 -12.15 -13.07 -38.18
N GLN A 3 -12.26 -14.24 -38.80
CA GLN A 3 -11.33 -14.64 -39.84
C GLN A 3 -9.91 -14.79 -39.28
N PRO A 4 -9.09 -15.60 -39.96
CA PRO A 4 -9.51 -16.33 -41.17
C PRO A 4 -10.52 -17.43 -40.86
N GLU A 5 -10.24 -18.21 -39.82
CA GLU A 5 -11.12 -19.30 -39.42
C GLU A 5 -12.16 -18.82 -38.41
N GLU A 6 -13.26 -19.56 -38.29
CA GLU A 6 -14.32 -19.21 -37.35
C GLU A 6 -13.82 -19.27 -35.91
N PHE A 7 -12.95 -20.24 -35.64
CA PHE A 7 -12.40 -20.41 -34.30
C PHE A 7 -11.03 -19.73 -34.19
N ALA A 8 -10.87 -18.64 -34.92
CA ALA A 8 -9.62 -17.89 -34.90
C ALA A 8 -9.43 -17.16 -33.57
N ALA A 9 -8.40 -16.31 -33.50
CA ALA A 9 -8.12 -15.56 -32.29
C ALA A 9 -8.11 -16.47 -31.06
N ALA A 10 -7.07 -17.28 -30.95
CA ALA A 10 -6.93 -18.20 -29.83
C ALA A 10 -6.64 -17.44 -28.53
N ALA A 11 -5.39 -17.05 -28.35
CA ALA A 11 -4.98 -16.32 -27.16
C ALA A 11 -4.35 -14.99 -27.51
N ARG A 12 -3.66 -14.95 -28.65
CA ARG A 12 -3.00 -13.73 -29.11
C ARG A 12 -2.03 -13.21 -28.06
N GLY A 13 -1.14 -14.09 -27.60
CA GLY A 13 -0.17 -13.71 -26.59
C GLY A 13 -0.59 -14.09 -25.20
N GLY A 14 -1.90 -14.06 -24.95
CA GLY A 14 -2.40 -14.41 -23.63
C GLY A 14 -2.00 -15.81 -23.21
N PHE A 15 -2.88 -16.78 -23.44
CA PHE A 15 -2.61 -18.16 -23.08
C PHE A 15 -3.42 -19.13 -23.94
N GLY A 16 -4.73 -19.18 -23.69
CA GLY A 16 -5.59 -20.06 -24.45
C GLY A 16 -5.50 -21.50 -24.00
N GLY A 17 -5.31 -21.70 -22.69
CA GLY A 17 -5.20 -23.04 -22.16
C GLY A 17 -3.80 -23.37 -21.69
N ASP A 18 -2.80 -22.88 -22.41
CA ASP A 18 -1.40 -23.12 -22.08
C ASP A 18 -0.97 -22.23 -20.91
N ALA A 19 -1.09 -22.77 -19.70
CA ALA A 19 -0.70 -22.02 -18.50
C ALA A 19 0.68 -21.41 -18.65
N GLU A 20 1.56 -22.12 -19.36
CA GLU A 20 2.92 -21.65 -19.58
C GLU A 20 2.92 -20.21 -20.09
N LYS A 21 2.11 -19.95 -21.11
CA LYS A 21 2.01 -18.62 -21.70
C LYS A 21 1.85 -17.56 -20.62
N ALA A 22 0.85 -17.74 -19.76
CA ALA A 22 0.58 -16.79 -18.69
C ALA A 22 1.84 -16.56 -17.85
N LYS A 23 2.66 -17.59 -17.72
CA LYS A 23 3.89 -17.49 -16.94
C LYS A 23 4.91 -16.60 -17.65
N ALA A 24 5.34 -17.01 -18.83
CA ALA A 24 6.31 -16.24 -19.61
C ALA A 24 5.77 -14.85 -19.92
N ALA A 25 4.60 -14.81 -20.56
CA ALA A 25 3.98 -13.55 -20.93
C ALA A 25 4.03 -12.56 -19.77
N GLU A 26 3.45 -12.94 -18.64
CA GLU A 26 3.44 -12.09 -17.46
C GLU A 26 4.85 -11.66 -17.07
N ALA A 27 5.81 -12.55 -17.30
CA ALA A 27 7.21 -12.25 -16.98
C ALA A 27 7.74 -11.10 -17.83
N GLN A 28 7.43 -11.12 -19.12
CA GLN A 28 7.87 -10.08 -20.03
C GLN A 28 7.46 -8.71 -19.53
N GLU A 29 6.29 -8.63 -18.90
CA GLU A 29 5.79 -7.37 -18.37
C GLU A 29 6.40 -7.08 -17.00
N ALA A 30 6.31 -8.05 -16.10
CA ALA A 30 6.86 -7.89 -14.75
C ALA A 30 8.31 -7.43 -14.79
N MET A 31 8.98 -7.70 -15.91
CA MET A 31 10.37 -7.30 -16.08
C MET A 31 10.53 -5.79 -15.94
N ARG A 32 9.42 -5.07 -16.08
CA ARG A 32 9.44 -3.62 -15.97
C ARG A 32 10.26 -3.17 -14.77
N GLN A 33 10.09 -3.87 -13.65
CA GLN A 33 10.82 -3.54 -12.43
C GLN A 33 12.32 -3.68 -12.63
N GLN A 34 12.72 -4.76 -13.30
CA GLN A 34 14.13 -5.00 -13.57
C GLN A 34 15.01 -4.44 -12.45
N MET A 35 15.15 -5.21 -11.37
CA MET A 35 15.96 -4.78 -10.24
C MET A 35 15.97 -5.85 -9.15
N GLU A 36 16.60 -5.53 -8.02
CA GLU A 36 16.68 -6.47 -6.91
C GLU A 36 15.51 -6.29 -5.95
N GLU A 37 14.86 -7.40 -5.62
CA GLU A 37 13.71 -7.37 -4.72
C GLU A 37 13.83 -8.45 -3.64
N GLN A 38 13.57 -9.69 -4.02
CA GLN A 38 13.64 -10.81 -3.08
C GLN A 38 14.97 -10.79 -2.32
N ARG A 39 15.96 -10.10 -2.89
CA ARG A 39 17.27 -10.00 -2.26
C ARG A 39 17.40 -8.70 -1.47
N ARG A 40 17.33 -7.58 -2.17
CA ARG A 40 17.44 -6.26 -1.56
C ARG A 40 16.19 -5.95 -0.73
N ILE A 41 15.05 -5.91 -1.40
CA ILE A 41 13.78 -5.61 -0.73
C ILE A 41 13.62 -6.46 0.52
N MET A 42 14.09 -7.71 0.46
CA MET A 42 13.99 -8.62 1.59
C MET A 42 15.06 -8.31 2.64
N LEU A 43 16.25 -7.97 2.17
CA LEU A 43 17.35 -7.63 3.07
C LEU A 43 17.01 -6.43 3.94
N ARG A 44 16.27 -5.49 3.37
CA ARG A 44 15.88 -4.28 4.09
C ARG A 44 14.65 -4.55 4.95
N ALA A 45 13.77 -5.43 4.47
CA ALA A 45 12.55 -5.77 5.19
C ALA A 45 12.84 -6.00 6.68
N VAL A 46 14.01 -6.56 6.96
CA VAL A 46 14.41 -6.83 8.34
C VAL A 46 14.23 -5.59 9.22
N LEU A 47 14.63 -4.44 8.70
CA LEU A 47 14.51 -3.18 9.43
C LEU A 47 13.05 -2.74 9.52
N THR A 48 12.82 -1.62 10.19
CA THR A 48 11.47 -1.09 10.34
C THR A 48 11.47 0.19 11.17
N PRO A 49 10.84 1.25 10.64
CA PRO A 49 10.75 2.54 11.32
C PRO A 49 9.85 2.49 12.54
N ALA A 50 9.47 3.66 13.05
CA ALA A 50 8.61 3.75 14.22
C ALA A 50 7.22 4.25 13.83
N ALA A 51 6.83 4.03 12.57
CA ALA A 51 5.53 4.46 12.08
C ALA A 51 4.40 3.77 12.85
N GLN A 52 4.67 2.55 13.31
CA GLN A 52 3.67 1.79 14.07
C GLN A 52 3.06 2.65 15.17
N GLU A 53 3.86 3.54 15.73
CA GLU A 53 3.39 4.42 16.80
C GLU A 53 2.11 5.15 16.39
N ARG A 54 2.26 6.18 15.56
CA ARG A 54 1.12 6.95 15.09
C ARG A 54 0.07 6.05 14.44
N LEU A 55 0.55 5.03 13.73
CA LEU A 55 -0.33 4.09 13.05
C LEU A 55 -1.31 3.45 14.03
N HIS A 56 -0.78 2.63 14.93
CA HIS A 56 -1.61 1.96 15.93
C HIS A 56 -2.44 2.97 16.71
N ARG A 57 -1.98 4.22 16.75
CA ARG A 57 -2.69 5.27 17.47
C ARG A 57 -3.87 5.78 16.65
N ILE A 58 -3.59 6.59 15.64
CA ILE A 58 -4.64 7.15 14.79
C ILE A 58 -5.60 6.06 14.33
N GLN A 59 -5.10 4.84 14.23
CA GLN A 59 -5.91 3.70 13.80
C GLN A 59 -6.75 3.16 14.96
N LEU A 60 -6.23 3.34 16.18
CA LEU A 60 -6.92 2.87 17.38
C LEU A 60 -8.36 3.37 17.40
N VAL A 61 -8.57 4.58 16.92
CA VAL A 61 -9.90 5.18 16.88
C VAL A 61 -10.51 5.10 15.49
N LYS A 62 -9.69 5.33 14.47
CA LYS A 62 -10.13 5.29 13.09
C LYS A 62 -9.92 3.90 12.50
N ALA A 63 -10.60 2.90 13.07
CA ALA A 63 -10.48 1.53 12.59
C ALA A 63 -11.07 1.39 11.19
N ASP A 64 -12.35 1.74 11.06
CA ASP A 64 -13.03 1.64 9.77
C ASP A 64 -12.23 2.35 8.68
N LYS A 65 -11.63 3.47 9.03
CA LYS A 65 -10.83 4.24 8.08
C LYS A 65 -9.42 3.66 7.97
N ALA A 66 -8.99 2.93 8.99
CA ALA A 66 -7.67 2.32 8.99
C ALA A 66 -7.66 1.00 8.22
N ARG A 67 -8.82 0.34 8.17
CA ARG A 67 -8.94 -0.93 7.47
C ARG A 67 -8.71 -0.74 5.97
N GLU A 68 -9.15 0.40 5.44
CA GLU A 68 -8.99 0.70 4.02
C GLU A 68 -7.61 1.25 3.74
N VAL A 69 -7.00 1.88 4.74
CA VAL A 69 -5.67 2.46 4.59
C VAL A 69 -4.59 1.41 4.83
N GLU A 70 -4.92 0.40 5.63
CA GLU A 70 -3.96 -0.68 5.92
C GLU A 70 -3.77 -1.58 4.71
N ALA A 71 -4.78 -1.65 3.86
CA ALA A 71 -4.72 -2.47 2.66
C ALA A 71 -3.46 -2.16 1.85
N LEU A 72 -3.14 -0.87 1.74
CA LEU A 72 -1.97 -0.44 0.99
C LEU A 72 -0.70 -0.62 1.81
N ILE A 73 -0.69 -0.05 3.01
CA ILE A 73 0.47 -0.14 3.90
C ILE A 73 0.82 -1.60 4.17
N LEU A 74 -0.14 -2.49 3.95
CA LEU A 74 0.07 -3.91 4.18
C LEU A 74 1.24 -4.42 3.35
N GLN A 75 1.59 -3.69 2.30
CA GLN A 75 2.70 -4.07 1.42
C GLN A 75 3.88 -3.12 1.61
N ASN A 76 3.94 -2.47 2.76
CA ASN A 76 5.02 -1.53 3.05
C ASN A 76 5.44 -1.63 4.52
N ALA A 77 4.50 -1.37 5.42
CA ALA A 77 4.76 -1.43 6.85
C ALA A 77 4.99 -2.87 7.31
N GLN A 78 4.37 -3.81 6.62
CA GLN A 78 4.50 -5.23 6.95
C GLN A 78 5.64 -5.86 6.17
N ARG A 79 5.95 -5.30 5.00
CA ARG A 79 7.02 -5.82 4.16
C ARG A 79 8.37 -5.32 4.64
N GLY A 80 8.37 -4.51 5.69
CA GLY A 80 9.60 -3.97 6.23
C GLY A 80 10.17 -2.87 5.36
N ARG A 81 9.30 -2.10 4.74
CA ARG A 81 9.73 -0.99 3.88
C ARG A 81 10.60 -1.51 2.74
N LEU A 82 10.01 -1.60 1.55
CA LEU A 82 10.73 -2.09 0.38
C LEU A 82 11.89 -1.16 0.04
N ALA A 83 11.75 0.12 0.38
CA ALA A 83 12.79 1.10 0.12
C ALA A 83 12.78 1.54 -1.34
N ASP A 84 12.31 0.66 -2.21
CA ASP A 84 12.24 0.96 -3.63
C ASP A 84 10.80 0.91 -4.13
N LYS A 85 10.09 -0.15 -3.76
CA LYS A 85 8.70 -0.32 -4.17
C LYS A 85 7.75 0.08 -3.04
N VAL A 86 8.15 1.07 -2.25
CA VAL A 86 7.33 1.54 -1.15
C VAL A 86 5.90 1.81 -1.59
N ASP A 87 4.95 1.43 -0.75
CA ASP A 87 3.53 1.65 -1.06
C ASP A 87 3.28 3.06 -1.56
N GLU A 88 2.33 3.20 -2.47
CA GLU A 88 1.99 4.50 -3.03
C GLU A 88 1.08 5.29 -2.09
N ALA A 89 0.36 4.56 -1.23
CA ALA A 89 -0.54 5.18 -0.27
C ALA A 89 0.22 5.77 0.90
N THR A 90 1.54 5.62 0.88
CA THR A 90 2.39 6.13 1.96
C THR A 90 2.08 7.61 2.24
N LEU A 91 1.65 8.32 1.22
CA LEU A 91 1.32 9.74 1.36
C LEU A 91 -0.18 9.96 1.22
N ILE A 92 -0.87 8.97 0.67
CA ILE A 92 -2.32 9.07 0.48
C ILE A 92 -3.04 9.17 1.81
N GLU A 93 -2.51 8.48 2.83
CA GLU A 93 -3.11 8.50 4.15
C GLU A 93 -2.64 9.71 4.95
N LEU A 94 -1.35 10.04 4.82
CA LEU A 94 -0.78 11.18 5.52
C LEU A 94 -1.49 12.47 5.15
N LEU A 95 -2.11 12.48 3.98
CA LEU A 95 -2.84 13.65 3.50
C LEU A 95 -4.32 13.54 3.83
N GLN A 96 -4.82 12.30 3.89
CA GLN A 96 -6.23 12.06 4.18
C GLN A 96 -6.54 12.40 5.64
N GLN A 97 -5.52 12.32 6.49
CA GLN A 97 -5.69 12.62 7.91
C GLN A 97 -5.58 14.12 8.17
N THR A 98 -4.53 14.73 7.63
CA THR A 98 -4.32 16.17 7.80
C THR A 98 -4.75 16.94 6.56
N SER A 99 -5.77 16.43 5.87
CA SER A 99 -6.27 17.08 4.66
C SER A 99 -6.55 18.55 4.91
N ALA A 100 -6.91 18.88 6.15
CA ALA A 100 -7.21 20.26 6.51
C ALA A 100 -6.16 20.80 7.49
N ALA A 101 -6.19 20.30 8.72
CA ALA A 101 -5.25 20.74 9.74
C ALA A 101 -5.50 20.03 11.07
N SER A 102 -4.51 19.27 11.52
CA SER A 102 -4.63 18.54 12.78
C SER A 102 -3.52 18.93 13.75
N ALA A 103 -2.32 18.46 13.48
CA ALA A 103 -1.17 18.75 14.33
C ALA A 103 -1.32 18.11 15.70
N ALA A 104 -0.34 17.30 16.08
CA ALA A 104 -0.37 16.63 17.38
C ALA A 104 -1.55 15.67 17.47
N LYS A 105 -1.44 14.71 18.38
CA LYS A 105 -2.51 13.72 18.58
C LYS A 105 -2.70 13.42 20.07
N ASN A 106 -2.90 14.47 20.86
CA ASN A 106 -3.10 14.32 22.30
C ASN A 106 -2.00 13.46 22.91
N THR A 107 -2.19 13.07 24.17
CA THR A 107 -1.21 12.25 24.87
C THR A 107 0.17 12.89 24.87
N PRO A 108 1.02 12.46 25.79
CA PRO A 108 0.68 11.42 26.77
C PRO A 108 -0.34 11.90 27.80
N LYS A 109 -1.34 11.09 28.06
CA LYS A 109 -2.38 11.43 29.02
C LYS A 109 -3.20 12.63 28.54
N VAL A 110 -4.52 12.45 28.48
CA VAL A 110 -5.41 13.51 28.04
C VAL A 110 -5.30 14.73 28.94
N THR A 111 -4.96 15.87 28.36
CA THR A 111 -4.82 17.11 29.11
C THR A 111 -6.15 17.52 29.74
N MET A 112 -7.23 17.27 29.01
CA MET A 112 -8.56 17.62 29.50
C MET A 112 -8.66 19.11 29.80
N ARG A 113 -7.79 19.90 29.19
CA ARG A 113 -7.78 21.34 29.40
C ARG A 113 -7.85 22.09 28.07
N ARG A 114 -6.70 22.31 27.45
CA ARG A 114 -6.64 23.01 26.18
C ARG A 114 -6.63 22.01 25.02
N ARG A 115 -6.37 22.53 23.81
CA ARG A 115 -6.32 21.69 22.62
C ARG A 115 -7.60 20.89 22.47
N PHE A 116 -7.64 20.01 21.48
CA PHE A 116 -8.81 19.17 21.23
C PHE A 116 -8.56 18.21 20.08
N SER A 117 -9.30 17.10 20.06
CA SER A 117 -9.16 16.10 19.02
C SER A 117 -9.21 16.74 17.63
N ASP A 118 -8.03 16.92 17.03
CA ASP A 118 -7.95 17.51 15.70
C ASP A 118 -8.99 16.92 14.76
N ASP A 119 -9.00 15.59 14.67
CA ASP A 119 -9.95 14.90 13.80
C ASP A 119 -11.37 15.39 14.05
N ASP A 120 -11.76 15.45 15.32
CA ASP A 120 -13.09 15.91 15.70
C ASP A 120 -13.42 17.24 15.02
N ASP A 121 -12.41 18.10 14.88
CA ASP A 121 -12.59 19.40 14.26
C ASP A 121 -13.25 19.26 12.89
N ASP A 122 -13.01 18.12 12.25
CA ASP A 122 -13.58 17.85 10.93
C ASP A 122 -14.61 16.73 10.99
N PHE A 123 -15.56 16.86 11.91
CA PHE A 123 -16.60 15.85 12.07
C PHE A 123 -17.94 16.50 12.40
N SER A 1 -11.86 -9.74 -9.14
CA SER A 1 -10.60 -10.15 -9.75
C SER A 1 -10.01 -11.37 -9.03
N MET A 2 -10.12 -12.52 -9.68
CA MET A 2 -9.61 -13.76 -9.10
C MET A 2 -8.71 -14.49 -10.10
N GLN A 3 -7.40 -14.31 -9.97
CA GLN A 3 -6.44 -14.95 -10.85
C GLN A 3 -5.77 -16.13 -10.17
N PRO A 4 -5.22 -17.05 -10.97
CA PRO A 4 -5.25 -16.94 -12.44
C PRO A 4 -6.65 -17.15 -13.00
N GLU A 5 -6.78 -16.98 -14.32
CA GLU A 5 -8.08 -17.14 -14.97
C GLU A 5 -8.64 -18.54 -14.72
N GLU A 6 -9.93 -18.59 -14.38
CA GLU A 6 -10.59 -19.86 -14.09
C GLU A 6 -10.61 -20.74 -15.34
N PHE A 7 -10.58 -20.11 -16.51
CA PHE A 7 -10.60 -20.84 -17.77
C PHE A 7 -9.18 -21.09 -18.27
N ALA A 8 -8.25 -21.30 -17.34
CA ALA A 8 -6.87 -21.55 -17.69
C ALA A 8 -6.74 -22.74 -18.65
N ALA A 9 -5.52 -23.03 -19.06
CA ALA A 9 -5.27 -24.14 -19.98
C ALA A 9 -5.93 -23.89 -21.33
N ALA A 10 -5.23 -23.20 -22.22
CA ALA A 10 -5.75 -22.90 -23.54
C ALA A 10 -6.91 -21.92 -23.47
N ALA A 11 -6.60 -20.63 -23.58
CA ALA A 11 -7.63 -19.60 -23.52
C ALA A 11 -7.50 -18.64 -24.70
N ARG A 12 -6.26 -18.34 -25.09
CA ARG A 12 -6.01 -17.44 -26.20
C ARG A 12 -6.68 -16.08 -25.97
N GLY A 13 -5.94 -15.16 -25.35
CA GLY A 13 -6.48 -13.84 -25.08
C GLY A 13 -5.92 -13.24 -23.81
N GLY A 14 -4.69 -12.73 -23.88
CA GLY A 14 -4.07 -12.14 -22.72
C GLY A 14 -3.93 -13.11 -21.57
N PHE A 15 -2.92 -13.97 -21.64
CA PHE A 15 -2.70 -14.96 -20.59
C PHE A 15 -3.81 -16.01 -20.58
N GLY A 16 -5.00 -15.58 -20.16
CA GLY A 16 -6.13 -16.48 -20.10
C GLY A 16 -5.89 -17.64 -19.15
N GLY A 17 -5.32 -17.35 -17.99
CA GLY A 17 -5.05 -18.39 -17.02
C GLY A 17 -3.71 -19.07 -17.24
N ASP A 18 -3.21 -18.99 -18.48
CA ASP A 18 -1.94 -19.59 -18.83
C ASP A 18 -0.77 -18.76 -18.29
N ALA A 19 -0.31 -19.12 -17.10
CA ALA A 19 0.80 -18.41 -16.46
C ALA A 19 1.97 -18.26 -17.43
N GLU A 20 2.13 -19.23 -18.32
CA GLU A 20 3.21 -19.20 -19.29
C GLU A 20 3.30 -17.84 -19.98
N LYS A 21 2.16 -17.35 -20.45
CA LYS A 21 2.10 -16.06 -21.12
C LYS A 21 2.60 -14.95 -20.21
N ALA A 22 2.12 -14.94 -18.97
CA ALA A 22 2.52 -13.93 -17.99
C ALA A 22 4.04 -13.82 -17.91
N LYS A 23 4.72 -14.92 -18.18
CA LYS A 23 6.18 -14.95 -18.15
C LYS A 23 6.77 -14.18 -19.33
N ALA A 24 6.56 -14.71 -20.53
CA ALA A 24 7.07 -14.08 -21.74
C ALA A 24 6.49 -12.68 -21.91
N ALA A 25 5.17 -12.59 -21.90
CA ALA A 25 4.48 -11.31 -22.05
C ALA A 25 5.14 -10.24 -21.18
N GLU A 26 5.23 -10.51 -19.88
CA GLU A 26 5.82 -9.57 -18.95
C GLU A 26 7.32 -9.39 -19.23
N ALA A 27 7.97 -10.48 -19.62
CA ALA A 27 9.40 -10.45 -19.91
C ALA A 27 9.73 -9.30 -20.85
N GLN A 28 8.98 -9.19 -21.95
CA GLN A 28 9.20 -8.13 -22.92
C GLN A 28 9.33 -6.77 -22.23
N GLU A 29 8.51 -6.56 -21.21
CA GLU A 29 8.52 -5.30 -20.47
C GLU A 29 9.64 -5.29 -19.44
N ALA A 30 9.77 -6.41 -18.71
CA ALA A 30 10.80 -6.53 -17.68
C ALA A 30 12.18 -6.19 -18.24
N MET A 31 12.34 -6.36 -19.55
CA MET A 31 13.61 -6.08 -20.21
C MET A 31 13.91 -4.59 -20.18
N ARG A 32 12.93 -3.78 -20.56
CA ARG A 32 13.10 -2.33 -20.57
C ARG A 32 13.59 -1.83 -19.23
N GLN A 33 12.92 -2.24 -18.16
CA GLN A 33 13.29 -1.81 -16.81
C GLN A 33 14.56 -2.53 -16.35
N GLN A 34 14.72 -3.78 -16.77
CA GLN A 34 15.90 -4.56 -16.41
C GLN A 34 16.41 -4.16 -15.04
N MET A 35 15.83 -4.75 -13.99
CA MET A 35 16.24 -4.46 -12.62
C MET A 35 15.71 -5.51 -11.66
N GLU A 36 16.01 -5.34 -10.38
CA GLU A 36 15.57 -6.28 -9.36
C GLU A 36 14.22 -5.86 -8.80
N GLU A 37 13.25 -6.78 -8.82
CA GLU A 37 11.92 -6.51 -8.31
C GLU A 37 11.32 -7.74 -7.65
N GLN A 38 10.85 -8.68 -8.48
CA GLN A 38 10.26 -9.91 -7.96
C GLN A 38 11.16 -10.56 -6.92
N ARG A 39 12.44 -10.22 -6.95
CA ARG A 39 13.41 -10.77 -6.00
C ARG A 39 13.64 -9.80 -4.85
N ARG A 40 14.18 -8.63 -5.15
CA ARG A 40 14.45 -7.64 -4.13
C ARG A 40 13.16 -7.03 -3.59
N ILE A 41 12.38 -6.43 -4.47
CA ILE A 41 11.11 -5.82 -4.09
C ILE A 41 10.27 -6.78 -3.26
N MET A 42 10.32 -8.06 -3.62
CA MET A 42 9.57 -9.08 -2.90
C MET A 42 10.26 -9.45 -1.60
N LEU A 43 11.59 -9.59 -1.64
CA LEU A 43 12.36 -9.94 -0.47
C LEU A 43 12.24 -8.86 0.61
N ARG A 44 12.06 -7.62 0.18
CA ARG A 44 11.92 -6.50 1.11
C ARG A 44 10.53 -6.46 1.71
N ALA A 45 9.52 -6.66 0.88
CA ALA A 45 8.13 -6.66 1.33
C ALA A 45 7.97 -7.48 2.61
N VAL A 46 8.80 -8.50 2.76
CA VAL A 46 8.75 -9.35 3.93
C VAL A 46 8.55 -8.54 5.20
N LEU A 47 9.61 -7.84 5.63
CA LEU A 47 9.56 -7.03 6.83
C LEU A 47 8.59 -5.86 6.65
N THR A 48 8.30 -5.16 7.74
CA THR A 48 7.38 -4.03 7.71
C THR A 48 7.17 -3.46 9.11
N PRO A 49 6.98 -2.14 9.19
CA PRO A 49 6.76 -1.44 10.46
C PRO A 49 5.40 -1.75 11.05
N ALA A 50 4.98 -0.95 12.03
CA ALA A 50 3.69 -1.14 12.69
C ALA A 50 2.73 -0.01 12.35
N ALA A 51 3.01 0.68 11.24
CA ALA A 51 2.17 1.79 10.80
C ALA A 51 0.74 1.32 10.51
N GLN A 52 0.61 0.08 10.07
CA GLN A 52 -0.69 -0.50 9.76
C GLN A 52 -1.68 -0.25 10.90
N GLU A 53 -1.17 -0.22 12.13
CA GLU A 53 -2.01 0.01 13.29
C GLU A 53 -2.83 1.28 13.14
N ARG A 54 -2.18 2.43 13.32
CA ARG A 54 -2.85 3.71 13.19
C ARG A 54 -3.47 3.87 11.81
N LEU A 55 -2.81 3.31 10.80
CA LEU A 55 -3.30 3.40 9.44
C LEU A 55 -4.72 2.81 9.32
N HIS A 56 -4.87 1.58 9.77
CA HIS A 56 -6.17 0.91 9.72
C HIS A 56 -7.19 1.63 10.62
N ARG A 57 -6.70 2.18 11.72
CA ARG A 57 -7.56 2.89 12.66
C ARG A 57 -8.20 4.11 12.00
N ILE A 58 -7.37 4.95 11.38
CA ILE A 58 -7.85 6.14 10.71
C ILE A 58 -8.50 5.80 9.38
N GLN A 59 -7.82 5.00 8.57
CA GLN A 59 -8.34 4.60 7.27
C GLN A 59 -9.66 3.87 7.41
N LEU A 60 -9.89 3.29 8.59
CA LEU A 60 -11.13 2.56 8.86
C LEU A 60 -12.34 3.39 8.49
N VAL A 61 -12.34 4.65 8.90
CA VAL A 61 -13.45 5.56 8.60
C VAL A 61 -13.20 6.33 7.30
N LYS A 62 -11.95 6.74 7.11
CA LYS A 62 -11.58 7.49 5.92
C LYS A 62 -11.08 6.55 4.82
N ALA A 63 -11.95 5.66 4.37
CA ALA A 63 -11.61 4.70 3.33
C ALA A 63 -11.36 5.41 2.00
N ASP A 64 -12.35 6.15 1.53
CA ASP A 64 -12.25 6.88 0.28
C ASP A 64 -10.99 7.76 0.26
N LYS A 65 -10.68 8.34 1.40
CA LYS A 65 -9.50 9.21 1.52
C LYS A 65 -8.25 8.37 1.75
N ALA A 66 -8.44 7.14 2.20
CA ALA A 66 -7.31 6.24 2.46
C ALA A 66 -6.83 5.58 1.18
N ARG A 67 -7.75 5.33 0.25
CA ARG A 67 -7.41 4.71 -1.02
C ARG A 67 -6.48 5.60 -1.84
N GLU A 68 -6.66 6.91 -1.71
CA GLU A 68 -5.83 7.87 -2.44
C GLU A 68 -4.49 8.05 -1.74
N VAL A 69 -4.48 7.87 -0.43
CA VAL A 69 -3.26 8.02 0.35
C VAL A 69 -2.35 6.79 0.20
N GLU A 70 -2.97 5.63 0.03
CA GLU A 70 -2.23 4.38 -0.12
C GLU A 70 -1.64 4.27 -1.52
N ALA A 71 -2.33 4.86 -2.50
CA ALA A 71 -1.88 4.83 -3.88
C ALA A 71 -0.47 5.39 -4.01
N LEU A 72 -0.15 6.39 -3.20
CA LEU A 72 1.16 7.02 -3.22
C LEU A 72 2.18 6.18 -2.47
N ILE A 73 1.89 5.90 -1.20
CA ILE A 73 2.77 5.10 -0.37
C ILE A 73 2.98 3.71 -0.96
N LEU A 74 2.07 3.30 -1.85
CA LEU A 74 2.15 2.00 -2.50
C LEU A 74 3.47 1.85 -3.25
N GLN A 75 4.11 2.98 -3.55
CA GLN A 75 5.37 2.97 -4.28
C GLN A 75 6.37 2.04 -3.62
N ASN A 76 6.22 1.84 -2.31
CA ASN A 76 7.11 0.96 -1.56
C ASN A 76 6.33 0.18 -0.50
N ALA A 77 5.45 0.86 0.21
CA ALA A 77 4.64 0.23 1.25
C ALA A 77 3.91 -1.01 0.70
N GLN A 78 3.52 -0.93 -0.57
CA GLN A 78 2.81 -2.04 -1.21
C GLN A 78 3.72 -2.77 -2.19
N ARG A 79 4.73 -2.06 -2.70
CA ARG A 79 5.67 -2.65 -3.65
C ARG A 79 6.90 -3.18 -2.93
N GLY A 80 6.77 -3.40 -1.62
CA GLY A 80 7.89 -3.91 -0.84
C GLY A 80 8.92 -2.83 -0.54
N ARG A 81 8.80 -2.20 0.63
CA ARG A 81 9.73 -1.15 1.03
C ARG A 81 11.03 -1.25 0.24
N LEU A 82 11.37 -0.18 -0.47
CA LEU A 82 12.59 -0.14 -1.27
C LEU A 82 13.75 0.42 -0.46
N ALA A 83 13.56 1.62 0.10
CA ALA A 83 14.58 2.27 0.90
C ALA A 83 15.63 2.95 0.02
N ASP A 84 16.01 2.27 -1.06
CA ASP A 84 17.00 2.81 -1.98
C ASP A 84 16.33 3.67 -3.05
N LYS A 85 15.18 3.24 -3.52
CA LYS A 85 14.44 3.98 -4.54
C LYS A 85 13.08 4.42 -4.02
N VAL A 86 12.99 4.61 -2.70
CA VAL A 86 11.74 5.02 -2.08
C VAL A 86 11.18 6.26 -2.75
N ASP A 87 9.86 6.44 -2.68
CA ASP A 87 9.19 7.58 -3.28
C ASP A 87 9.45 8.85 -2.47
N GLU A 88 8.68 9.89 -2.75
CA GLU A 88 8.83 11.16 -2.04
C GLU A 88 7.60 11.46 -1.18
N ALA A 89 6.55 10.67 -1.38
CA ALA A 89 5.31 10.84 -0.63
C ALA A 89 5.44 10.26 0.77
N THR A 90 6.61 9.73 1.08
CA THR A 90 6.85 9.15 2.40
C THR A 90 6.50 10.12 3.52
N LEU A 91 6.60 11.42 3.22
CA LEU A 91 6.28 12.45 4.19
C LEU A 91 5.05 13.24 3.78
N ILE A 92 4.67 13.10 2.51
CA ILE A 92 3.50 13.79 1.98
C ILE A 92 2.23 13.35 2.70
N GLU A 93 2.15 12.07 3.02
CA GLU A 93 0.99 11.52 3.71
C GLU A 93 1.09 11.72 5.21
N LEU A 94 2.31 11.55 5.74
CA LEU A 94 2.55 11.71 7.16
C LEU A 94 2.17 13.11 7.63
N LEU A 95 2.21 14.06 6.70
CA LEU A 95 1.87 15.45 7.02
C LEU A 95 0.40 15.73 6.69
N GLN A 96 -0.14 15.01 5.72
CA GLN A 96 -1.53 15.18 5.32
C GLN A 96 -2.48 14.68 6.41
N GLN A 97 -2.04 13.69 7.17
CA GLN A 97 -2.84 13.13 8.26
C GLN A 97 -2.78 14.02 9.50
N THR A 98 -1.61 14.58 9.75
CA THR A 98 -1.42 15.45 10.91
C THR A 98 -0.79 16.78 10.50
N SER A 99 -1.46 17.50 9.60
CA SER A 99 -0.96 18.79 9.13
C SER A 99 -1.21 19.88 10.17
N ALA A 100 -1.83 19.50 11.28
CA ALA A 100 -2.12 20.44 12.35
C ALA A 100 -1.38 20.07 13.64
N ALA A 101 -1.67 18.87 14.14
CA ALA A 101 -1.03 18.39 15.36
C ALA A 101 -1.16 16.88 15.50
N SER A 102 -2.29 16.35 15.05
CA SER A 102 -2.55 14.92 15.12
C SER A 102 -3.80 14.55 14.35
N ALA A 103 -4.76 15.46 14.33
CA ALA A 103 -6.03 15.23 13.62
C ALA A 103 -6.84 14.14 14.31
N ALA A 104 -8.14 14.40 14.47
CA ALA A 104 -9.04 13.44 15.11
C ALA A 104 -8.66 13.23 16.57
N LYS A 105 -9.66 12.95 17.40
CA LYS A 105 -9.44 12.74 18.82
C LYS A 105 -10.29 11.57 19.33
N ASN A 106 -11.60 11.78 19.39
CA ASN A 106 -12.52 10.75 19.85
C ASN A 106 -13.88 10.89 19.19
N THR A 107 -14.45 12.10 19.26
CA THR A 107 -15.75 12.37 18.67
C THR A 107 -16.85 11.57 19.37
N PRO A 108 -18.00 12.23 19.59
CA PRO A 108 -18.20 13.63 19.21
C PRO A 108 -17.37 14.59 20.05
N LYS A 109 -16.72 15.55 19.38
CA LYS A 109 -15.89 16.53 20.08
C LYS A 109 -14.72 15.86 20.78
N VAL A 110 -14.98 15.34 21.97
CA VAL A 110 -13.94 14.67 22.75
C VAL A 110 -14.51 13.47 23.51
N THR A 111 -13.64 12.54 23.90
CA THR A 111 -14.05 11.36 24.63
C THR A 111 -14.96 11.72 25.80
N MET A 112 -14.63 12.82 26.47
CA MET A 112 -15.42 13.28 27.62
C MET A 112 -15.68 12.14 28.58
N ARG A 113 -14.80 11.14 28.58
CA ARG A 113 -14.94 9.99 29.46
C ARG A 113 -13.75 9.05 29.32
N ARG A 114 -12.78 9.18 30.22
CA ARG A 114 -11.59 8.33 30.19
C ARG A 114 -10.72 8.67 29.00
N ARG A 115 -9.59 7.97 28.87
CA ARG A 115 -8.67 8.20 27.77
C ARG A 115 -8.32 9.68 27.66
N PHE A 116 -7.48 10.01 26.67
CA PHE A 116 -7.06 11.39 26.46
C PHE A 116 -6.61 11.60 25.02
N SER A 117 -6.10 12.80 24.74
CA SER A 117 -5.63 13.13 23.40
C SER A 117 -4.73 12.04 22.85
N ASP A 118 -5.23 11.31 21.86
CA ASP A 118 -4.47 10.22 21.25
C ASP A 118 -3.07 10.70 20.86
N ASP A 119 -2.96 11.96 20.50
CA ASP A 119 -1.67 12.54 20.10
C ASP A 119 -0.62 12.31 21.19
N ASP A 120 -1.07 12.22 22.43
CA ASP A 120 -0.17 12.00 23.56
C ASP A 120 0.15 10.52 23.71
N ASP A 121 -0.76 9.66 23.26
CA ASP A 121 -0.58 8.23 23.34
C ASP A 121 0.08 7.68 22.09
N ASP A 122 1.00 8.47 21.52
CA ASP A 122 1.70 8.07 20.31
C ASP A 122 0.73 7.85 19.16
N PHE A 123 -0.49 8.39 19.30
CA PHE A 123 -1.51 8.26 18.28
C PHE A 123 -2.16 9.61 17.98
N SER A 1 6.99 -11.74 -33.48
CA SER A 1 6.35 -12.61 -34.46
C SER A 1 6.32 -14.05 -33.98
N MET A 2 5.24 -14.43 -33.30
CA MET A 2 5.10 -15.79 -32.78
C MET A 2 3.75 -16.38 -33.19
N GLN A 3 3.74 -17.10 -34.30
CA GLN A 3 2.52 -17.73 -34.79
C GLN A 3 2.56 -19.24 -34.62
N PRO A 4 1.38 -19.88 -34.63
CA PRO A 4 0.11 -19.18 -34.80
C PRO A 4 -0.25 -18.33 -33.58
N GLU A 5 -1.35 -17.58 -33.69
CA GLU A 5 -1.79 -16.73 -32.59
C GLU A 5 -2.87 -17.43 -31.77
N GLU A 6 -2.86 -18.75 -31.79
CA GLU A 6 -3.84 -19.54 -31.05
C GLU A 6 -3.70 -19.30 -29.54
N PHE A 7 -2.46 -19.17 -29.09
CA PHE A 7 -2.18 -18.95 -27.68
C PHE A 7 -1.76 -17.50 -27.43
N ALA A 8 -2.30 -16.59 -28.23
CA ALA A 8 -1.99 -15.18 -28.10
C ALA A 8 -0.49 -14.95 -28.03
N ALA A 9 -0.09 -13.73 -27.67
CA ALA A 9 1.32 -13.39 -27.57
C ALA A 9 2.00 -13.41 -28.93
N ALA A 10 1.61 -12.48 -29.80
CA ALA A 10 2.17 -12.40 -31.13
C ALA A 10 3.57 -11.79 -31.11
N ALA A 11 3.71 -10.69 -30.37
CA ALA A 11 4.99 -10.00 -30.26
C ALA A 11 5.44 -9.94 -28.80
N ARG A 12 4.96 -10.86 -27.99
CA ARG A 12 5.32 -10.91 -26.58
C ARG A 12 5.04 -9.57 -25.91
N GLY A 13 3.77 -9.14 -25.95
CA GLY A 13 3.40 -7.87 -25.35
C GLY A 13 3.25 -6.77 -26.37
N GLY A 14 2.83 -7.12 -27.58
CA GLY A 14 2.67 -6.13 -28.62
C GLY A 14 1.21 -5.79 -28.86
N PHE A 15 0.50 -5.44 -27.80
CA PHE A 15 -0.91 -5.09 -27.89
C PHE A 15 -1.30 -4.79 -29.33
N GLY A 16 -0.88 -3.62 -29.82
CA GLY A 16 -1.20 -3.23 -31.19
C GLY A 16 -2.49 -2.45 -31.29
N GLY A 17 -2.71 -1.55 -30.32
CA GLY A 17 -3.92 -0.76 -30.33
C GLY A 17 -4.97 -1.29 -29.36
N ASP A 18 -4.88 -2.58 -29.05
CA ASP A 18 -5.83 -3.21 -28.14
C ASP A 18 -5.42 -2.98 -26.70
N ALA A 19 -5.84 -1.83 -26.15
CA ALA A 19 -5.51 -1.49 -24.77
C ALA A 19 -5.81 -2.65 -23.83
N GLU A 20 -6.82 -3.45 -24.17
CA GLU A 20 -7.21 -4.59 -23.36
C GLU A 20 -6.02 -5.53 -23.14
N LYS A 21 -5.31 -5.83 -24.21
CA LYS A 21 -4.14 -6.71 -24.13
C LYS A 21 -3.11 -6.15 -23.17
N ALA A 22 -2.66 -4.93 -23.43
CA ALA A 22 -1.67 -4.28 -22.57
C ALA A 22 -2.03 -4.43 -21.10
N LYS A 23 -3.33 -4.54 -20.82
CA LYS A 23 -3.80 -4.69 -19.44
C LYS A 23 -3.57 -6.11 -18.93
N ALA A 24 -4.31 -7.06 -19.50
CA ALA A 24 -4.18 -8.46 -19.11
C ALA A 24 -2.75 -8.94 -19.27
N ALA A 25 -2.23 -8.83 -20.49
CA ALA A 25 -0.87 -9.26 -20.78
C ALA A 25 0.10 -8.79 -19.71
N GLU A 26 0.14 -7.48 -19.48
CA GLU A 26 1.03 -6.90 -18.48
C GLU A 26 0.84 -7.59 -17.13
N ALA A 27 -0.40 -7.95 -16.83
CA ALA A 27 -0.71 -8.63 -15.57
C ALA A 27 0.02 -9.96 -15.46
N GLN A 28 -0.22 -10.84 -16.43
CA GLN A 28 0.41 -12.15 -16.43
C GLN A 28 1.92 -12.02 -16.60
N GLU A 29 2.34 -11.03 -17.38
CA GLU A 29 3.76 -10.80 -17.63
C GLU A 29 4.46 -10.30 -16.36
N ALA A 30 3.81 -9.39 -15.66
CA ALA A 30 4.36 -8.83 -14.43
C ALA A 30 4.64 -9.92 -13.41
N MET A 31 3.63 -10.74 -13.14
CA MET A 31 3.77 -11.83 -12.18
C MET A 31 4.87 -12.80 -12.61
N ARG A 32 5.00 -13.00 -13.93
CA ARG A 32 6.00 -13.91 -14.47
C ARG A 32 7.38 -13.56 -13.93
N GLN A 33 7.54 -12.34 -13.43
CA GLN A 33 8.81 -11.90 -12.88
C GLN A 33 9.50 -13.02 -12.11
N GLN A 34 8.72 -13.77 -11.34
CA GLN A 34 9.26 -14.87 -10.55
C GLN A 34 10.58 -14.48 -9.89
N MET A 35 10.73 -13.19 -9.60
CA MET A 35 11.93 -12.69 -8.97
C MET A 35 11.82 -11.19 -8.69
N GLU A 36 12.81 -10.64 -7.98
CA GLU A 36 12.82 -9.23 -7.64
C GLU A 36 11.65 -8.88 -6.73
N GLU A 37 11.97 -8.47 -5.50
CA GLU A 37 10.94 -8.11 -4.53
C GLU A 37 11.56 -7.41 -3.33
N GLN A 38 12.21 -8.18 -2.46
CA GLN A 38 12.85 -7.63 -1.27
C GLN A 38 13.72 -6.43 -1.62
N ARG A 39 14.11 -6.35 -2.89
CA ARG A 39 14.95 -5.25 -3.35
C ARG A 39 14.12 -4.18 -4.04
N ARG A 40 13.49 -4.55 -5.16
CA ARG A 40 12.67 -3.61 -5.91
C ARG A 40 11.40 -3.25 -5.14
N ILE A 41 10.60 -4.27 -4.83
CA ILE A 41 9.36 -4.07 -4.09
C ILE A 41 9.61 -3.23 -2.83
N MET A 42 10.72 -3.50 -2.15
CA MET A 42 11.07 -2.77 -0.94
C MET A 42 11.42 -1.32 -1.25
N LEU A 43 12.20 -1.12 -2.32
CA LEU A 43 12.61 0.21 -2.73
C LEU A 43 11.41 1.12 -2.93
N ARG A 44 10.42 0.62 -3.69
CA ARG A 44 9.21 1.39 -3.96
C ARG A 44 8.37 1.55 -2.69
N ALA A 45 8.64 0.69 -1.71
CA ALA A 45 7.90 0.73 -0.44
C ALA A 45 8.35 1.91 0.41
N VAL A 46 9.55 2.41 0.13
CA VAL A 46 10.10 3.54 0.88
C VAL A 46 9.03 4.60 1.13
N LEU A 47 8.19 4.84 0.13
CA LEU A 47 7.13 5.82 0.25
C LEU A 47 6.13 5.43 1.34
N THR A 48 5.30 6.38 1.74
CA THR A 48 4.29 6.13 2.78
C THR A 48 3.61 7.42 3.20
N PRO A 49 2.31 7.32 3.55
CA PRO A 49 1.51 8.47 3.98
C PRO A 49 1.95 9.01 5.35
N ALA A 50 1.12 9.86 5.93
CA ALA A 50 1.42 10.44 7.23
C ALA A 50 0.93 9.54 8.36
N ALA A 51 0.15 8.52 8.00
CA ALA A 51 -0.38 7.58 8.98
C ALA A 51 0.70 7.11 9.94
N GLN A 52 1.92 6.99 9.42
CA GLN A 52 3.04 6.54 10.24
C GLN A 52 3.15 7.34 11.53
N GLU A 53 2.73 8.60 11.46
CA GLU A 53 2.77 9.48 12.63
C GLU A 53 1.96 8.90 13.78
N ARG A 54 0.63 8.97 13.66
CA ARG A 54 -0.26 8.45 14.69
C ARG A 54 -0.02 6.97 14.92
N LEU A 55 0.41 6.28 13.86
CA LEU A 55 0.68 4.84 13.95
C LEU A 55 1.84 4.56 14.90
N HIS A 56 3.01 5.08 14.55
CA HIS A 56 4.20 4.88 15.38
C HIS A 56 3.96 5.34 16.81
N ARG A 57 3.14 6.38 16.96
CA ARG A 57 2.83 6.92 18.28
C ARG A 57 1.87 5.99 19.02
N ILE A 58 0.65 5.89 18.51
CA ILE A 58 -0.37 5.05 19.12
C ILE A 58 0.17 3.64 19.39
N GLN A 59 1.09 3.20 18.55
CA GLN A 59 1.69 1.87 18.70
C GLN A 59 2.76 1.89 19.79
N LEU A 60 3.42 3.02 19.94
CA LEU A 60 4.47 3.16 20.96
C LEU A 60 3.94 2.82 22.35
N VAL A 61 2.66 3.11 22.56
CA VAL A 61 2.02 2.84 23.85
C VAL A 61 1.24 1.52 23.81
N LYS A 62 0.59 1.26 22.69
CA LYS A 62 -0.19 0.04 22.53
C LYS A 62 0.57 -0.98 21.68
N ALA A 63 1.55 -1.64 22.30
CA ALA A 63 2.35 -2.65 21.61
C ALA A 63 1.52 -3.88 21.28
N ASP A 64 0.91 -4.47 22.31
CA ASP A 64 0.09 -5.66 22.14
C ASP A 64 -1.05 -5.39 21.15
N LYS A 65 -1.52 -4.15 21.13
CA LYS A 65 -2.60 -3.77 20.23
C LYS A 65 -2.06 -3.35 18.86
N ALA A 66 -0.77 -3.05 18.81
CA ALA A 66 -0.13 -2.63 17.57
C ALA A 66 0.21 -3.84 16.71
N ARG A 67 0.43 -4.98 17.36
CA ARG A 67 0.76 -6.22 16.65
C ARG A 67 -0.47 -6.81 15.97
N GLU A 68 -1.61 -6.67 16.62
CA GLU A 68 -2.87 -7.20 16.09
C GLU A 68 -3.41 -6.30 14.98
N VAL A 69 -3.09 -5.01 15.06
CA VAL A 69 -3.55 -4.05 14.07
C VAL A 69 -2.59 -4.00 12.88
N GLU A 70 -1.31 -4.22 13.15
CA GLU A 70 -0.29 -4.20 12.10
C GLU A 70 -0.26 -5.53 11.35
N ALA A 71 -0.89 -6.55 11.93
CA ALA A 71 -0.93 -7.87 11.32
C ALA A 71 -1.74 -7.84 10.02
N LEU A 72 -2.91 -7.21 10.08
CA LEU A 72 -3.78 -7.11 8.91
C LEU A 72 -3.06 -6.45 7.73
N ILE A 73 -2.28 -5.42 8.03
CA ILE A 73 -1.53 -4.71 7.01
C ILE A 73 -0.08 -5.16 6.97
N LEU A 74 0.16 -6.40 7.41
CA LEU A 74 1.51 -6.96 7.42
C LEU A 74 1.78 -7.77 6.17
N GLN A 75 0.97 -7.55 5.14
CA GLN A 75 1.12 -8.26 3.87
C GLN A 75 1.28 -7.29 2.71
N ASN A 76 1.27 -6.00 3.03
CA ASN A 76 1.41 -4.97 2.00
C ASN A 76 2.34 -3.86 2.48
N ALA A 77 1.94 -3.18 3.55
CA ALA A 77 2.75 -2.09 4.11
C ALA A 77 4.09 -2.60 4.61
N GLN A 78 4.11 -3.86 5.03
CA GLN A 78 5.34 -4.47 5.54
C GLN A 78 6.02 -5.29 4.45
N ARG A 79 5.24 -5.82 3.53
CA ARG A 79 5.77 -6.64 2.44
C ARG A 79 6.59 -5.79 1.49
N GLY A 80 6.32 -4.49 1.46
CA GLY A 80 7.04 -3.58 0.59
C GLY A 80 6.14 -2.87 -0.39
N ARG A 81 4.97 -2.44 0.09
CA ARG A 81 4.01 -1.73 -0.75
C ARG A 81 3.89 -2.41 -2.12
N LEU A 82 3.40 -3.65 -2.13
CA LEU A 82 3.24 -4.40 -3.36
C LEU A 82 2.45 -3.60 -4.39
N ALA A 83 1.33 -3.04 -3.95
CA ALA A 83 0.47 -2.25 -4.83
C ALA A 83 -0.40 -3.14 -5.70
N ASP A 84 0.20 -4.21 -6.21
CA ASP A 84 -0.52 -5.16 -7.08
C ASP A 84 -1.28 -6.18 -6.25
N LYS A 85 -0.69 -6.58 -5.11
CA LYS A 85 -1.32 -7.55 -4.23
C LYS A 85 -1.88 -6.87 -2.97
N VAL A 86 -2.46 -5.70 -3.15
CA VAL A 86 -3.03 -4.95 -2.04
C VAL A 86 -3.91 -5.85 -1.17
N ASP A 87 -4.02 -5.50 0.11
CA ASP A 87 -4.82 -6.27 1.04
C ASP A 87 -6.14 -5.57 1.33
N GLU A 88 -7.04 -6.27 2.02
CA GLU A 88 -8.34 -5.71 2.35
C GLU A 88 -8.26 -4.83 3.60
N ALA A 89 -7.10 -4.85 4.25
CA ALA A 89 -6.89 -4.06 5.46
C ALA A 89 -6.68 -2.59 5.12
N THR A 90 -6.74 -2.27 3.83
CA THR A 90 -6.56 -0.89 3.37
C THR A 90 -7.47 0.06 4.13
N LEU A 91 -8.61 -0.44 4.58
CA LEU A 91 -9.57 0.36 5.32
C LEU A 91 -9.65 -0.09 6.78
N ILE A 92 -9.13 -1.28 7.05
CA ILE A 92 -9.14 -1.82 8.41
C ILE A 92 -8.30 -0.96 9.34
N GLU A 93 -7.18 -0.46 8.85
CA GLU A 93 -6.30 0.38 9.65
C GLU A 93 -6.73 1.84 9.60
N LEU A 94 -7.26 2.26 8.44
CA LEU A 94 -7.72 3.63 8.26
C LEU A 94 -8.89 3.94 9.20
N LEU A 95 -9.59 2.90 9.63
CA LEU A 95 -10.72 3.06 10.54
C LEU A 95 -10.31 2.83 11.98
N GLN A 96 -9.31 1.98 12.18
CA GLN A 96 -8.81 1.69 13.52
C GLN A 96 -8.12 2.90 14.12
N GLN A 97 -7.64 3.79 13.27
CA GLN A 97 -6.95 5.00 13.72
C GLN A 97 -7.96 6.10 14.05
N THR A 98 -9.04 6.16 13.27
CA THR A 98 -10.06 7.17 13.47
C THR A 98 -11.46 6.56 13.36
N SER A 99 -11.75 5.60 14.24
CA SER A 99 -13.04 4.93 14.23
C SER A 99 -14.08 5.75 15.00
N ALA A 100 -13.62 6.85 15.59
CA ALA A 100 -14.51 7.73 16.36
C ALA A 100 -14.71 9.06 15.65
N ALA A 101 -13.61 9.76 15.38
CA ALA A 101 -13.67 11.05 14.70
C ALA A 101 -12.34 11.36 14.00
N SER A 102 -11.25 11.20 14.74
CA SER A 102 -9.93 11.47 14.19
C SER A 102 -8.84 10.84 15.06
N ALA A 103 -9.02 10.93 16.37
CA ALA A 103 -8.06 10.37 17.32
C ALA A 103 -6.74 11.12 17.26
N ALA A 104 -6.06 11.22 18.40
CA ALA A 104 -4.79 11.91 18.47
C ALA A 104 -4.94 13.41 18.21
N LYS A 105 -4.09 14.21 18.83
CA LYS A 105 -4.13 15.65 18.66
C LYS A 105 -2.73 16.24 18.58
N ASN A 106 -2.01 15.90 17.50
CA ASN A 106 -0.66 16.38 17.31
C ASN A 106 0.32 15.69 18.25
N THR A 107 1.50 16.29 18.42
CA THR A 107 2.52 15.72 19.30
C THR A 107 3.11 14.45 18.71
N PRO A 108 4.45 14.41 18.60
CA PRO A 108 5.30 15.53 19.02
C PRO A 108 5.16 16.75 18.11
N LYS A 109 5.65 17.89 18.59
CA LYS A 109 5.58 19.13 17.82
C LYS A 109 5.53 18.84 16.32
N VAL A 110 4.50 19.36 15.65
CA VAL A 110 4.34 19.16 14.21
C VAL A 110 3.84 20.42 13.53
N THR A 111 2.58 20.76 13.80
CA THR A 111 1.98 21.96 13.22
C THR A 111 2.71 23.22 13.66
N MET A 112 2.59 23.55 14.94
CA MET A 112 3.24 24.73 15.49
C MET A 112 2.62 26.00 14.91
N ARG A 113 1.58 25.84 14.10
CA ARG A 113 0.91 26.98 13.49
C ARG A 113 -0.60 26.88 13.68
N ARG A 114 -1.06 27.18 14.89
CA ARG A 114 -2.48 27.13 15.20
C ARG A 114 -3.00 25.69 15.14
N ARG A 115 -4.15 25.44 15.76
CA ARG A 115 -4.74 24.11 15.77
C ARG A 115 -6.20 24.17 16.23
N PHE A 116 -7.05 23.38 15.58
CA PHE A 116 -8.46 23.35 15.92
C PHE A 116 -9.07 21.99 15.59
N SER A 117 -10.39 21.91 15.65
CA SER A 117 -11.11 20.66 15.36
C SER A 117 -10.58 20.03 14.08
N ASP A 118 -9.80 18.97 14.22
CA ASP A 118 -9.24 18.27 13.07
C ASP A 118 -10.23 17.26 12.51
N ASP A 119 -11.11 16.76 13.37
CA ASP A 119 -12.11 15.79 12.95
C ASP A 119 -13.00 16.35 11.85
N ASP A 120 -13.01 17.68 11.72
CA ASP A 120 -13.82 18.34 10.71
C ASP A 120 -13.44 17.86 9.32
N ASP A 121 -12.17 17.98 8.97
CA ASP A 121 -11.68 17.55 7.68
C ASP A 121 -10.85 16.28 7.79
N ASP A 122 -11.14 15.49 8.82
CA ASP A 122 -10.40 14.24 9.05
C ASP A 122 -8.91 14.43 8.82
N PHE A 123 -8.40 15.59 9.21
CA PHE A 123 -6.98 15.91 9.05
C PHE A 123 -6.53 16.91 10.09
N SER A 1 -5.89 -2.60 -36.25
CA SER A 1 -6.70 -3.59 -35.57
C SER A 1 -7.26 -3.03 -34.26
N MET A 2 -8.54 -2.66 -34.29
CA MET A 2 -9.19 -2.11 -33.10
C MET A 2 -10.57 -2.71 -32.92
N GLN A 3 -10.67 -3.76 -32.10
CA GLN A 3 -11.93 -4.41 -31.84
C GLN A 3 -12.48 -5.06 -33.11
N PRO A 4 -13.33 -6.09 -32.94
CA PRO A 4 -13.71 -6.59 -31.61
C PRO A 4 -12.55 -7.28 -30.90
N GLU A 5 -12.41 -7.01 -29.60
CA GLU A 5 -11.35 -7.61 -28.81
C GLU A 5 -11.68 -9.05 -28.46
N GLU A 6 -12.88 -9.27 -27.91
CA GLU A 6 -13.31 -10.60 -27.53
C GLU A 6 -13.41 -11.51 -28.76
N PHE A 7 -13.78 -10.94 -29.89
CA PHE A 7 -13.92 -11.69 -31.13
C PHE A 7 -12.63 -11.61 -31.95
N ALA A 8 -11.50 -11.49 -31.27
CA ALA A 8 -10.22 -11.41 -31.93
C ALA A 8 -9.81 -12.76 -32.51
N ALA A 9 -8.56 -12.86 -32.95
CA ALA A 9 -8.05 -14.10 -33.53
C ALA A 9 -7.24 -14.89 -32.51
N ALA A 10 -5.97 -14.49 -32.32
CA ALA A 10 -5.09 -15.16 -31.37
C ALA A 10 -4.88 -14.30 -30.13
N ALA A 11 -4.04 -13.30 -30.24
CA ALA A 11 -3.75 -12.41 -29.11
C ALA A 11 -2.85 -11.26 -29.55
N ARG A 12 -1.91 -11.55 -30.44
CA ARG A 12 -0.98 -10.54 -30.94
C ARG A 12 -0.11 -10.01 -29.80
N GLY A 13 0.66 -10.90 -29.19
CA GLY A 13 1.53 -10.50 -28.10
C GLY A 13 0.83 -9.64 -27.08
N GLY A 14 -0.48 -9.85 -26.94
CA GLY A 14 -1.25 -9.08 -25.98
C GLY A 14 -2.40 -9.87 -25.38
N PHE A 15 -2.20 -11.17 -25.23
CA PHE A 15 -3.23 -12.05 -24.67
C PHE A 15 -4.62 -11.62 -25.14
N GLY A 16 -4.70 -11.16 -26.38
CA GLY A 16 -5.97 -10.73 -26.93
C GLY A 16 -7.06 -11.77 -26.75
N GLY A 17 -6.67 -13.04 -26.64
CA GLY A 17 -7.63 -14.10 -26.46
C GLY A 17 -7.03 -15.32 -25.79
N ASP A 18 -5.78 -15.62 -26.11
CA ASP A 18 -5.09 -16.77 -25.53
C ASP A 18 -4.67 -16.47 -24.09
N ALA A 19 -5.54 -16.83 -23.15
CA ALA A 19 -5.26 -16.60 -21.73
C ALA A 19 -3.90 -17.19 -21.34
N GLU A 20 -3.48 -18.22 -22.06
CA GLU A 20 -2.21 -18.87 -21.79
C GLU A 20 -1.08 -17.84 -21.69
N LYS A 21 -0.99 -16.97 -22.69
CA LYS A 21 0.04 -15.94 -22.72
C LYS A 21 0.07 -15.17 -21.41
N ALA A 22 -1.07 -14.56 -21.06
CA ALA A 22 -1.18 -13.79 -19.83
C ALA A 22 -0.60 -14.56 -18.65
N LYS A 23 -0.63 -15.88 -18.73
CA LYS A 23 -0.10 -16.73 -17.67
C LYS A 23 1.41 -16.88 -17.80
N ALA A 24 1.85 -17.54 -18.86
CA ALA A 24 3.28 -17.75 -19.11
C ALA A 24 4.01 -16.42 -19.21
N ALA A 25 3.59 -15.57 -20.15
CA ALA A 25 4.21 -14.27 -20.35
C ALA A 25 4.44 -13.57 -19.02
N GLU A 26 3.37 -13.39 -18.25
CA GLU A 26 3.45 -12.73 -16.95
C GLU A 26 4.50 -13.41 -16.07
N ALA A 27 4.61 -14.73 -16.18
CA ALA A 27 5.57 -15.48 -15.40
C ALA A 27 7.00 -15.08 -15.73
N GLN A 28 7.27 -14.88 -17.01
CA GLN A 28 8.60 -14.49 -17.46
C GLN A 28 9.03 -13.18 -16.82
N GLU A 29 8.09 -12.26 -16.68
CA GLU A 29 8.37 -10.96 -16.08
C GLU A 29 8.53 -11.09 -14.57
N ALA A 30 7.57 -11.73 -13.93
CA ALA A 30 7.61 -11.92 -12.48
C ALA A 30 8.82 -12.74 -12.07
N MET A 31 9.25 -13.65 -12.94
CA MET A 31 10.40 -14.50 -12.66
C MET A 31 11.70 -13.71 -12.84
N ARG A 32 11.71 -12.83 -13.83
CA ARG A 32 12.90 -12.01 -14.11
C ARG A 32 13.40 -11.32 -12.85
N GLN A 33 12.47 -11.05 -11.93
CA GLN A 33 12.81 -10.38 -10.68
C GLN A 33 13.83 -11.19 -9.89
N GLN A 34 13.75 -12.51 -10.03
CA GLN A 34 14.67 -13.40 -9.32
C GLN A 34 16.04 -12.76 -9.16
N MET A 35 16.22 -12.04 -8.06
CA MET A 35 17.49 -11.37 -7.78
C MET A 35 17.41 -10.57 -6.48
N GLU A 36 18.37 -9.68 -6.28
CA GLU A 36 18.42 -8.86 -5.08
C GLU A 36 17.04 -8.29 -4.75
N GLU A 37 16.55 -8.56 -3.55
CA GLU A 37 15.24 -8.07 -3.12
C GLU A 37 15.37 -7.18 -1.90
N GLN A 38 15.61 -7.78 -0.74
CA GLN A 38 15.76 -7.02 0.50
C GLN A 38 16.74 -5.87 0.33
N ARG A 39 17.59 -5.96 -0.70
CA ARG A 39 18.57 -4.93 -0.97
C ARG A 39 18.10 -4.00 -2.08
N ARG A 40 17.93 -4.56 -3.27
CA ARG A 40 17.48 -3.78 -4.42
C ARG A 40 16.02 -3.37 -4.25
N ILE A 41 15.14 -4.35 -4.12
CA ILE A 41 13.71 -4.09 -3.95
C ILE A 41 13.47 -3.08 -2.83
N MET A 42 14.24 -3.19 -1.76
CA MET A 42 14.10 -2.28 -0.62
C MET A 42 14.61 -0.89 -0.99
N LEU A 43 15.74 -0.83 -1.68
CA LEU A 43 16.33 0.44 -2.09
C LEU A 43 15.37 1.22 -2.97
N ARG A 44 14.79 0.54 -3.96
CA ARG A 44 13.85 1.17 -4.88
C ARG A 44 12.54 1.49 -4.17
N ALA A 45 12.33 0.87 -3.02
CA ALA A 45 11.11 1.10 -2.25
C ALA A 45 11.34 2.09 -1.12
N VAL A 46 12.60 2.47 -0.93
CA VAL A 46 12.97 3.42 0.12
C VAL A 46 11.92 4.54 0.23
N LEU A 47 11.43 4.99 -0.90
CA LEU A 47 10.42 6.05 -0.92
C LEU A 47 9.27 5.73 0.03
N THR A 48 8.44 6.73 0.30
CA THR A 48 7.30 6.56 1.20
C THR A 48 6.54 7.87 1.38
N PRO A 49 5.21 7.77 1.53
CA PRO A 49 4.35 8.93 1.72
C PRO A 49 4.54 9.60 3.08
N ALA A 50 3.62 10.48 3.44
CA ALA A 50 3.70 11.17 4.72
C ALA A 50 2.74 10.56 5.74
N ALA A 51 2.19 9.39 5.41
CA ALA A 51 1.27 8.71 6.29
C ALA A 51 1.83 8.60 7.71
N GLN A 52 3.15 8.45 7.81
CA GLN A 52 3.81 8.34 9.10
C GLN A 52 3.35 9.45 10.04
N GLU A 53 3.03 10.61 9.48
CA GLU A 53 2.59 11.75 10.26
C GLU A 53 1.41 11.37 11.15
N ARG A 54 0.23 11.25 10.53
CA ARG A 54 -0.98 10.90 11.26
C ARG A 54 -0.79 9.61 12.05
N LEU A 55 -0.01 8.69 11.48
CA LEU A 55 0.25 7.40 12.12
C LEU A 55 0.83 7.60 13.52
N HIS A 56 1.93 8.35 13.60
CA HIS A 56 2.57 8.61 14.88
C HIS A 56 1.67 9.44 15.78
N ARG A 57 0.92 10.35 15.17
CA ARG A 57 0.01 11.22 15.92
C ARG A 57 -1.04 10.39 16.66
N ILE A 58 -1.71 9.51 15.93
CA ILE A 58 -2.74 8.66 16.51
C ILE A 58 -2.13 7.55 17.35
N GLN A 59 -1.13 6.87 16.79
CA GLN A 59 -0.46 5.79 17.48
C GLN A 59 0.18 6.28 18.78
N LEU A 60 0.51 7.57 18.81
CA LEU A 60 1.13 8.17 19.98
C LEU A 60 0.34 7.85 21.25
N VAL A 61 -0.98 7.99 21.16
CA VAL A 61 -1.86 7.70 22.30
C VAL A 61 -2.33 6.25 22.27
N LYS A 62 -2.63 5.75 21.08
CA LYS A 62 -3.10 4.39 20.91
C LYS A 62 -1.94 3.45 20.61
N ALA A 63 -1.04 3.30 21.57
CA ALA A 63 0.12 2.42 21.41
C ALA A 63 -0.30 0.96 21.31
N ASP A 64 -1.01 0.48 22.32
CA ASP A 64 -1.47 -0.90 22.34
C ASP A 64 -2.27 -1.23 21.09
N LYS A 65 -3.06 -0.26 20.63
CA LYS A 65 -3.87 -0.44 19.43
C LYS A 65 -3.05 -0.22 18.16
N ALA A 66 -1.89 0.42 18.33
CA ALA A 66 -1.00 0.70 17.20
C ALA A 66 -0.14 -0.52 16.86
N ARG A 67 0.23 -1.27 17.89
CA ARG A 67 1.05 -2.45 17.71
C ARG A 67 0.33 -3.49 16.86
N GLU A 68 -0.99 -3.56 17.03
CA GLU A 68 -1.80 -4.53 16.29
C GLU A 68 -2.03 -4.05 14.86
N VAL A 69 -2.02 -2.73 14.68
CA VAL A 69 -2.23 -2.14 13.36
C VAL A 69 -0.93 -2.12 12.55
N GLU A 70 0.19 -1.98 13.25
CA GLU A 70 1.50 -1.95 12.59
C GLU A 70 1.92 -3.35 12.18
N ALA A 71 1.38 -4.37 12.85
CA ALA A 71 1.70 -5.75 12.56
C ALA A 71 1.47 -6.06 11.08
N LEU A 72 0.30 -5.70 10.57
CA LEU A 72 -0.05 -5.93 9.18
C LEU A 72 0.94 -5.24 8.24
N ILE A 73 1.23 -3.98 8.53
CA ILE A 73 2.17 -3.21 7.72
C ILE A 73 3.57 -3.28 8.29
N LEU A 74 3.88 -4.38 8.96
CA LEU A 74 5.21 -4.58 9.55
C LEU A 74 6.16 -5.22 8.55
N GLN A 75 5.61 -5.65 7.41
CA GLN A 75 6.42 -6.27 6.36
C GLN A 75 6.51 -5.37 5.14
N ASN A 76 6.27 -4.08 5.33
CA ASN A 76 6.33 -3.11 4.24
C ASN A 76 6.91 -1.79 4.71
N ALA A 77 6.31 -1.21 5.76
CA ALA A 77 6.79 0.05 6.31
C ALA A 77 7.85 -0.18 7.37
N GLN A 78 7.92 -1.40 7.88
CA GLN A 78 8.91 -1.75 8.91
C GLN A 78 9.99 -2.64 8.34
N ARG A 79 9.70 -3.27 7.21
CA ARG A 79 10.66 -4.16 6.56
C ARG A 79 11.62 -3.37 5.66
N GLY A 80 11.15 -2.23 5.17
CA GLY A 80 11.97 -1.41 4.30
C GLY A 80 11.32 -1.12 2.97
N ARG A 81 10.02 -1.37 2.89
CA ARG A 81 9.26 -1.14 1.66
C ARG A 81 9.72 -2.10 0.56
N LEU A 82 8.76 -2.63 -0.18
CA LEU A 82 9.05 -3.57 -1.26
C LEU A 82 8.54 -3.03 -2.60
N ALA A 83 7.30 -2.58 -2.62
CA ALA A 83 6.70 -2.04 -3.82
C ALA A 83 6.19 -3.16 -4.73
N ASP A 84 6.99 -4.21 -4.87
CA ASP A 84 6.63 -5.34 -5.71
C ASP A 84 5.89 -6.41 -4.90
N LYS A 85 6.39 -6.69 -3.70
CA LYS A 85 5.78 -7.68 -2.83
C LYS A 85 4.97 -7.01 -1.72
N VAL A 86 4.39 -5.86 -2.03
CA VAL A 86 3.59 -5.12 -1.06
C VAL A 86 2.59 -6.03 -0.36
N ASP A 87 2.23 -5.67 0.86
CA ASP A 87 1.28 -6.46 1.64
C ASP A 87 -0.14 -5.96 1.41
N GLU A 88 -1.08 -6.49 2.20
CA GLU A 88 -2.47 -6.10 2.09
C GLU A 88 -2.83 -5.01 3.10
N ALA A 89 -1.98 -4.87 4.12
CA ALA A 89 -2.20 -3.86 5.16
C ALA A 89 -2.36 -2.47 4.54
N THR A 90 -1.88 -2.31 3.32
CA THR A 90 -1.97 -1.03 2.62
C THR A 90 -3.37 -0.43 2.76
N LEU A 91 -4.38 -1.31 2.78
CA LEU A 91 -5.76 -0.86 2.89
C LEU A 91 -6.26 -0.99 4.33
N ILE A 92 -5.72 -1.98 5.05
CA ILE A 92 -6.10 -2.20 6.44
C ILE A 92 -5.96 -0.93 7.26
N GLU A 93 -4.96 -0.13 6.95
CA GLU A 93 -4.72 1.12 7.65
C GLU A 93 -5.57 2.25 7.07
N LEU A 94 -5.77 2.22 5.77
CA LEU A 94 -6.56 3.24 5.09
C LEU A 94 -8.00 3.24 5.60
N LEU A 95 -8.41 2.12 6.19
CA LEU A 95 -9.76 2.00 6.73
C LEU A 95 -9.77 2.21 8.23
N GLN A 96 -8.61 2.02 8.85
CA GLN A 96 -8.48 2.20 10.30
C GLN A 96 -8.50 3.68 10.68
N GLN A 97 -8.10 4.52 9.73
CA GLN A 97 -8.07 5.96 9.96
C GLN A 97 -9.41 6.60 9.59
N THR A 98 -10.02 6.09 8.53
CA THR A 98 -11.31 6.61 8.07
C THR A 98 -12.19 5.50 7.51
N SER A 99 -12.56 4.55 8.36
CA SER A 99 -13.40 3.44 7.95
C SER A 99 -14.64 3.92 7.21
N ALA A 100 -15.17 5.05 7.65
CA ALA A 100 -16.35 5.63 7.02
C ALA A 100 -16.12 7.10 6.65
N ALA A 101 -15.66 7.88 7.62
CA ALA A 101 -15.40 9.30 7.38
C ALA A 101 -14.95 9.99 8.67
N SER A 102 -13.99 10.90 8.54
CA SER A 102 -13.47 11.64 9.69
C SER A 102 -12.85 12.96 9.26
N ALA A 103 -11.63 12.89 8.75
CA ALA A 103 -10.92 14.08 8.30
C ALA A 103 -10.82 15.13 9.42
N ALA A 104 -10.31 16.30 9.08
CA ALA A 104 -10.17 17.38 10.05
C ALA A 104 -9.08 17.05 11.07
N LYS A 105 -8.42 18.08 11.58
CA LYS A 105 -7.37 17.90 12.56
C LYS A 105 -7.44 18.97 13.65
N ASN A 106 -7.11 20.20 13.27
CA ASN A 106 -7.14 21.32 14.21
C ASN A 106 -7.29 22.65 13.48
N THR A 107 -8.05 23.57 14.07
CA THR A 107 -8.28 24.87 13.47
C THR A 107 -9.32 25.67 14.26
N PRO A 108 -9.14 26.99 14.31
CA PRO A 108 -8.02 27.67 13.63
C PRO A 108 -6.68 27.37 14.31
N LYS A 109 -6.74 26.88 15.55
CA LYS A 109 -5.54 26.56 16.30
C LYS A 109 -4.53 25.82 15.42
N VAL A 110 -5.03 24.95 14.56
CA VAL A 110 -4.17 24.18 13.66
C VAL A 110 -2.89 23.74 14.37
N THR A 111 -3.06 23.19 15.58
CA THR A 111 -1.91 22.73 16.36
C THR A 111 -0.94 21.92 15.50
N MET A 112 -1.49 21.17 14.55
CA MET A 112 -0.67 20.36 13.66
C MET A 112 0.22 19.40 14.45
N ARG A 113 -0.29 18.95 15.59
CA ARG A 113 0.46 18.03 16.44
C ARG A 113 -0.49 17.11 17.19
N ARG A 114 -0.87 17.51 18.40
CA ARG A 114 -1.77 16.71 19.22
C ARG A 114 -3.12 16.52 18.53
N ARG A 115 -3.38 15.31 18.06
CA ARG A 115 -4.63 15.00 17.38
C ARG A 115 -4.69 13.54 16.97
N PHE A 116 -5.86 12.93 17.10
CA PHE A 116 -6.05 11.53 16.75
C PHE A 116 -7.49 11.26 16.33
N SER A 117 -7.82 9.98 16.15
CA SER A 117 -9.17 9.59 15.75
C SER A 117 -10.22 10.34 16.57
N ASP A 118 -10.86 11.32 15.95
CA ASP A 118 -11.88 12.12 16.61
C ASP A 118 -13.15 11.29 16.83
N ASP A 119 -13.36 10.30 15.96
CA ASP A 119 -14.53 9.44 16.07
C ASP A 119 -14.68 8.89 17.48
N ASP A 120 -13.55 8.62 18.13
CA ASP A 120 -13.55 8.09 19.49
C ASP A 120 -14.30 9.03 20.43
N ASP A 121 -14.18 10.33 20.19
CA ASP A 121 -14.84 11.32 21.02
C ASP A 121 -16.13 11.81 20.37
N ASP A 122 -16.83 10.89 19.71
CA ASP A 122 -18.08 11.23 19.04
C ASP A 122 -17.97 12.56 18.29
N PHE A 123 -16.81 12.78 17.67
CA PHE A 123 -16.57 14.01 16.93
C PHE A 123 -15.79 13.72 15.65
N SER A 1 -9.64 -6.08 -32.80
CA SER A 1 -10.10 -7.12 -31.89
C SER A 1 -10.42 -8.41 -32.64
N MET A 2 -9.48 -8.83 -33.50
CA MET A 2 -9.66 -10.04 -34.28
C MET A 2 -8.39 -10.90 -34.26
N GLN A 3 -8.35 -11.86 -33.34
CA GLN A 3 -7.21 -12.74 -33.22
C GLN A 3 -7.64 -14.20 -33.15
N PRO A 4 -6.70 -15.12 -33.43
CA PRO A 4 -5.33 -14.75 -33.80
C PRO A 4 -5.26 -14.10 -35.18
N GLU A 5 -4.20 -13.31 -35.39
CA GLU A 5 -4.02 -12.63 -36.67
C GLU A 5 -3.41 -13.56 -37.71
N GLU A 6 -3.86 -13.43 -38.95
CA GLU A 6 -3.35 -14.26 -40.03
C GLU A 6 -1.87 -14.01 -40.27
N PHE A 7 -1.46 -12.74 -40.17
CA PHE A 7 -0.07 -12.37 -40.37
C PHE A 7 0.68 -12.31 -39.04
N ALA A 8 0.24 -13.11 -38.09
CA ALA A 8 0.86 -13.15 -36.78
C ALA A 8 1.07 -11.75 -36.22
N ALA A 9 1.91 -11.64 -35.19
CA ALA A 9 2.20 -10.36 -34.57
C ALA A 9 0.95 -9.77 -33.90
N ALA A 10 0.42 -10.51 -32.93
CA ALA A 10 -0.77 -10.07 -32.20
C ALA A 10 -0.40 -9.10 -31.09
N ALA A 11 0.12 -9.64 -29.99
CA ALA A 11 0.50 -8.83 -28.84
C ALA A 11 1.97 -9.03 -28.49
N ARG A 12 2.45 -10.27 -28.65
CA ARG A 12 3.83 -10.60 -28.35
C ARG A 12 4.17 -10.30 -26.89
N GLY A 13 3.47 -10.96 -25.98
CA GLY A 13 3.70 -10.75 -24.56
C GLY A 13 3.66 -9.29 -24.18
N GLY A 14 2.90 -8.50 -24.94
CA GLY A 14 2.79 -7.08 -24.66
C GLY A 14 1.38 -6.67 -24.32
N PHE A 15 0.54 -7.64 -23.97
CA PHE A 15 -0.85 -7.36 -23.62
C PHE A 15 -1.42 -6.25 -24.49
N GLY A 16 -1.16 -6.33 -25.78
CA GLY A 16 -1.66 -5.32 -26.71
C GLY A 16 -3.12 -4.97 -26.45
N GLY A 17 -3.89 -5.96 -26.01
CA GLY A 17 -5.30 -5.73 -25.73
C GLY A 17 -5.88 -6.77 -24.81
N ASP A 18 -5.41 -8.01 -24.93
CA ASP A 18 -5.89 -9.11 -24.09
C ASP A 18 -5.48 -8.90 -22.65
N ALA A 19 -6.31 -8.16 -21.90
CA ALA A 19 -6.03 -7.90 -20.49
C ALA A 19 -5.71 -9.18 -19.75
N GLU A 20 -6.26 -10.29 -20.21
CA GLU A 20 -6.04 -11.59 -19.58
C GLU A 20 -4.55 -11.95 -19.59
N LYS A 21 -3.90 -11.71 -20.73
CA LYS A 21 -2.49 -11.99 -20.87
C LYS A 21 -1.68 -11.38 -19.73
N ALA A 22 -1.77 -10.06 -19.59
CA ALA A 22 -1.06 -9.36 -18.53
C ALA A 22 -1.34 -9.98 -17.17
N LYS A 23 -2.48 -10.65 -17.05
CA LYS A 23 -2.86 -11.30 -15.80
C LYS A 23 -2.17 -12.64 -15.64
N ALA A 24 -2.48 -13.57 -16.54
CA ALA A 24 -1.88 -14.89 -16.50
C ALA A 24 -0.37 -14.82 -16.71
N ALA A 25 0.05 -14.24 -17.82
CA ALA A 25 1.46 -14.10 -18.12
C ALA A 25 2.25 -13.63 -16.91
N GLU A 26 1.81 -12.52 -16.31
CA GLU A 26 2.47 -11.97 -15.15
C GLU A 26 2.49 -12.98 -14.00
N ALA A 27 1.38 -13.69 -13.83
CA ALA A 27 1.26 -14.69 -12.78
C ALA A 27 2.32 -15.78 -12.94
N GLN A 28 2.46 -16.28 -14.17
CA GLN A 28 3.43 -17.33 -14.45
C GLN A 28 4.86 -16.82 -14.26
N GLU A 29 5.07 -15.55 -14.58
CA GLU A 29 6.39 -14.93 -14.46
C GLU A 29 6.75 -14.71 -12.99
N ALA A 30 5.80 -14.17 -12.24
CA ALA A 30 6.01 -13.90 -10.82
C ALA A 30 6.04 -15.21 -10.02
N MET A 31 5.28 -16.20 -10.47
CA MET A 31 5.22 -17.48 -9.80
C MET A 31 6.46 -18.32 -10.11
N ARG A 32 7.05 -18.09 -11.28
CA ARG A 32 8.24 -18.82 -11.68
C ARG A 32 9.35 -18.67 -10.64
N GLN A 33 9.65 -17.44 -10.28
CA GLN A 33 10.69 -17.16 -9.29
C GLN A 33 10.48 -18.00 -8.03
N GLN A 34 9.21 -18.14 -7.63
CA GLN A 34 8.87 -18.91 -6.43
C GLN A 34 9.94 -18.74 -5.36
N MET A 35 10.53 -17.55 -5.30
CA MET A 35 11.55 -17.25 -4.31
C MET A 35 12.09 -15.83 -4.48
N GLU A 36 12.92 -15.40 -3.54
CA GLU A 36 13.49 -14.06 -3.59
C GLU A 36 12.41 -12.99 -3.47
N GLU A 37 12.46 -12.22 -2.39
CA GLU A 37 11.49 -11.17 -2.14
C GLU A 37 11.95 -10.24 -1.03
N GLN A 38 11.85 -10.70 0.21
CA GLN A 38 12.25 -9.91 1.36
C GLN A 38 13.65 -9.33 1.16
N ARG A 39 14.41 -9.94 0.26
CA ARG A 39 15.77 -9.48 -0.04
C ARG A 39 15.80 -8.64 -1.30
N ARG A 40 15.48 -9.27 -2.43
CA ARG A 40 15.47 -8.57 -3.72
C ARG A 40 14.36 -7.53 -3.77
N ILE A 41 13.12 -7.99 -3.58
CA ILE A 41 11.98 -7.09 -3.61
C ILE A 41 12.18 -5.91 -2.66
N MET A 42 12.72 -6.19 -1.49
CA MET A 42 12.97 -5.15 -0.50
C MET A 42 14.05 -4.19 -0.98
N LEU A 43 15.10 -4.73 -1.59
CA LEU A 43 16.19 -3.92 -2.09
C LEU A 43 15.69 -2.89 -3.10
N ARG A 44 15.00 -3.36 -4.13
CA ARG A 44 14.46 -2.48 -5.16
C ARG A 44 13.42 -1.54 -4.57
N ALA A 45 12.89 -1.89 -3.41
CA ALA A 45 11.88 -1.07 -2.75
C ALA A 45 12.52 -0.16 -1.71
N VAL A 46 13.83 -0.32 -1.50
CA VAL A 46 14.56 0.49 -0.54
C VAL A 46 14.07 1.94 -0.57
N LEU A 47 13.78 2.44 -1.76
CA LEU A 47 13.31 3.80 -1.93
C LEU A 47 12.09 4.08 -1.05
N THR A 48 11.61 5.31 -1.08
CA THR A 48 10.45 5.70 -0.29
C THR A 48 10.16 7.20 -0.43
N PRO A 49 8.87 7.56 -0.36
CA PRO A 49 8.43 8.95 -0.47
C PRO A 49 8.84 9.79 0.73
N ALA A 50 9.57 9.17 1.66
CA ALA A 50 10.02 9.86 2.86
C ALA A 50 8.89 10.01 3.87
N ALA A 51 7.79 9.30 3.63
CA ALA A 51 6.65 9.34 4.52
C ALA A 51 7.07 9.11 5.97
N GLN A 52 8.14 8.35 6.15
CA GLN A 52 8.64 8.04 7.49
C GLN A 52 8.81 9.32 8.31
N GLU A 53 9.10 10.42 7.62
CA GLU A 53 9.28 11.71 8.29
C GLU A 53 8.08 12.05 9.16
N ARG A 54 6.99 12.45 8.53
CA ARG A 54 5.77 12.80 9.25
C ARG A 54 5.31 11.64 10.13
N LEU A 55 5.50 10.42 9.65
CA LEU A 55 5.11 9.24 10.40
C LEU A 55 5.77 9.20 11.77
N HIS A 56 7.10 9.28 11.78
CA HIS A 56 7.85 9.26 13.03
C HIS A 56 7.50 10.46 13.90
N ARG A 57 7.15 11.57 13.25
CA ARG A 57 6.78 12.80 13.96
C ARG A 57 5.49 12.61 14.73
N ILE A 58 4.43 12.22 14.02
CA ILE A 58 3.13 12.01 14.63
C ILE A 58 3.14 10.77 15.52
N GLN A 59 3.84 9.74 15.09
CA GLN A 59 3.94 8.50 15.86
C GLN A 59 4.78 8.69 17.11
N LEU A 60 5.73 9.63 17.04
CA LEU A 60 6.61 9.91 18.17
C LEU A 60 5.81 10.08 19.45
N VAL A 61 4.77 10.90 19.40
CA VAL A 61 3.92 11.14 20.55
C VAL A 61 2.82 10.09 20.65
N LYS A 62 2.30 9.68 19.51
CA LYS A 62 1.24 8.67 19.46
C LYS A 62 1.81 7.28 19.18
N ALA A 63 2.62 6.80 20.12
CA ALA A 63 3.22 5.48 19.97
C ALA A 63 2.17 4.38 19.99
N ASP A 64 1.40 4.32 21.08
CA ASP A 64 0.35 3.32 21.21
C ASP A 64 -0.59 3.34 20.02
N LYS A 65 -0.89 4.54 19.52
CA LYS A 65 -1.77 4.69 18.37
C LYS A 65 -1.00 4.46 17.07
N ALA A 66 0.32 4.48 17.15
CA ALA A 66 1.16 4.27 15.97
C ALA A 66 1.31 2.78 15.66
N ARG A 67 1.36 1.97 16.71
CA ARG A 67 1.50 0.52 16.55
C ARG A 67 0.31 -0.05 15.78
N GLU A 68 -0.86 0.52 16.01
CA GLU A 68 -2.08 0.06 15.34
C GLU A 68 -2.15 0.59 13.91
N VAL A 69 -1.51 1.74 13.68
CA VAL A 69 -1.51 2.36 12.36
C VAL A 69 -0.43 1.75 11.47
N GLU A 70 0.67 1.32 12.10
CA GLU A 70 1.77 0.73 11.37
C GLU A 70 1.48 -0.73 11.01
N ALA A 71 0.55 -1.33 11.76
CA ALA A 71 0.17 -2.72 11.52
C ALA A 71 -0.32 -2.92 10.10
N LEU A 72 -1.15 -2.00 9.62
CA LEU A 72 -1.69 -2.06 8.27
C LEU A 72 -0.58 -1.98 7.23
N ILE A 73 0.29 -0.99 7.39
CA ILE A 73 1.40 -0.80 6.47
C ILE A 73 2.67 -1.46 6.99
N LEU A 74 2.50 -2.55 7.72
CA LEU A 74 3.63 -3.29 8.29
C LEU A 74 4.05 -4.42 7.36
N GLN A 75 3.27 -4.66 6.32
CA GLN A 75 3.56 -5.71 5.36
C GLN A 75 3.91 -5.13 4.00
N ASN A 76 4.36 -3.87 3.99
CA ASN A 76 4.74 -3.20 2.76
C ASN A 76 5.86 -2.19 3.00
N ALA A 77 5.54 -1.12 3.71
CA ALA A 77 6.52 -0.08 4.02
C ALA A 77 7.68 -0.66 4.83
N GLN A 78 7.40 -1.69 5.62
CA GLN A 78 8.41 -2.33 6.44
C GLN A 78 8.98 -3.56 5.76
N ARG A 79 8.15 -4.21 4.94
CA ARG A 79 8.57 -5.41 4.22
C ARG A 79 9.42 -5.05 3.02
N GLY A 80 9.25 -3.83 2.51
CA GLY A 80 10.02 -3.39 1.36
C GLY A 80 9.16 -3.24 0.12
N ARG A 81 8.25 -2.27 0.14
CA ARG A 81 7.36 -2.04 -0.99
C ARG A 81 7.38 -3.23 -1.95
N LEU A 82 6.69 -4.29 -1.58
CA LEU A 82 6.63 -5.49 -2.40
C LEU A 82 6.07 -5.17 -3.79
N ALA A 83 4.94 -4.46 -3.82
CA ALA A 83 4.32 -4.08 -5.07
C ALA A 83 3.49 -5.24 -5.65
N ASP A 84 4.05 -6.44 -5.57
CA ASP A 84 3.36 -7.63 -6.08
C ASP A 84 2.49 -8.26 -5.00
N LYS A 85 2.95 -8.19 -3.75
CA LYS A 85 2.20 -8.74 -2.63
C LYS A 85 1.73 -7.65 -1.69
N VAL A 86 1.31 -6.53 -2.26
CA VAL A 86 0.82 -5.39 -1.47
C VAL A 86 -0.37 -5.81 -0.61
N ASP A 87 -0.99 -4.82 0.04
CA ASP A 87 -2.14 -5.07 0.90
C ASP A 87 -3.24 -4.04 0.64
N GLU A 88 -4.44 -4.33 1.13
CA GLU A 88 -5.57 -3.43 0.96
C GLU A 88 -5.66 -2.44 2.11
N ALA A 89 -5.12 -2.83 3.26
CA ALA A 89 -5.14 -1.98 4.45
C ALA A 89 -4.38 -0.69 4.20
N THR A 90 -3.57 -0.67 3.14
CA THR A 90 -2.77 0.50 2.79
C THR A 90 -3.64 1.76 2.78
N LEU A 91 -4.89 1.61 2.35
CA LEU A 91 -5.82 2.73 2.29
C LEU A 91 -6.52 2.94 3.63
N ILE A 92 -6.85 1.84 4.29
CA ILE A 92 -7.51 1.90 5.59
C ILE A 92 -6.69 2.70 6.60
N GLU A 93 -5.37 2.55 6.53
CA GLU A 93 -4.48 3.26 7.44
C GLU A 93 -4.13 4.64 6.89
N LEU A 94 -4.01 4.73 5.57
CA LEU A 94 -3.68 6.00 4.91
C LEU A 94 -4.76 7.05 5.19
N LEU A 95 -5.95 6.57 5.55
CA LEU A 95 -7.07 7.47 5.84
C LEU A 95 -7.24 7.64 7.35
N GLN A 96 -6.81 6.65 8.11
CA GLN A 96 -6.91 6.71 9.56
C GLN A 96 -5.98 7.76 10.14
N GLN A 97 -4.93 8.10 9.40
CA GLN A 97 -3.97 9.10 9.84
C GLN A 97 -4.36 10.48 9.33
N THR A 98 -4.97 10.52 8.15
CA THR A 98 -5.40 11.78 7.56
C THR A 98 -6.02 11.57 6.18
N SER A 99 -7.29 11.18 6.16
CA SER A 99 -7.99 10.93 4.90
C SER A 99 -7.76 12.07 3.92
N ALA A 100 -7.61 13.29 4.45
CA ALA A 100 -7.40 14.47 3.63
C ALA A 100 -6.45 15.44 4.31
N ALA A 101 -6.78 15.80 5.55
CA ALA A 101 -5.96 16.74 6.31
C ALA A 101 -5.67 16.20 7.71
N SER A 102 -6.59 15.40 8.23
CA SER A 102 -6.44 14.82 9.56
C SER A 102 -7.57 13.85 9.86
N ALA A 103 -8.76 14.17 9.38
CA ALA A 103 -9.93 13.33 9.60
C ALA A 103 -10.51 13.54 10.99
N ALA A 104 -11.84 13.46 11.08
CA ALA A 104 -12.53 13.65 12.36
C ALA A 104 -12.38 15.09 12.85
N LYS A 105 -13.48 15.63 13.37
CA LYS A 105 -13.48 17.01 13.87
C LYS A 105 -14.31 17.11 15.14
N ASN A 106 -15.62 16.96 15.01
CA ASN A 106 -16.52 17.04 16.16
C ASN A 106 -17.98 16.95 15.72
N THR A 107 -18.85 16.49 16.61
CA THR A 107 -20.27 16.36 16.31
C THR A 107 -20.49 15.49 15.09
N PRO A 108 -21.69 14.90 14.99
CA PRO A 108 -22.74 15.08 15.99
C PRO A 108 -22.40 14.39 17.32
N LYS A 109 -22.47 15.15 18.41
CA LYS A 109 -22.18 14.62 19.73
C LYS A 109 -20.87 13.84 19.72
N VAL A 110 -19.84 14.40 19.09
CA VAL A 110 -18.54 13.76 19.01
C VAL A 110 -17.44 14.69 19.51
N THR A 111 -17.54 15.07 20.78
CA THR A 111 -16.55 15.96 21.38
C THR A 111 -15.15 15.39 21.25
N MET A 112 -15.07 14.06 21.12
CA MET A 112 -13.77 13.39 20.99
C MET A 112 -12.93 13.61 22.24
N ARG A 113 -13.58 13.95 23.35
CA ARG A 113 -12.88 14.18 24.60
C ARG A 113 -11.86 15.31 24.46
N ARG A 114 -12.29 16.53 24.79
CA ARG A 114 -11.42 17.70 24.71
C ARG A 114 -10.82 17.81 23.31
N ARG A 115 -11.30 18.79 22.55
CA ARG A 115 -10.81 19.01 21.20
C ARG A 115 -9.41 19.61 21.21
N PHE A 116 -8.56 19.14 20.30
CA PHE A 116 -7.18 19.62 20.22
C PHE A 116 -6.64 19.47 18.80
N SER A 117 -5.33 19.61 18.65
CA SER A 117 -4.68 19.48 17.35
C SER A 117 -5.20 18.26 16.61
N ASP A 118 -6.01 18.51 15.58
CA ASP A 118 -6.58 17.43 14.78
C ASP A 118 -5.48 16.51 14.26
N ASP A 119 -4.27 17.05 14.12
CA ASP A 119 -3.14 16.27 13.64
C ASP A 119 -2.66 15.29 14.69
N ASP A 120 -2.80 15.67 15.96
CA ASP A 120 -2.38 14.82 17.06
C ASP A 120 -3.52 13.91 17.52
N ASP A 121 -4.68 14.51 17.74
CA ASP A 121 -5.86 13.75 18.17
C ASP A 121 -6.75 13.41 16.99
N ASP A 122 -6.13 13.05 15.86
CA ASP A 122 -6.86 12.69 14.66
C ASP A 122 -7.73 11.45 14.90
N PHE A 123 -7.45 10.74 15.99
CA PHE A 123 -8.20 9.54 16.33
C PHE A 123 -8.09 9.23 17.82
N SER A 1 -8.68 3.45 -8.56
CA SER A 1 -9.89 3.88 -7.86
C SER A 1 -11.00 2.85 -8.03
N MET A 2 -11.07 1.90 -7.10
CA MET A 2 -12.10 0.86 -7.14
C MET A 2 -12.82 0.76 -5.81
N GLN A 3 -13.94 1.48 -5.70
CA GLN A 3 -14.73 1.47 -4.47
C GLN A 3 -16.07 0.78 -4.69
N PRO A 4 -16.71 0.37 -3.58
CA PRO A 4 -16.16 0.54 -2.24
C PRO A 4 -14.94 -0.33 -1.98
N GLU A 5 -14.33 -0.15 -0.82
CA GLU A 5 -13.15 -0.93 -0.46
C GLU A 5 -13.49 -2.41 -0.32
N GLU A 6 -14.70 -2.69 0.16
CA GLU A 6 -15.15 -4.06 0.34
C GLU A 6 -15.21 -4.79 -1.00
N PHE A 7 -15.47 -4.04 -2.07
CA PHE A 7 -15.55 -4.63 -3.40
C PHE A 7 -14.18 -4.64 -4.07
N ALA A 8 -13.13 -4.75 -3.26
CA ALA A 8 -11.76 -4.77 -3.78
C ALA A 8 -11.47 -6.08 -4.50
N ALA A 9 -10.20 -6.30 -4.82
CA ALA A 9 -9.79 -7.52 -5.50
C ALA A 9 -8.66 -8.21 -4.75
N ALA A 10 -7.43 -7.82 -5.04
CA ALA A 10 -6.26 -8.40 -4.40
C ALA A 10 -5.52 -7.35 -3.56
N ALA A 11 -4.67 -6.57 -4.23
CA ALA A 11 -3.90 -5.53 -3.55
C ALA A 11 -3.02 -4.77 -4.53
N ARG A 12 -3.58 -4.41 -5.67
CA ARG A 12 -2.85 -3.68 -6.70
C ARG A 12 -1.57 -4.41 -7.07
N GLY A 13 -1.70 -5.70 -7.41
CA GLY A 13 -0.54 -6.49 -7.78
C GLY A 13 0.18 -7.07 -6.58
N GLY A 14 -0.59 -7.61 -5.63
CA GLY A 14 0.00 -8.19 -4.44
C GLY A 14 -0.41 -9.63 -4.23
N PHE A 15 0.09 -10.52 -5.09
CA PHE A 15 -0.24 -11.94 -4.99
C PHE A 15 -0.92 -12.25 -3.67
N GLY A 16 -0.12 -12.34 -2.61
CA GLY A 16 -0.67 -12.65 -1.30
C GLY A 16 -0.81 -14.13 -1.06
N GLY A 17 0.09 -14.91 -1.64
CA GLY A 17 0.04 -16.36 -1.47
C GLY A 17 -0.15 -17.08 -2.78
N ASP A 18 -0.75 -16.40 -3.75
CA ASP A 18 -1.00 -17.00 -5.06
C ASP A 18 0.23 -16.88 -5.96
N ALA A 19 1.16 -17.82 -5.82
CA ALA A 19 2.38 -17.81 -6.61
C ALA A 19 2.07 -17.60 -8.09
N GLU A 20 0.91 -18.08 -8.53
CA GLU A 20 0.51 -17.94 -9.92
C GLU A 20 0.49 -16.47 -10.34
N LYS A 21 -0.15 -15.65 -9.52
CA LYS A 21 -0.24 -14.22 -9.79
C LYS A 21 1.14 -13.59 -9.89
N ALA A 22 1.95 -13.78 -8.84
CA ALA A 22 3.30 -13.24 -8.81
C ALA A 22 4.06 -13.55 -10.10
N LYS A 23 3.69 -14.66 -10.74
CA LYS A 23 4.33 -15.06 -11.98
C LYS A 23 3.89 -14.18 -13.14
N ALA A 24 2.61 -14.31 -13.52
CA ALA A 24 2.06 -13.53 -14.62
C ALA A 24 2.21 -12.03 -14.35
N ALA A 25 1.69 -11.59 -13.20
CA ALA A 25 1.77 -10.18 -12.83
C ALA A 25 3.17 -9.63 -13.05
N GLU A 26 4.15 -10.28 -12.44
CA GLU A 26 5.55 -9.84 -12.56
C GLU A 26 5.91 -9.63 -14.03
N ALA A 27 5.36 -10.46 -14.90
CA ALA A 27 5.63 -10.35 -16.33
C ALA A 27 5.03 -9.08 -16.91
N GLN A 28 3.72 -8.92 -16.76
CA GLN A 28 3.03 -7.74 -17.27
C GLN A 28 3.56 -6.47 -16.62
N GLU A 29 4.01 -6.60 -15.38
CA GLU A 29 4.55 -5.47 -14.64
C GLU A 29 5.97 -5.13 -15.09
N ALA A 30 6.83 -6.14 -15.11
CA ALA A 30 8.21 -5.96 -15.53
C ALA A 30 8.29 -5.16 -16.82
N MET A 31 7.30 -5.34 -17.68
CA MET A 31 7.26 -4.64 -18.96
C MET A 31 6.89 -3.17 -18.75
N ARG A 32 5.75 -2.94 -18.12
CA ARG A 32 5.28 -1.58 -17.86
C ARG A 32 6.41 -0.71 -17.31
N GLN A 33 7.26 -1.31 -16.49
CA GLN A 33 8.39 -0.58 -15.90
C GLN A 33 9.60 -0.62 -16.82
N GLN A 34 10.01 -1.83 -17.21
CA GLN A 34 11.16 -2.00 -18.07
C GLN A 34 12.42 -1.42 -17.44
N MET A 35 13.05 -2.21 -16.58
CA MET A 35 14.27 -1.77 -15.90
C MET A 35 14.75 -2.84 -14.92
N GLU A 36 15.69 -2.47 -14.06
CA GLU A 36 16.24 -3.39 -13.06
C GLU A 36 15.17 -3.81 -12.07
N GLU A 37 15.03 -5.12 -11.87
CA GLU A 37 14.06 -5.65 -10.93
C GLU A 37 14.47 -7.03 -10.41
N GLN A 38 14.32 -8.04 -11.26
CA GLN A 38 14.68 -9.40 -10.90
C GLN A 38 16.08 -9.45 -10.29
N ARG A 39 16.88 -8.42 -10.58
CA ARG A 39 18.24 -8.35 -10.07
C ARG A 39 18.30 -7.47 -8.82
N ARG A 40 18.02 -6.18 -8.98
CA ARG A 40 18.04 -5.25 -7.87
C ARG A 40 16.89 -5.51 -6.91
N ILE A 41 15.67 -5.41 -7.42
CA ILE A 41 14.49 -5.65 -6.60
C ILE A 41 14.60 -6.95 -5.82
N MET A 42 15.16 -7.97 -6.46
CA MET A 42 15.34 -9.27 -5.83
C MET A 42 16.43 -9.21 -4.75
N LEU A 43 17.53 -8.54 -5.08
CA LEU A 43 18.64 -8.41 -4.15
C LEU A 43 18.18 -7.82 -2.82
N ARG A 44 17.34 -6.80 -2.90
CA ARG A 44 16.83 -6.15 -1.70
C ARG A 44 15.65 -6.92 -1.12
N ALA A 45 14.77 -7.41 -2.01
CA ALA A 45 13.61 -8.17 -1.59
C ALA A 45 13.97 -9.19 -0.51
N VAL A 46 15.18 -9.71 -0.58
CA VAL A 46 15.66 -10.69 0.38
C VAL A 46 15.32 -10.27 1.81
N LEU A 47 16.07 -9.32 2.34
CA LEU A 47 15.85 -8.83 3.70
C LEU A 47 14.56 -8.01 3.77
N THR A 48 14.18 -7.63 4.99
CA THR A 48 12.96 -6.84 5.19
C THR A 48 12.74 -6.57 6.68
N PRO A 49 12.21 -5.38 6.99
CA PRO A 49 11.92 -4.97 8.37
C PRO A 49 10.76 -5.76 8.97
N ALA A 50 10.23 -5.26 10.09
CA ALA A 50 9.12 -5.91 10.76
C ALA A 50 7.94 -4.96 10.90
N ALA A 51 7.83 -4.01 9.97
CA ALA A 51 6.74 -3.05 9.99
C ALA A 51 5.38 -3.72 9.77
N GLN A 52 5.40 -4.79 8.99
CA GLN A 52 4.17 -5.53 8.70
C GLN A 52 3.39 -5.84 9.98
N GLU A 53 4.13 -6.03 11.07
CA GLU A 53 3.51 -6.33 12.36
C GLU A 53 2.45 -5.29 12.72
N ARG A 54 2.91 -4.12 13.13
CA ARG A 54 2.00 -3.03 13.51
C ARG A 54 1.04 -2.72 12.37
N LEU A 55 1.52 -2.83 11.14
CA LEU A 55 0.70 -2.55 9.96
C LEU A 55 -0.54 -3.43 9.95
N HIS A 56 -0.33 -4.74 9.99
CA HIS A 56 -1.43 -5.70 9.99
C HIS A 56 -2.31 -5.51 11.22
N ARG A 57 -1.70 -5.08 12.32
CA ARG A 57 -2.44 -4.86 13.56
C ARG A 57 -3.51 -3.80 13.38
N ILE A 58 -3.10 -2.61 12.93
CA ILE A 58 -4.02 -1.51 12.71
C ILE A 58 -4.85 -1.73 11.45
N GLN A 59 -4.18 -2.17 10.39
CA GLN A 59 -4.86 -2.42 9.12
C GLN A 59 -5.90 -3.52 9.26
N LEU A 60 -5.70 -4.39 10.24
CA LEU A 60 -6.63 -5.50 10.48
C LEU A 60 -8.06 -5.00 10.52
N VAL A 61 -8.30 -3.92 11.28
CA VAL A 61 -9.64 -3.35 11.40
C VAL A 61 -9.87 -2.28 10.35
N LYS A 62 -8.85 -1.46 10.10
CA LYS A 62 -8.94 -0.40 9.10
C LYS A 62 -8.50 -0.89 7.73
N ALA A 63 -9.21 -1.89 7.21
CA ALA A 63 -8.91 -2.46 5.91
C ALA A 63 -9.16 -1.44 4.80
N ASP A 64 -10.38 -0.93 4.74
CA ASP A 64 -10.75 0.06 3.73
C ASP A 64 -9.76 1.21 3.70
N LYS A 65 -9.32 1.64 4.88
CA LYS A 65 -8.36 2.73 4.99
C LYS A 65 -6.94 2.24 4.78
N ALA A 66 -6.74 0.94 4.95
CA ALA A 66 -5.43 0.33 4.79
C ALA A 66 -5.10 0.14 3.31
N ARG A 67 -6.13 -0.12 2.51
CA ARG A 67 -5.95 -0.33 1.07
C ARG A 67 -5.42 0.94 0.41
N GLU A 68 -5.87 2.09 0.90
CA GLU A 68 -5.44 3.37 0.34
C GLU A 68 -4.03 3.72 0.80
N VAL A 69 -3.68 3.28 2.01
CA VAL A 69 -2.36 3.54 2.56
C VAL A 69 -1.32 2.58 1.99
N GLU A 70 -1.76 1.36 1.69
CA GLU A 70 -0.86 0.34 1.15
C GLU A 70 -0.49 0.67 -0.30
N ALA A 71 -1.37 1.39 -0.98
CA ALA A 71 -1.12 1.78 -2.37
C ALA A 71 0.23 2.47 -2.51
N LEU A 72 0.61 3.25 -1.51
CA LEU A 72 1.87 3.97 -1.52
C LEU A 72 3.03 3.05 -1.15
N ILE A 73 2.93 2.42 0.02
CA ILE A 73 3.96 1.51 0.49
C ILE A 73 4.13 0.33 -0.47
N LEU A 74 3.17 0.15 -1.36
CA LEU A 74 3.21 -0.94 -2.32
C LEU A 74 4.36 -0.74 -3.30
N GLN A 75 4.91 0.47 -3.32
CA GLN A 75 6.02 0.79 -4.22
C GLN A 75 7.36 0.48 -3.55
N ASN A 76 7.32 -0.23 -2.43
CA ASN A 76 8.52 -0.59 -1.70
C ASN A 76 8.33 -1.90 -0.95
N ALA A 77 7.50 -1.86 0.09
CA ALA A 77 7.23 -3.05 0.90
C ALA A 77 6.81 -4.23 0.02
N GLN A 78 6.21 -3.93 -1.13
CA GLN A 78 5.77 -4.96 -2.06
C GLN A 78 6.64 -4.98 -3.31
N ARG A 79 7.49 -3.96 -3.45
CA ARG A 79 8.37 -3.86 -4.60
C ARG A 79 9.72 -4.49 -4.31
N GLY A 80 9.76 -5.35 -3.28
CA GLY A 80 10.99 -6.01 -2.92
C GLY A 80 11.80 -5.22 -1.91
N ARG A 81 11.11 -4.44 -1.09
CA ARG A 81 11.76 -3.62 -0.08
C ARG A 81 12.99 -2.92 -0.66
N LEU A 82 12.77 -1.78 -1.30
CA LEU A 82 13.84 -1.01 -1.90
C LEU A 82 14.88 -0.61 -0.85
N ALA A 83 14.41 -0.34 0.37
CA ALA A 83 15.29 0.04 1.46
C ALA A 83 16.21 1.18 1.05
N ASP A 84 15.78 1.96 0.06
CA ASP A 84 16.57 3.08 -0.43
C ASP A 84 15.68 4.13 -1.10
N LYS A 85 14.88 3.68 -2.07
CA LYS A 85 13.98 4.58 -2.79
C LYS A 85 12.59 4.54 -2.18
N VAL A 86 12.52 4.36 -0.87
CA VAL A 86 11.24 4.31 -0.16
C VAL A 86 10.43 5.59 -0.40
N ASP A 87 9.21 5.41 -0.89
CA ASP A 87 8.33 6.55 -1.15
C ASP A 87 8.25 7.47 0.05
N GLU A 88 8.42 8.77 -0.18
CA GLU A 88 8.36 9.76 0.90
C GLU A 88 6.99 9.75 1.57
N ALA A 89 5.98 9.29 0.84
CA ALA A 89 4.62 9.23 1.36
C ALA A 89 4.54 8.34 2.60
N THR A 90 5.56 7.50 2.79
CA THR A 90 5.61 6.60 3.93
C THR A 90 5.30 7.34 5.23
N LEU A 91 5.88 8.53 5.37
CA LEU A 91 5.66 9.33 6.57
C LEU A 91 4.38 10.16 6.44
N ILE A 92 4.09 10.61 5.23
CA ILE A 92 2.89 11.41 4.98
C ILE A 92 1.64 10.65 5.39
N GLU A 93 1.63 9.34 5.14
CA GLU A 93 0.50 8.50 5.49
C GLU A 93 0.54 8.10 6.96
N LEU A 94 1.72 7.74 7.43
CA LEU A 94 1.91 7.33 8.82
C LEU A 94 1.39 8.39 9.78
N LEU A 95 1.38 9.64 9.32
CA LEU A 95 0.90 10.75 10.14
C LEU A 95 -0.55 11.09 9.80
N GLN A 96 -0.96 10.73 8.59
CA GLN A 96 -2.33 11.00 8.15
C GLN A 96 -3.33 10.17 8.96
N GLN A 97 -2.88 9.03 9.46
CA GLN A 97 -3.74 8.16 10.25
C GLN A 97 -3.70 8.54 11.72
N THR A 98 -2.53 8.98 12.20
CA THR A 98 -2.36 9.39 13.58
C THR A 98 -0.98 9.95 13.83
N SER A 99 -0.75 11.19 13.39
CA SER A 99 0.54 11.84 13.56
C SER A 99 1.03 11.71 15.00
N ALA A 100 0.10 11.74 15.94
CA ALA A 100 0.43 11.61 17.35
C ALA A 100 -0.60 10.75 18.09
N ALA A 101 -1.87 11.09 17.93
CA ALA A 101 -2.94 10.35 18.58
C ALA A 101 -4.31 10.80 18.05
N SER A 102 -5.05 9.85 17.47
CA SER A 102 -6.36 10.15 16.92
C SER A 102 -7.17 8.87 16.74
N ALA A 103 -6.76 8.05 15.78
CA ALA A 103 -7.44 6.79 15.51
C ALA A 103 -8.84 7.03 14.96
N ALA A 104 -9.40 6.02 14.30
CA ALA A 104 -10.73 6.12 13.73
C ALA A 104 -10.75 7.11 12.57
N LYS A 105 -11.42 6.74 11.48
CA LYS A 105 -11.51 7.60 10.30
C LYS A 105 -12.91 7.51 9.69
N ASN A 106 -13.90 7.97 10.44
CA ASN A 106 -15.28 7.96 9.97
C ASN A 106 -16.25 8.37 11.08
N THR A 107 -17.18 9.26 10.74
CA THR A 107 -18.16 9.74 11.71
C THR A 107 -19.15 8.64 12.09
N PRO A 108 -19.51 7.81 11.09
CA PRO A 108 -19.00 7.94 9.73
C PRO A 108 -19.54 9.18 9.02
N LYS A 109 -18.69 9.80 8.21
CA LYS A 109 -19.09 10.99 7.47
C LYS A 109 -19.48 10.65 6.04
N VAL A 110 -19.94 9.41 5.85
CA VAL A 110 -20.35 8.95 4.52
C VAL A 110 -19.37 9.40 3.45
N THR A 111 -18.10 9.56 3.84
CA THR A 111 -17.07 9.98 2.91
C THR A 111 -16.79 8.91 1.86
N MET A 112 -16.18 7.81 2.29
CA MET A 112 -15.86 6.71 1.38
C MET A 112 -15.01 7.20 0.21
N ARG A 113 -14.36 8.34 0.39
CA ARG A 113 -13.51 8.92 -0.65
C ARG A 113 -12.30 9.62 -0.04
N ARG A 114 -12.45 10.90 0.24
CA ARG A 114 -11.37 11.68 0.82
C ARG A 114 -11.37 11.57 2.34
N ARG A 115 -10.23 11.89 2.96
CA ARG A 115 -10.10 11.83 4.40
C ARG A 115 -8.79 12.45 4.86
N PHE A 116 -8.82 13.16 5.98
CA PHE A 116 -7.64 13.81 6.52
C PHE A 116 -7.74 13.96 8.04
N SER A 117 -6.79 14.67 8.62
CA SER A 117 -6.77 14.89 10.07
C SER A 117 -8.14 15.34 10.57
N ASP A 118 -8.84 14.43 11.23
CA ASP A 118 -10.17 14.72 11.76
C ASP A 118 -10.07 15.53 13.05
N ASP A 119 -8.99 15.30 13.79
CA ASP A 119 -8.78 16.01 15.06
C ASP A 119 -8.22 17.40 14.80
N ASP A 120 -7.55 17.58 13.67
CA ASP A 120 -6.97 18.87 13.31
C ASP A 120 -8.06 19.92 13.12
N ASP A 121 -9.10 19.56 12.40
CA ASP A 121 -10.22 20.48 12.15
C ASP A 121 -11.43 20.08 12.97
N ASP A 122 -11.20 19.66 14.21
CA ASP A 122 -12.28 19.25 15.10
C ASP A 122 -12.76 20.42 15.95
N PHE A 123 -12.93 21.57 15.31
CA PHE A 123 -13.38 22.78 16.01
C PHE A 123 -14.05 23.74 15.04
N SER A 1 4.31 -28.24 -10.56
CA SER A 1 3.16 -28.38 -9.70
C SER A 1 2.08 -27.35 -10.05
N MET A 2 1.82 -27.21 -11.34
CA MET A 2 0.81 -26.26 -11.81
C MET A 2 -0.33 -26.98 -12.53
N GLN A 3 -1.37 -27.33 -11.79
CA GLN A 3 -2.52 -28.02 -12.35
C GLN A 3 -3.61 -27.04 -12.76
N PRO A 4 -4.52 -27.49 -13.64
CA PRO A 4 -4.48 -28.86 -14.18
C PRO A 4 -3.33 -29.07 -15.13
N GLU A 5 -3.08 -30.33 -15.49
CA GLU A 5 -2.00 -30.68 -16.40
C GLU A 5 -2.13 -29.93 -17.72
N GLU A 6 -3.37 -29.73 -18.16
CA GLU A 6 -3.65 -29.03 -19.40
C GLU A 6 -3.15 -27.58 -19.34
N PHE A 7 -3.26 -26.99 -18.15
CA PHE A 7 -2.83 -25.61 -17.95
C PHE A 7 -1.41 -25.56 -17.40
N ALA A 8 -0.60 -26.56 -17.76
CA ALA A 8 0.78 -26.62 -17.31
C ALA A 8 1.65 -25.60 -18.03
N ALA A 9 2.96 -25.72 -17.87
CA ALA A 9 3.90 -24.81 -18.51
C ALA A 9 5.05 -25.58 -19.17
N ALA A 10 6.09 -25.87 -18.39
CA ALA A 10 7.23 -26.60 -18.90
C ALA A 10 7.68 -26.05 -20.25
N ALA A 11 7.53 -24.74 -20.44
CA ALA A 11 7.91 -24.09 -21.69
C ALA A 11 8.94 -23.00 -21.45
N ARG A 12 8.72 -22.21 -20.40
CA ARG A 12 9.63 -21.11 -20.07
C ARG A 12 9.73 -20.13 -21.23
N GLY A 13 8.67 -19.38 -21.47
CA GLY A 13 8.66 -18.41 -22.54
C GLY A 13 7.66 -18.75 -23.62
N GLY A 14 7.13 -19.97 -23.58
CA GLY A 14 6.15 -20.40 -24.57
C GLY A 14 4.76 -19.86 -24.29
N PHE A 15 4.55 -19.37 -23.07
CA PHE A 15 3.26 -18.84 -22.68
C PHE A 15 2.21 -19.94 -22.58
N GLY A 16 1.85 -20.51 -23.74
CA GLY A 16 0.86 -21.57 -23.78
C GLY A 16 -0.45 -21.15 -23.13
N GLY A 17 -0.88 -19.92 -23.40
CA GLY A 17 -2.12 -19.43 -22.83
C GLY A 17 -1.93 -18.79 -21.47
N ASP A 18 -0.84 -19.15 -20.79
CA ASP A 18 -0.55 -18.60 -19.49
C ASP A 18 0.03 -17.19 -19.60
N ALA A 19 -0.85 -16.19 -19.53
CA ALA A 19 -0.42 -14.80 -19.64
C ALA A 19 0.76 -14.51 -18.71
N GLU A 20 0.83 -15.24 -17.60
CA GLU A 20 1.91 -15.06 -16.64
C GLU A 20 3.26 -14.99 -17.34
N LYS A 21 3.51 -15.92 -18.26
CA LYS A 21 4.76 -15.97 -19.00
C LYS A 21 4.95 -14.69 -19.80
N ALA A 22 3.89 -14.24 -20.46
CA ALA A 22 3.94 -13.02 -21.27
C ALA A 22 4.52 -11.87 -20.47
N LYS A 23 4.29 -11.88 -19.16
CA LYS A 23 4.80 -10.83 -18.28
C LYS A 23 6.31 -10.91 -18.16
N ALA A 24 6.80 -11.98 -17.55
CA ALA A 24 8.23 -12.17 -17.36
C ALA A 24 8.96 -12.20 -18.71
N ALA A 25 8.48 -13.05 -19.61
CA ALA A 25 9.09 -13.17 -20.93
C ALA A 25 9.33 -11.80 -21.56
N GLU A 26 8.26 -11.02 -21.69
CA GLU A 26 8.36 -9.68 -22.27
C GLU A 26 9.19 -8.76 -21.38
N ALA A 27 9.09 -8.97 -20.07
CA ALA A 27 9.83 -8.16 -19.11
C ALA A 27 11.32 -8.09 -19.48
N GLN A 28 11.90 -9.24 -19.78
CA GLN A 28 13.31 -9.30 -20.15
C GLN A 28 13.64 -8.26 -21.21
N GLU A 29 12.71 -8.07 -22.15
CA GLU A 29 12.91 -7.11 -23.23
C GLU A 29 12.52 -5.70 -22.78
N ALA A 30 11.39 -5.60 -22.11
CA ALA A 30 10.90 -4.31 -21.62
C ALA A 30 11.91 -3.67 -20.67
N MET A 31 12.82 -4.49 -20.14
CA MET A 31 13.84 -4.00 -19.21
C MET A 31 14.54 -2.77 -19.78
N ARG A 32 14.52 -2.64 -21.10
CA ARG A 32 15.15 -1.50 -21.76
C ARG A 32 14.84 -0.20 -21.03
N GLN A 33 13.64 -0.11 -20.47
CA GLN A 33 13.23 1.08 -19.73
C GLN A 33 14.28 1.47 -18.69
N GLN A 34 14.76 0.48 -17.95
CA GLN A 34 15.77 0.73 -16.92
C GLN A 34 15.23 1.67 -15.85
N MET A 35 14.63 1.10 -14.82
CA MET A 35 14.06 1.89 -13.72
C MET A 35 13.24 1.01 -12.79
N GLU A 36 12.72 1.62 -11.73
CA GLU A 36 11.90 0.90 -10.76
C GLU A 36 10.43 0.88 -11.18
N GLU A 37 9.95 -0.31 -11.54
CA GLU A 37 8.56 -0.46 -11.97
C GLU A 37 8.22 -1.93 -12.16
N GLN A 38 8.66 -2.49 -13.28
CA GLN A 38 8.39 -3.90 -13.58
C GLN A 38 8.72 -4.79 -12.39
N ARG A 39 9.57 -4.27 -11.48
CA ARG A 39 9.97 -5.02 -10.31
C ARG A 39 9.13 -4.63 -9.10
N ARG A 40 9.28 -3.37 -8.65
CA ARG A 40 8.53 -2.87 -7.51
C ARG A 40 7.05 -2.74 -7.84
N ILE A 41 6.75 -1.92 -8.84
CA ILE A 41 5.36 -1.71 -9.26
C ILE A 41 4.63 -3.04 -9.46
N MET A 42 5.33 -4.00 -10.04
CA MET A 42 4.76 -5.32 -10.29
C MET A 42 4.66 -6.12 -9.00
N LEU A 43 5.72 -6.08 -8.21
CA LEU A 43 5.75 -6.80 -6.93
C LEU A 43 4.56 -6.43 -6.07
N ARG A 44 4.24 -5.14 -6.04
CA ARG A 44 3.11 -4.65 -5.24
C ARG A 44 1.82 -4.74 -6.03
N ALA A 45 1.92 -4.65 -7.35
CA ALA A 45 0.74 -4.72 -8.22
C ALA A 45 -0.11 -5.93 -7.88
N VAL A 46 0.53 -6.98 -7.37
CA VAL A 46 -0.18 -8.21 -7.00
C VAL A 46 -0.41 -8.27 -5.50
N LEU A 47 0.63 -8.59 -4.75
CA LEU A 47 0.54 -8.69 -3.30
C LEU A 47 0.16 -7.34 -2.68
N THR A 48 -0.29 -7.38 -1.44
CA THR A 48 -0.69 -6.16 -0.73
C THR A 48 -0.62 -6.35 0.77
N PRO A 49 -0.22 -5.29 1.49
CA PRO A 49 -0.12 -5.31 2.96
C PRO A 49 -1.47 -5.39 3.64
N ALA A 50 -1.50 -5.12 4.93
CA ALA A 50 -2.73 -5.15 5.70
C ALA A 50 -2.99 -3.80 6.39
N ALA A 51 -2.49 -2.73 5.78
CA ALA A 51 -2.66 -1.39 6.34
C ALA A 51 -4.12 -1.11 6.63
N GLN A 52 -5.01 -1.71 5.85
CA GLN A 52 -6.45 -1.51 6.02
C GLN A 52 -6.84 -1.68 7.48
N GLU A 53 -6.14 -2.56 8.18
CA GLU A 53 -6.42 -2.82 9.59
C GLU A 53 -6.39 -1.52 10.40
N ARG A 54 -5.18 -1.05 10.68
CA ARG A 54 -5.01 0.19 11.45
C ARG A 54 -5.86 1.31 10.87
N LEU A 55 -5.94 1.35 9.54
CA LEU A 55 -6.72 2.38 8.86
C LEU A 55 -8.13 2.47 9.44
N HIS A 56 -8.96 1.47 9.14
CA HIS A 56 -10.33 1.44 9.64
C HIS A 56 -10.36 1.55 11.16
N ARG A 57 -9.24 1.23 11.79
CA ARG A 57 -9.13 1.29 13.25
C ARG A 57 -8.97 2.74 13.72
N ILE A 58 -7.74 3.24 13.67
CA ILE A 58 -7.45 4.60 14.09
C ILE A 58 -8.45 5.58 13.49
N GLN A 59 -9.02 5.22 12.35
CA GLN A 59 -9.99 6.08 11.68
C GLN A 59 -11.36 5.97 12.35
N LEU A 60 -11.67 4.78 12.84
CA LEU A 60 -12.95 4.55 13.52
C LEU A 60 -13.16 5.54 14.65
N VAL A 61 -12.07 5.92 15.31
CA VAL A 61 -12.14 6.88 16.41
C VAL A 61 -11.89 8.30 15.92
N LYS A 62 -10.96 8.44 14.98
CA LYS A 62 -10.62 9.75 14.43
C LYS A 62 -11.26 9.94 13.06
N ALA A 63 -12.46 10.51 13.06
CA ALA A 63 -13.18 10.76 11.81
C ALA A 63 -12.46 11.80 10.96
N ASP A 64 -12.25 12.98 11.53
CA ASP A 64 -11.59 14.06 10.82
C ASP A 64 -10.20 13.63 10.35
N LYS A 65 -9.54 12.81 11.17
CA LYS A 65 -8.20 12.32 10.84
C LYS A 65 -8.28 11.17 9.83
N ALA A 66 -9.47 10.61 9.67
CA ALA A 66 -9.67 9.51 8.74
C ALA A 66 -9.80 10.02 7.31
N ARG A 67 -10.50 11.15 7.15
CA ARG A 67 -10.70 11.74 5.82
C ARG A 67 -9.37 12.02 5.16
N GLU A 68 -8.37 12.39 5.95
CA GLU A 68 -7.04 12.70 5.43
C GLU A 68 -6.26 11.41 5.14
N VAL A 69 -6.63 10.34 5.84
CA VAL A 69 -5.97 9.06 5.66
C VAL A 69 -6.50 8.32 4.44
N GLU A 70 -7.79 8.50 4.17
CA GLU A 70 -8.43 7.86 3.02
C GLU A 70 -7.86 8.40 1.71
N ALA A 71 -7.41 9.65 1.73
CA ALA A 71 -6.85 10.29 0.54
C ALA A 71 -5.70 9.46 -0.02
N LEU A 72 -4.96 8.80 0.87
CA LEU A 72 -3.83 7.97 0.46
C LEU A 72 -4.30 6.63 -0.07
N ILE A 73 -5.01 5.88 0.78
CA ILE A 73 -5.52 4.57 0.39
C ILE A 73 -6.34 4.66 -0.88
N LEU A 74 -6.86 5.84 -1.17
CA LEU A 74 -7.67 6.06 -2.36
C LEU A 74 -6.85 5.85 -3.63
N GLN A 75 -5.57 6.21 -3.57
CA GLN A 75 -4.67 6.06 -4.71
C GLN A 75 -3.54 5.09 -4.39
N ASN A 76 -3.80 4.16 -3.48
CA ASN A 76 -2.80 3.18 -3.07
C ASN A 76 -3.37 1.76 -3.17
N ALA A 77 -4.37 1.47 -2.36
CA ALA A 77 -5.00 0.16 -2.36
C ALA A 77 -5.65 -0.14 -3.70
N GLN A 78 -6.13 0.89 -4.37
CA GLN A 78 -6.78 0.75 -5.66
C GLN A 78 -5.75 0.75 -6.79
N ARG A 79 -4.65 1.46 -6.56
CA ARG A 79 -3.58 1.55 -7.56
C ARG A 79 -2.75 0.28 -7.58
N GLY A 80 -2.77 -0.46 -6.48
CA GLY A 80 -2.02 -1.69 -6.39
C GLY A 80 -0.73 -1.54 -5.60
N ARG A 81 -0.76 -0.68 -4.59
CA ARG A 81 0.40 -0.43 -3.75
C ARG A 81 1.54 0.15 -4.57
N LEU A 82 1.94 1.37 -4.25
CA LEU A 82 3.02 2.05 -4.95
C LEU A 82 4.02 2.66 -3.98
N ALA A 83 5.25 2.14 -4.00
CA ALA A 83 6.30 2.64 -3.12
C ALA A 83 7.09 3.77 -3.78
N ASP A 84 7.36 3.60 -5.08
CA ASP A 84 8.12 4.60 -5.82
C ASP A 84 7.19 5.71 -6.33
N LYS A 85 6.03 5.32 -6.83
CA LYS A 85 5.05 6.27 -7.35
C LYS A 85 4.10 6.73 -6.24
N VAL A 86 4.41 6.35 -5.00
CA VAL A 86 3.58 6.72 -3.86
C VAL A 86 3.23 8.20 -3.90
N ASP A 87 2.20 8.58 -3.14
CA ASP A 87 1.76 9.96 -3.08
C ASP A 87 2.70 10.80 -2.21
N GLU A 88 2.31 12.04 -1.94
CA GLU A 88 3.12 12.93 -1.13
C GLU A 88 2.57 13.01 0.29
N ALA A 89 1.25 12.94 0.42
CA ALA A 89 0.61 13.00 1.73
C ALA A 89 1.01 11.81 2.59
N THR A 90 1.57 10.79 1.95
CA THR A 90 1.99 9.59 2.65
C THR A 90 2.78 9.93 3.91
N LEU A 91 3.71 10.87 3.78
CA LEU A 91 4.54 11.29 4.91
C LEU A 91 3.75 12.20 5.85
N ILE A 92 2.92 13.06 5.27
CA ILE A 92 2.11 13.97 6.07
C ILE A 92 1.21 13.21 7.04
N GLU A 93 0.66 12.09 6.59
CA GLU A 93 -0.20 11.26 7.41
C GLU A 93 0.61 10.28 8.24
N LEU A 94 1.64 9.72 7.64
CA LEU A 94 2.50 8.76 8.34
C LEU A 94 3.09 9.36 9.61
N LEU A 95 3.15 10.69 9.65
CA LEU A 95 3.68 11.39 10.82
C LEU A 95 2.55 11.90 11.71
N GLN A 96 1.37 12.08 11.11
CA GLN A 96 0.21 12.56 11.85
C GLN A 96 -0.26 11.51 12.86
N GLN A 97 0.02 10.25 12.57
CA GLN A 97 -0.38 9.16 13.45
C GLN A 97 0.73 8.83 14.44
N THR A 98 1.98 8.95 14.00
CA THR A 98 3.12 8.66 14.84
C THR A 98 4.43 8.77 14.07
N SER A 99 4.88 10.00 13.84
CA SER A 99 6.11 10.24 13.11
C SER A 99 7.27 9.49 13.74
N ALA A 100 7.21 9.30 15.05
CA ALA A 100 8.26 8.59 15.78
C ALA A 100 7.68 7.45 16.60
N ALA A 101 6.98 7.80 17.67
CA ALA A 101 6.37 6.80 18.55
C ALA A 101 4.94 7.18 18.91
N SER A 102 4.52 8.35 18.45
CA SER A 102 3.17 8.84 18.73
C SER A 102 2.94 10.19 18.06
N ALA A 103 3.87 11.11 18.24
CA ALA A 103 3.77 12.44 17.65
C ALA A 103 2.66 13.25 18.31
N ALA A 104 2.64 14.55 18.05
CA ALA A 104 1.63 15.43 18.62
C ALA A 104 1.70 15.45 20.14
N LYS A 105 1.07 16.45 20.75
CA LYS A 105 1.07 16.58 22.21
C LYS A 105 -0.30 17.03 22.70
N ASN A 106 -1.35 16.56 22.05
CA ASN A 106 -2.71 16.92 22.43
C ASN A 106 -2.96 18.41 22.23
N THR A 107 -3.87 18.74 21.33
CA THR A 107 -4.19 20.13 21.04
C THR A 107 -4.96 20.76 22.21
N PRO A 108 -5.83 19.96 22.84
CA PRO A 108 -6.06 18.57 22.45
C PRO A 108 -6.78 18.45 21.11
N LYS A 109 -7.89 19.16 20.97
CA LYS A 109 -8.66 19.13 19.73
C LYS A 109 -9.39 17.81 19.58
N VAL A 110 -8.64 16.72 19.52
CA VAL A 110 -9.21 15.39 19.37
C VAL A 110 -9.33 14.69 20.72
N THR A 111 -8.19 14.41 21.34
CA THR A 111 -8.16 13.74 22.64
C THR A 111 -8.48 14.73 23.77
N MET A 112 -9.52 15.53 23.57
CA MET A 112 -9.92 16.50 24.57
C MET A 112 -10.62 15.83 25.75
N ARG A 113 -10.76 14.51 25.67
CA ARG A 113 -11.42 13.75 26.73
C ARG A 113 -10.41 13.30 27.77
N ARG A 114 -9.88 12.08 27.61
CA ARG A 114 -8.91 11.54 28.55
C ARG A 114 -7.49 11.73 28.02
N ARG A 115 -6.51 11.17 28.75
CA ARG A 115 -5.12 11.28 28.35
C ARG A 115 -4.30 10.14 28.96
N PHE A 116 -3.38 9.59 28.16
CA PHE A 116 -2.54 8.50 28.62
C PHE A 116 -1.37 8.29 27.66
N SER A 117 -0.68 7.15 27.81
CA SER A 117 0.46 6.84 26.97
C SER A 117 0.12 7.04 25.49
N ASP A 118 0.63 8.13 24.93
CA ASP A 118 0.38 8.44 23.52
C ASP A 118 0.95 7.35 22.61
N ASP A 119 1.97 6.66 23.10
CA ASP A 119 2.60 5.59 22.33
C ASP A 119 1.66 4.39 22.19
N ASP A 120 0.81 4.19 23.19
CA ASP A 120 -0.14 3.09 23.17
C ASP A 120 -1.31 3.38 22.25
N ASP A 121 -1.79 4.62 22.29
CA ASP A 121 -2.91 5.04 21.44
C ASP A 121 -2.63 4.71 19.98
N ASP A 122 -1.35 4.68 19.62
CA ASP A 122 -0.96 4.38 18.25
C ASP A 122 -0.47 2.94 18.12
N PHE A 123 -1.10 2.04 18.87
CA PHE A 123 -0.73 0.63 18.84
C PHE A 123 -1.83 -0.22 19.47
N SER A 1 0.29 -0.51 -26.46
CA SER A 1 -0.71 -1.50 -26.05
C SER A 1 -1.79 -1.66 -27.12
N MET A 2 -1.36 -1.91 -28.35
CA MET A 2 -2.29 -2.08 -29.46
C MET A 2 -2.03 -3.40 -30.17
N GLN A 3 -2.77 -4.44 -29.79
CA GLN A 3 -2.63 -5.76 -30.39
C GLN A 3 -3.63 -5.95 -31.53
N PRO A 4 -3.35 -6.93 -32.40
CA PRO A 4 -2.16 -7.78 -32.29
C PRO A 4 -0.87 -7.00 -32.59
N GLU A 5 0.26 -7.66 -32.38
CA GLU A 5 1.56 -7.04 -32.63
C GLU A 5 1.97 -7.21 -34.09
N GLU A 6 2.96 -6.42 -34.52
CA GLU A 6 3.45 -6.48 -35.88
C GLU A 6 4.05 -7.84 -36.19
N PHE A 7 4.64 -8.47 -35.18
CA PHE A 7 5.24 -9.79 -35.34
C PHE A 7 4.38 -10.87 -34.72
N ALA A 8 3.06 -10.68 -34.80
CA ALA A 8 2.12 -11.65 -34.25
C ALA A 8 2.36 -13.04 -34.81
N ALA A 9 1.57 -14.01 -34.35
CA ALA A 9 1.70 -15.38 -34.81
C ALA A 9 3.15 -15.87 -34.69
N ALA A 10 3.62 -15.99 -33.45
CA ALA A 10 4.98 -16.45 -33.20
C ALA A 10 5.10 -17.95 -33.39
N ALA A 11 4.73 -18.70 -32.35
CA ALA A 11 4.80 -20.15 -32.39
C ALA A 11 4.34 -20.77 -31.08
N ARG A 12 3.38 -20.11 -30.43
CA ARG A 12 2.86 -20.59 -29.16
C ARG A 12 3.96 -20.71 -28.11
N GLY A 13 4.50 -19.55 -27.70
CA GLY A 13 5.57 -19.55 -26.71
C GLY A 13 5.83 -18.17 -26.16
N GLY A 14 6.48 -17.33 -26.96
CA GLY A 14 6.79 -15.98 -26.53
C GLY A 14 5.77 -14.97 -27.00
N PHE A 15 4.49 -15.33 -26.89
CA PHE A 15 3.41 -14.45 -27.32
C PHE A 15 3.49 -14.15 -28.81
N GLY A 16 4.41 -13.26 -29.18
CA GLY A 16 4.57 -12.91 -30.58
C GLY A 16 3.67 -11.77 -31.00
N GLY A 17 2.51 -11.66 -30.35
CA GLY A 17 1.58 -10.60 -30.68
C GLY A 17 0.18 -10.87 -30.16
N ASP A 18 -0.12 -12.15 -29.95
CA ASP A 18 -1.44 -12.54 -29.46
C ASP A 18 -1.60 -12.17 -27.99
N ALA A 19 -2.30 -11.08 -27.73
CA ALA A 19 -2.53 -10.62 -26.37
C ALA A 19 -2.97 -11.77 -25.47
N GLU A 20 -3.64 -12.75 -26.06
CA GLU A 20 -4.13 -13.89 -25.31
C GLU A 20 -3.02 -14.49 -24.45
N LYS A 21 -1.91 -14.83 -25.09
CA LYS A 21 -0.77 -15.41 -24.39
C LYS A 21 -0.23 -14.45 -23.33
N ALA A 22 0.13 -13.25 -23.77
CA ALA A 22 0.66 -12.23 -22.86
C ALA A 22 -0.23 -12.08 -21.63
N LYS A 23 -1.49 -12.47 -21.77
CA LYS A 23 -2.44 -12.38 -20.66
C LYS A 23 -2.37 -13.63 -19.78
N ALA A 24 -2.78 -14.76 -20.34
CA ALA A 24 -2.76 -16.02 -19.60
C ALA A 24 -1.33 -16.43 -19.26
N ALA A 25 -0.49 -16.59 -20.28
CA ALA A 25 0.89 -16.98 -20.07
C ALA A 25 1.53 -16.18 -18.94
N GLU A 26 1.36 -14.87 -19.00
CA GLU A 26 1.93 -13.99 -17.98
C GLU A 26 1.36 -14.31 -16.61
N ALA A 27 0.08 -14.68 -16.57
CA ALA A 27 -0.59 -15.02 -15.32
C ALA A 27 0.09 -16.21 -14.65
N GLN A 28 0.17 -17.33 -15.37
CA GLN A 28 0.79 -18.54 -14.85
C GLN A 28 2.30 -18.36 -14.71
N GLU A 29 2.88 -17.59 -15.62
CA GLU A 29 4.32 -17.35 -15.60
C GLU A 29 4.71 -16.50 -14.39
N ALA A 30 3.91 -15.47 -14.12
CA ALA A 30 4.17 -14.58 -13.00
C ALA A 30 4.34 -15.36 -11.70
N MET A 31 3.35 -16.21 -11.40
CA MET A 31 3.38 -17.02 -10.19
C MET A 31 4.56 -17.98 -10.21
N ARG A 32 4.88 -18.49 -11.40
CA ARG A 32 5.99 -19.43 -11.56
C ARG A 32 7.28 -18.85 -10.97
N GLN A 33 7.31 -17.53 -10.79
CA GLN A 33 8.47 -16.86 -10.23
C GLN A 33 9.10 -17.69 -9.12
N GLN A 34 8.25 -18.25 -8.27
CA GLN A 34 8.73 -19.06 -7.15
C GLN A 34 9.93 -18.41 -6.47
N MET A 35 10.00 -17.09 -6.56
CA MET A 35 11.09 -16.34 -5.94
C MET A 35 11.00 -14.86 -6.30
N GLU A 36 11.90 -14.06 -5.74
CA GLU A 36 11.93 -12.63 -5.99
C GLU A 36 10.65 -11.97 -5.47
N GLU A 37 10.81 -11.10 -4.48
CA GLU A 37 9.67 -10.39 -3.89
C GLU A 37 10.14 -9.22 -3.03
N GLN A 38 10.64 -9.53 -1.83
CA GLN A 38 11.12 -8.50 -0.92
C GLN A 38 12.08 -7.55 -1.63
N ARG A 39 12.66 -8.01 -2.73
CA ARG A 39 13.60 -7.20 -3.50
C ARG A 39 12.91 -6.61 -4.73
N ARG A 40 12.46 -7.47 -5.63
CA ARG A 40 11.80 -7.03 -6.85
C ARG A 40 10.46 -6.38 -6.53
N ILE A 41 9.58 -7.13 -5.88
CA ILE A 41 8.26 -6.62 -5.52
C ILE A 41 8.37 -5.30 -4.76
N MET A 42 9.36 -5.22 -3.87
CA MET A 42 9.56 -4.00 -3.08
C MET A 42 10.02 -2.85 -3.97
N LEU A 43 10.91 -3.15 -4.92
CA LEU A 43 11.42 -2.14 -5.83
C LEU A 43 10.29 -1.50 -6.63
N ARG A 44 9.50 -2.35 -7.30
CA ARG A 44 8.39 -1.87 -8.11
C ARG A 44 7.33 -1.20 -7.23
N ALA A 45 7.35 -1.53 -5.94
CA ALA A 45 6.39 -0.96 -5.00
C ALA A 45 6.97 0.26 -4.28
N VAL A 46 8.25 0.53 -4.55
CA VAL A 46 8.93 1.66 -3.93
C VAL A 46 8.02 2.88 -3.87
N LEU A 47 7.18 3.04 -4.89
CA LEU A 47 6.25 4.16 -4.95
C LEU A 47 5.39 4.23 -3.70
N THR A 48 4.50 5.22 -3.64
CA THR A 48 3.61 5.39 -2.50
C THR A 48 2.82 6.69 -2.61
N PRO A 49 1.58 6.67 -2.10
CA PRO A 49 0.71 7.84 -2.12
C PRO A 49 1.17 8.95 -1.18
N ALA A 50 0.30 9.90 -0.91
CA ALA A 50 0.62 11.01 -0.03
C ALA A 50 0.21 10.71 1.41
N ALA A 51 0.31 9.44 1.80
CA ALA A 51 -0.06 9.03 3.15
C ALA A 51 0.97 9.50 4.17
N GLN A 52 2.23 9.56 3.76
CA GLN A 52 3.30 9.99 4.63
C GLN A 52 2.95 11.32 5.31
N GLU A 53 2.19 12.15 4.61
CA GLU A 53 1.78 13.44 5.14
C GLU A 53 1.06 13.28 6.48
N ARG A 54 -0.20 12.83 6.42
CA ARG A 54 -0.99 12.63 7.63
C ARG A 54 -0.27 11.71 8.62
N LEU A 55 0.48 10.75 8.08
CA LEU A 55 1.22 9.81 8.92
C LEU A 55 2.24 10.54 9.78
N HIS A 56 3.24 11.14 9.13
CA HIS A 56 4.28 11.87 9.84
C HIS A 56 3.67 12.89 10.80
N ARG A 57 2.52 13.43 10.42
CA ARG A 57 1.84 14.42 11.25
C ARG A 57 1.28 13.78 12.51
N ILE A 58 0.22 12.99 12.33
CA ILE A 58 -0.42 12.31 13.46
C ILE A 58 0.60 11.54 14.29
N GLN A 59 1.65 11.06 13.63
CA GLN A 59 2.70 10.31 14.31
C GLN A 59 3.66 11.25 15.03
N LEU A 60 3.87 12.43 14.46
CA LEU A 60 4.77 13.42 15.05
C LEU A 60 4.39 13.69 16.50
N VAL A 61 3.09 13.80 16.77
CA VAL A 61 2.61 14.06 18.11
C VAL A 61 2.36 12.77 18.87
N LYS A 62 1.81 11.78 18.16
CA LYS A 62 1.52 10.48 18.75
C LYS A 62 2.60 9.46 18.41
N ALA A 63 3.74 9.55 19.09
CA ALA A 63 4.85 8.64 18.86
C ALA A 63 4.49 7.22 19.27
N ASP A 64 4.05 7.07 20.52
CA ASP A 64 3.68 5.76 21.05
C ASP A 64 2.50 5.18 20.26
N LYS A 65 1.61 6.05 19.82
CA LYS A 65 0.44 5.63 19.06
C LYS A 65 0.78 5.43 17.58
N ALA A 66 1.97 5.89 17.20
CA ALA A 66 2.42 5.76 15.82
C ALA A 66 3.00 4.37 15.56
N ARG A 67 3.72 3.85 16.54
CA ARG A 67 4.33 2.53 16.42
C ARG A 67 3.26 1.45 16.28
N GLU A 68 2.12 1.66 16.91
CA GLU A 68 1.03 0.71 16.86
C GLU A 68 0.27 0.82 15.53
N VAL A 69 0.33 2.00 14.93
CA VAL A 69 -0.34 2.24 13.65
C VAL A 69 0.47 1.68 12.49
N GLU A 70 1.80 1.79 12.60
CA GLU A 70 2.69 1.29 11.56
C GLU A 70 2.83 -0.22 11.64
N ALA A 71 2.59 -0.78 12.83
CA ALA A 71 2.70 -2.22 13.03
C ALA A 71 1.81 -2.97 12.07
N LEU A 72 0.55 -2.54 11.96
CA LEU A 72 -0.41 -3.19 11.07
C LEU A 72 0.03 -3.06 9.62
N ILE A 73 0.47 -1.87 9.23
CA ILE A 73 0.93 -1.63 7.86
C ILE A 73 2.44 -1.81 7.74
N LEU A 74 2.99 -2.67 8.60
CA LEU A 74 4.42 -2.95 8.58
C LEU A 74 4.75 -4.10 7.64
N GLN A 75 3.73 -4.84 7.24
CA GLN A 75 3.91 -5.97 6.34
C GLN A 75 3.48 -5.61 4.92
N ASN A 76 3.24 -4.32 4.68
CA ASN A 76 2.83 -3.84 3.37
C ASN A 76 3.59 -2.59 2.99
N ALA A 77 3.33 -1.50 3.71
CA ALA A 77 3.99 -0.23 3.44
C ALA A 77 5.50 -0.34 3.64
N GLN A 78 5.91 -1.26 4.51
CA GLN A 78 7.32 -1.47 4.79
C GLN A 78 7.86 -2.69 4.03
N ARG A 79 6.95 -3.58 3.66
CA ARG A 79 7.32 -4.79 2.93
C ARG A 79 7.53 -4.49 1.45
N GLY A 80 6.90 -3.42 0.97
CA GLY A 80 7.03 -3.05 -0.42
C GLY A 80 5.78 -3.37 -1.23
N ARG A 81 4.66 -2.76 -0.86
CA ARG A 81 3.40 -2.99 -1.55
C ARG A 81 3.49 -4.22 -2.46
N LEU A 82 3.29 -5.39 -1.87
CA LEU A 82 3.36 -6.64 -2.63
C LEU A 82 2.15 -6.79 -3.55
N ALA A 83 1.02 -6.22 -3.12
CA ALA A 83 -0.20 -6.28 -3.91
C ALA A 83 -0.88 -7.64 -3.76
N ASP A 84 -0.09 -8.70 -3.81
CA ASP A 84 -0.60 -10.06 -3.67
C ASP A 84 -0.63 -10.49 -2.21
N LYS A 85 0.35 -10.03 -1.44
CA LYS A 85 0.44 -10.37 -0.03
C LYS A 85 -0.10 -9.25 0.84
N VAL A 86 -0.70 -8.25 0.20
CA VAL A 86 -1.27 -7.11 0.91
C VAL A 86 -2.20 -7.56 2.03
N ASP A 87 -1.90 -7.14 3.25
CA ASP A 87 -2.71 -7.50 4.41
C ASP A 87 -3.99 -6.68 4.46
N GLU A 88 -4.72 -6.77 5.56
CA GLU A 88 -5.97 -6.04 5.73
C GLU A 88 -5.71 -4.69 6.40
N ALA A 89 -4.55 -4.56 7.03
CA ALA A 89 -4.19 -3.32 7.71
C ALA A 89 -4.37 -2.12 6.79
N THR A 90 -4.35 -2.37 5.48
CA THR A 90 -4.50 -1.30 4.50
C THR A 90 -5.70 -0.42 4.83
N LEU A 91 -6.73 -1.02 5.41
CA LEU A 91 -7.94 -0.29 5.78
C LEU A 91 -7.96 -0.01 7.28
N ILE A 92 -7.36 -0.90 8.05
CA ILE A 92 -7.31 -0.75 9.50
C ILE A 92 -6.81 0.63 9.89
N GLU A 93 -5.95 1.20 9.05
CA GLU A 93 -5.40 2.53 9.31
C GLU A 93 -6.34 3.63 8.81
N LEU A 94 -7.02 3.34 7.70
CA LEU A 94 -7.96 4.30 7.12
C LEU A 94 -9.13 4.56 8.06
N LEU A 95 -9.34 3.65 9.01
CA LEU A 95 -10.42 3.79 9.98
C LEU A 95 -9.90 4.34 11.29
N GLN A 96 -8.62 4.15 11.56
CA GLN A 96 -8.00 4.64 12.78
C GLN A 96 -7.89 6.16 12.76
N GLN A 97 -7.77 6.73 11.56
CA GLN A 97 -7.66 8.18 11.42
C GLN A 97 -9.04 8.82 11.37
N THR A 98 -9.99 8.14 10.74
CA THR A 98 -11.35 8.64 10.62
C THR A 98 -12.32 7.54 10.21
N SER A 99 -12.60 6.63 11.15
CA SER A 99 -13.51 5.52 10.88
C SER A 99 -14.85 6.03 10.38
N ALA A 100 -15.26 7.20 10.88
CA ALA A 100 -16.53 7.81 10.48
C ALA A 100 -16.31 9.15 9.80
N ALA A 101 -15.80 10.12 10.56
CA ALA A 101 -15.55 11.45 10.03
C ALA A 101 -15.02 12.38 11.12
N SER A 102 -13.74 12.72 11.04
CA SER A 102 -13.11 13.60 12.01
C SER A 102 -12.17 14.59 11.33
N ALA A 103 -10.97 14.13 11.01
CA ALA A 103 -9.98 14.98 10.36
C ALA A 103 -9.50 16.08 11.29
N ALA A 104 -8.20 16.35 11.27
CA ALA A 104 -7.62 17.40 12.10
C ALA A 104 -7.69 17.01 13.58
N LYS A 105 -6.64 17.35 14.33
CA LYS A 105 -6.57 17.05 15.75
C LYS A 105 -6.02 18.23 16.53
N ASN A 106 -4.70 18.39 16.48
CA ASN A 106 -4.03 19.48 17.19
C ASN A 106 -2.52 19.29 17.19
N THR A 107 -1.81 20.18 17.88
CA THR A 107 -0.37 20.11 17.96
C THR A 107 0.27 20.13 16.58
N PRO A 108 1.55 20.51 16.51
CA PRO A 108 2.33 20.89 17.70
C PRO A 108 1.86 22.22 18.30
N LYS A 109 1.65 22.22 19.61
CA LYS A 109 1.20 23.42 20.30
C LYS A 109 -0.02 24.03 19.61
N VAL A 110 -0.38 25.24 20.02
CA VAL A 110 -1.53 25.93 19.45
C VAL A 110 -2.84 25.38 20.01
N THR A 111 -2.85 24.08 20.30
CA THR A 111 -4.04 23.43 20.84
C THR A 111 -4.55 24.18 22.07
N MET A 112 -3.65 24.47 22.99
CA MET A 112 -4.02 25.17 24.22
C MET A 112 -5.27 24.56 24.85
N ARG A 113 -5.48 23.27 24.60
CA ARG A 113 -6.63 22.56 25.15
C ARG A 113 -6.57 21.08 24.80
N ARG A 114 -5.95 20.30 25.68
CA ARG A 114 -5.83 18.86 25.46
C ARG A 114 -7.08 18.30 24.81
N ARG A 115 -8.17 18.26 25.57
CA ARG A 115 -9.44 17.74 25.07
C ARG A 115 -9.77 18.36 23.71
N PHE A 116 -10.32 17.54 22.82
CA PHE A 116 -10.70 18.00 21.48
C PHE A 116 -11.55 16.96 20.75
N SER A 117 -11.67 17.11 19.45
CA SER A 117 -12.47 16.20 18.64
C SER A 117 -12.14 14.75 18.98
N ASP A 118 -13.05 14.09 19.69
CA ASP A 118 -12.86 12.70 20.09
C ASP A 118 -13.11 11.76 18.91
N ASP A 119 -13.56 12.33 17.79
CA ASP A 119 -13.84 11.54 16.60
C ASP A 119 -12.55 11.16 15.90
N ASP A 120 -11.43 11.68 16.38
CA ASP A 120 -10.13 11.38 15.80
C ASP A 120 -9.46 10.22 16.52
N ASP A 121 -9.70 10.12 17.82
CA ASP A 121 -9.12 9.06 18.64
C ASP A 121 -10.21 8.12 19.16
N ASP A 122 -11.20 7.86 18.32
CA ASP A 122 -12.30 6.98 18.70
C ASP A 122 -12.00 5.54 18.31
N PHE A 123 -10.79 5.08 18.64
CA PHE A 123 -10.38 3.72 18.31
C PHE A 123 -9.28 3.24 19.26
N SER A 1 -11.96 -6.86 -25.10
CA SER A 1 -13.25 -6.48 -24.54
C SER A 1 -14.36 -6.66 -25.57
N MET A 2 -14.31 -7.78 -26.30
CA MET A 2 -15.32 -8.08 -27.31
C MET A 2 -15.65 -9.56 -27.31
N GLN A 3 -16.78 -9.90 -26.68
CA GLN A 3 -17.21 -11.29 -26.60
C GLN A 3 -18.73 -11.38 -26.56
N PRO A 4 -19.28 -12.54 -26.97
CA PRO A 4 -18.46 -13.67 -27.44
C PRO A 4 -17.79 -13.39 -28.79
N GLU A 5 -16.54 -13.79 -28.92
CA GLU A 5 -15.80 -13.59 -30.15
C GLU A 5 -16.18 -14.62 -31.20
N GLU A 6 -16.10 -14.23 -32.48
CA GLU A 6 -16.43 -15.13 -33.57
C GLU A 6 -15.48 -16.33 -33.61
N PHE A 7 -14.20 -16.07 -33.33
CA PHE A 7 -13.20 -17.12 -33.34
C PHE A 7 -12.78 -17.47 -31.92
N ALA A 8 -13.71 -17.35 -30.99
CA ALA A 8 -13.43 -17.65 -29.58
C ALA A 8 -12.20 -16.90 -29.09
N ALA A 9 -11.77 -17.24 -27.87
CA ALA A 9 -10.60 -16.60 -27.28
C ALA A 9 -10.57 -16.80 -25.77
N ALA A 10 -9.79 -17.78 -25.33
CA ALA A 10 -9.66 -18.08 -23.91
C ALA A 10 -9.44 -16.80 -23.10
N ALA A 11 -8.49 -15.99 -23.52
CA ALA A 11 -8.18 -14.74 -22.84
C ALA A 11 -7.09 -13.96 -23.57
N ARG A 12 -5.94 -14.59 -23.76
CA ARG A 12 -4.83 -13.96 -24.45
C ARG A 12 -4.43 -12.66 -23.76
N GLY A 13 -4.00 -12.76 -22.50
CA GLY A 13 -3.60 -11.59 -21.75
C GLY A 13 -4.78 -10.88 -21.11
N GLY A 14 -5.99 -11.36 -21.41
CA GLY A 14 -7.18 -10.75 -20.85
C GLY A 14 -7.55 -11.32 -19.50
N PHE A 15 -6.70 -12.22 -18.99
CA PHE A 15 -6.94 -12.84 -17.69
C PHE A 15 -8.40 -13.26 -17.55
N GLY A 16 -8.80 -14.26 -18.34
CA GLY A 16 -10.17 -14.74 -18.29
C GLY A 16 -10.63 -15.01 -16.88
N GLY A 17 -9.69 -15.37 -16.00
CA GLY A 17 -10.03 -15.66 -14.61
C GLY A 17 -8.84 -16.16 -13.83
N ASP A 18 -7.91 -16.82 -14.51
CA ASP A 18 -6.72 -17.35 -13.86
C ASP A 18 -5.80 -16.22 -13.40
N ALA A 19 -5.78 -15.98 -12.10
CA ALA A 19 -4.94 -14.93 -11.53
C ALA A 19 -3.52 -15.00 -12.07
N GLU A 20 -3.06 -16.22 -12.35
CA GLU A 20 -1.71 -16.42 -12.87
C GLU A 20 -1.45 -15.51 -14.06
N LYS A 21 -2.39 -15.47 -14.99
CA LYS A 21 -2.26 -14.64 -16.18
C LYS A 21 -1.94 -13.20 -15.80
N ALA A 22 -2.83 -12.59 -15.02
CA ALA A 22 -2.65 -11.21 -14.58
C ALA A 22 -1.32 -11.03 -13.86
N LYS A 23 -0.80 -12.13 -13.31
CA LYS A 23 0.47 -12.10 -12.60
C LYS A 23 1.64 -12.02 -13.57
N ALA A 24 1.79 -13.05 -14.40
CA ALA A 24 2.87 -13.10 -15.38
C ALA A 24 2.71 -11.99 -16.41
N ALA A 25 1.54 -11.92 -17.02
CA ALA A 25 1.26 -10.90 -18.03
C ALA A 25 1.69 -9.52 -17.55
N GLU A 26 1.25 -9.15 -16.36
CA GLU A 26 1.60 -7.85 -15.80
C GLU A 26 3.10 -7.73 -15.57
N ALA A 27 3.73 -8.87 -15.28
CA ALA A 27 5.17 -8.89 -15.04
C ALA A 27 5.94 -8.49 -16.30
N GLN A 28 5.53 -9.02 -17.44
CA GLN A 28 6.19 -8.72 -18.71
C GLN A 28 6.25 -7.21 -18.94
N GLU A 29 5.20 -6.51 -18.52
CA GLU A 29 5.14 -5.06 -18.68
C GLU A 29 5.94 -4.36 -17.58
N ALA A 30 5.64 -4.71 -16.33
CA ALA A 30 6.31 -4.12 -15.19
C ALA A 30 7.81 -4.34 -15.26
N MET A 31 8.23 -5.31 -16.07
CA MET A 31 9.64 -5.63 -16.22
C MET A 31 10.43 -4.38 -16.58
N ARG A 32 9.75 -3.37 -17.12
CA ARG A 32 10.39 -2.13 -17.50
C ARG A 32 11.34 -1.64 -16.40
N GLN A 33 10.97 -1.92 -15.15
CA GLN A 33 11.79 -1.51 -14.01
C GLN A 33 13.23 -2.01 -14.17
N GLN A 34 13.38 -3.28 -14.54
CA GLN A 34 14.70 -3.86 -14.73
C GLN A 34 15.66 -3.40 -13.64
N MET A 35 15.61 -4.06 -12.49
CA MET A 35 16.48 -3.71 -11.37
C MET A 35 16.56 -4.87 -10.37
N GLU A 36 17.50 -4.77 -9.44
CA GLU A 36 17.69 -5.80 -8.43
C GLU A 36 16.54 -5.79 -7.42
N GLU A 37 16.00 -6.97 -7.14
CA GLU A 37 14.89 -7.09 -6.20
C GLU A 37 15.04 -8.34 -5.34
N GLN A 38 14.72 -9.50 -5.93
CA GLN A 38 14.81 -10.76 -5.22
C GLN A 38 16.17 -10.91 -4.55
N ARG A 39 17.16 -10.17 -5.04
CA ARG A 39 18.50 -10.21 -4.47
C ARG A 39 18.72 -9.06 -3.49
N ARG A 40 18.66 -7.84 -4.01
CA ARG A 40 18.85 -6.66 -3.16
C ARG A 40 17.68 -6.47 -2.21
N ILE A 41 16.48 -6.30 -2.77
CA ILE A 41 15.29 -6.11 -1.97
C ILE A 41 15.18 -7.16 -0.88
N MET A 42 15.58 -8.38 -1.20
CA MET A 42 15.54 -9.48 -0.24
C MET A 42 16.71 -9.40 0.73
N LEU A 43 17.86 -8.95 0.24
CA LEU A 43 19.05 -8.84 1.06
C LEU A 43 18.83 -7.83 2.19
N ARG A 44 18.08 -6.78 1.89
CA ARG A 44 17.80 -5.74 2.89
C ARG A 44 16.62 -6.15 3.78
N ALA A 45 15.69 -6.91 3.21
CA ALA A 45 14.52 -7.37 3.95
C ALA A 45 14.93 -7.87 5.34
N VAL A 46 16.10 -8.50 5.43
CA VAL A 46 16.59 -9.03 6.69
C VAL A 46 16.55 -7.97 7.78
N LEU A 47 17.00 -6.77 7.45
CA LEU A 47 17.03 -5.66 8.41
C LEU A 47 15.61 -5.11 8.62
N THR A 48 15.51 -4.10 9.46
CA THR A 48 14.23 -3.47 9.76
C THR A 48 14.38 -2.31 10.73
N PRO A 49 13.79 -1.16 10.39
CA PRO A 49 13.85 0.05 11.22
C PRO A 49 13.03 -0.09 12.50
N ALA A 50 12.78 1.03 13.16
CA ALA A 50 12.01 1.03 14.39
C ALA A 50 10.73 1.84 14.24
N ALA A 51 10.21 1.89 13.01
CA ALA A 51 8.99 2.64 12.73
C ALA A 51 7.79 2.00 13.41
N GLN A 52 7.82 0.68 13.54
CA GLN A 52 6.74 -0.05 14.18
C GLN A 52 6.37 0.56 15.52
N GLU A 53 7.37 1.13 16.20
CA GLU A 53 7.15 1.76 17.49
C GLU A 53 6.01 2.77 17.42
N ARG A 54 6.29 3.93 16.83
CA ARG A 54 5.29 4.98 16.70
C ARG A 54 4.04 4.46 16.00
N LEU A 55 4.24 3.60 15.01
CA LEU A 55 3.13 3.02 14.27
C LEU A 55 2.13 2.35 15.20
N HIS A 56 2.62 1.46 16.04
CA HIS A 56 1.78 0.75 17.00
C HIS A 56 1.21 1.70 18.04
N ARG A 57 2.01 2.69 18.42
CA ARG A 57 1.58 3.68 19.41
C ARG A 57 0.38 4.47 18.92
N ILE A 58 0.48 4.97 17.69
CA ILE A 58 -0.60 5.76 17.09
C ILE A 58 -1.75 4.86 16.65
N GLN A 59 -1.41 3.80 15.91
CA GLN A 59 -2.41 2.86 15.42
C GLN A 59 -3.17 2.22 16.58
N LEU A 60 -2.53 2.18 17.75
CA LEU A 60 -3.15 1.59 18.93
C LEU A 60 -4.53 2.17 19.17
N VAL A 61 -4.66 3.49 19.03
CA VAL A 61 -5.94 4.15 19.23
C VAL A 61 -6.68 4.31 17.90
N LYS A 62 -5.94 4.67 16.86
CA LYS A 62 -6.53 4.85 15.54
C LYS A 62 -6.59 3.53 14.77
N ALA A 63 -7.47 2.65 15.20
CA ALA A 63 -7.62 1.34 14.56
C ALA A 63 -8.18 1.49 13.15
N ASP A 64 -9.36 2.11 13.04
CA ASP A 64 -10.00 2.32 11.75
C ASP A 64 -9.04 3.00 10.77
N LYS A 65 -8.23 3.92 11.28
CA LYS A 65 -7.27 4.63 10.46
C LYS A 65 -6.00 3.82 10.26
N ALA A 66 -5.78 2.85 11.15
CA ALA A 66 -4.60 1.99 11.07
C ALA A 66 -4.77 0.92 10.00
N ARG A 67 -6.01 0.48 9.82
CA ARG A 67 -6.31 -0.55 8.82
C ARG A 67 -6.04 -0.03 7.41
N GLU A 68 -6.31 1.24 7.20
CA GLU A 68 -6.10 1.86 5.89
C GLU A 68 -4.62 2.17 5.66
N VAL A 69 -3.90 2.42 6.75
CA VAL A 69 -2.48 2.73 6.67
C VAL A 69 -1.64 1.46 6.49
N GLU A 70 -2.12 0.35 7.06
CA GLU A 70 -1.43 -0.92 6.95
C GLU A 70 -1.47 -1.45 5.53
N ALA A 71 -2.53 -1.09 4.80
CA ALA A 71 -2.69 -1.53 3.42
C ALA A 71 -1.44 -1.22 2.59
N LEU A 72 -0.86 -0.05 2.84
CA LEU A 72 0.35 0.36 2.13
C LEU A 72 1.58 -0.30 2.72
N ILE A 73 1.78 -0.14 4.02
CA ILE A 73 2.92 -0.72 4.70
C ILE A 73 2.97 -2.24 4.50
N LEU A 74 1.85 -2.81 4.09
CA LEU A 74 1.77 -4.25 3.85
C LEU A 74 2.21 -4.59 2.44
N GLN A 75 3.07 -3.75 1.87
CA GLN A 75 3.57 -3.96 0.51
C GLN A 75 5.09 -3.88 0.47
N ASN A 76 5.70 -3.67 1.64
CA ASN A 76 7.15 -3.57 1.73
C ASN A 76 7.63 -4.05 3.10
N ALA A 77 6.92 -3.65 4.15
CA ALA A 77 7.28 -4.03 5.50
C ALA A 77 6.94 -5.50 5.77
N GLN A 78 6.00 -6.04 4.99
CA GLN A 78 5.59 -7.42 5.15
C GLN A 78 6.26 -8.31 4.11
N ARG A 79 6.70 -7.70 3.01
CA ARG A 79 7.36 -8.44 1.93
C ARG A 79 8.86 -8.18 1.95
N GLY A 80 9.35 -7.61 3.06
CA GLY A 80 10.76 -7.33 3.18
C GLY A 80 11.11 -5.92 2.73
N ARG A 81 11.16 -5.00 3.69
CA ARG A 81 11.47 -3.60 3.39
C ARG A 81 12.37 -3.51 2.16
N LEU A 82 11.85 -2.86 1.11
CA LEU A 82 12.59 -2.69 -0.13
C LEU A 82 13.77 -1.74 0.07
N ALA A 83 13.60 -0.75 0.94
CA ALA A 83 14.64 0.22 1.22
C ALA A 83 15.19 0.81 -0.07
N ASP A 84 14.37 0.84 -1.10
CA ASP A 84 14.77 1.38 -2.40
C ASP A 84 13.56 1.67 -3.27
N LYS A 85 12.79 0.62 -3.57
CA LYS A 85 11.60 0.76 -4.40
C LYS A 85 10.35 0.93 -3.53
N VAL A 86 10.52 1.57 -2.38
CA VAL A 86 9.41 1.80 -1.47
C VAL A 86 8.25 2.49 -2.18
N ASP A 87 7.04 1.98 -1.97
CA ASP A 87 5.85 2.54 -2.59
C ASP A 87 5.78 4.05 -2.35
N GLU A 88 5.15 4.76 -3.27
CA GLU A 88 5.01 6.21 -3.17
C GLU A 88 3.90 6.58 -2.19
N ALA A 89 2.88 5.74 -2.11
CA ALA A 89 1.76 5.98 -1.21
C ALA A 89 2.20 5.91 0.24
N THR A 90 3.37 5.31 0.48
CA THR A 90 3.90 5.19 1.83
C THR A 90 3.90 6.52 2.55
N LEU A 91 4.21 7.59 1.82
CA LEU A 91 4.24 8.93 2.39
C LEU A 91 2.89 9.63 2.23
N ILE A 92 2.18 9.28 1.16
CA ILE A 92 0.88 9.87 0.89
C ILE A 92 -0.07 9.68 2.06
N GLU A 93 0.02 8.51 2.70
CA GLU A 93 -0.83 8.20 3.84
C GLU A 93 -0.26 8.80 5.12
N LEU A 94 1.04 8.70 5.29
CA LEU A 94 1.70 9.24 6.48
C LEU A 94 1.37 10.72 6.67
N LEU A 95 1.06 11.39 5.56
CA LEU A 95 0.72 12.81 5.60
C LEU A 95 -0.80 13.00 5.63
N GLN A 96 -1.53 12.01 5.13
CA GLN A 96 -2.98 12.07 5.09
C GLN A 96 -3.55 12.08 6.51
N GLN A 97 -2.83 11.46 7.44
CA GLN A 97 -3.27 11.40 8.82
C GLN A 97 -2.82 12.62 9.60
N THR A 98 -1.62 13.11 9.29
CA THR A 98 -1.07 14.28 9.95
C THR A 98 0.22 14.74 9.29
N SER A 99 0.10 15.40 8.14
CA SER A 99 1.26 15.88 7.40
C SER A 99 2.20 16.64 8.33
N ALA A 100 1.63 17.38 9.27
CA ALA A 100 2.42 18.16 10.21
C ALA A 100 1.91 17.97 11.64
N ALA A 101 0.60 18.07 11.81
CA ALA A 101 -0.02 17.91 13.12
C ALA A 101 -1.53 18.04 13.04
N SER A 102 -2.24 17.04 13.56
CA SER A 102 -3.69 17.04 13.54
C SER A 102 -4.25 15.81 14.26
N ALA A 103 -3.68 14.65 13.95
CA ALA A 103 -4.11 13.40 14.57
C ALA A 103 -5.62 13.22 14.42
N ALA A 104 -6.07 12.99 13.20
CA ALA A 104 -7.48 12.79 12.92
C ALA A 104 -8.29 14.04 13.24
N LYS A 105 -9.38 14.25 12.50
CA LYS A 105 -10.23 15.41 12.71
C LYS A 105 -11.70 15.03 12.59
N ASN A 106 -12.00 14.14 11.66
CA ASN A 106 -13.38 13.69 11.45
C ASN A 106 -14.20 14.78 10.78
N THR A 107 -15.09 14.38 9.87
CA THR A 107 -15.94 15.32 9.16
C THR A 107 -17.01 15.90 10.08
N PRO A 108 -17.52 15.06 11.00
CA PRO A 108 -17.08 13.67 11.13
C PRO A 108 -17.54 12.81 9.96
N LYS A 109 -18.85 12.83 9.68
CA LYS A 109 -19.40 12.06 8.59
C LYS A 109 -19.26 10.56 8.84
N VAL A 110 -18.05 10.05 8.63
CA VAL A 110 -17.77 8.64 8.84
C VAL A 110 -16.53 8.44 9.72
N THR A 111 -16.51 9.13 10.86
CA THR A 111 -15.39 9.03 11.77
C THR A 111 -15.04 7.58 12.07
N MET A 112 -16.07 6.75 12.26
CA MET A 112 -15.87 5.34 12.55
C MET A 112 -14.88 5.15 13.69
N ARG A 113 -14.77 6.16 14.55
CA ARG A 113 -13.87 6.10 15.69
C ARG A 113 -13.93 7.39 16.51
N ARG A 114 -14.71 7.36 17.59
CA ARG A 114 -14.86 8.53 18.45
C ARG A 114 -13.50 9.12 18.81
N ARG A 115 -13.42 10.44 18.79
CA ARG A 115 -12.17 11.14 19.11
C ARG A 115 -12.41 12.64 19.25
N PHE A 116 -11.34 13.41 19.15
CA PHE A 116 -11.43 14.87 19.27
C PHE A 116 -10.30 15.55 18.51
N SER A 117 -10.66 16.51 17.65
CA SER A 117 -9.68 17.23 16.86
C SER A 117 -8.61 17.86 17.75
N ASP A 118 -7.35 17.54 17.47
CA ASP A 118 -6.23 18.07 18.24
C ASP A 118 -5.82 19.45 17.73
N ASP A 119 -5.55 19.54 16.43
CA ASP A 119 -5.14 20.80 15.82
C ASP A 119 -6.22 21.87 16.02
N ASP A 120 -7.46 21.50 15.73
CA ASP A 120 -8.57 22.43 15.88
C ASP A 120 -9.24 22.28 17.25
N ASP A 121 -8.53 21.62 18.16
CA ASP A 121 -9.06 21.40 19.50
C ASP A 121 -9.52 22.72 20.14
N ASP A 122 -8.79 23.80 19.85
CA ASP A 122 -9.12 25.10 20.37
C ASP A 122 -9.52 26.07 19.26
N PHE A 123 -10.15 25.52 18.22
CA PHE A 123 -10.59 26.32 17.09
C PHE A 123 -11.26 25.45 16.03
N SER A 1 -1.34 -17.58 -16.70
CA SER A 1 -1.67 -16.69 -15.60
C SER A 1 -2.59 -15.55 -16.06
N MET A 2 -3.86 -15.89 -16.28
CA MET A 2 -4.84 -14.89 -16.72
C MET A 2 -6.07 -14.92 -15.83
N GLN A 3 -6.11 -14.00 -14.86
CA GLN A 3 -7.24 -13.92 -13.95
C GLN A 3 -7.50 -12.48 -13.54
N PRO A 4 -8.71 -12.21 -13.04
CA PRO A 4 -9.76 -13.23 -12.91
C PRO A 4 -10.29 -13.70 -14.26
N GLU A 5 -10.93 -14.86 -14.27
CA GLU A 5 -11.48 -15.43 -15.48
C GLU A 5 -12.52 -14.48 -16.09
N GLU A 6 -13.26 -13.79 -15.22
CA GLU A 6 -14.28 -12.85 -15.67
C GLU A 6 -13.67 -11.71 -16.48
N PHE A 7 -12.47 -11.29 -16.08
CA PHE A 7 -11.78 -10.21 -16.75
C PHE A 7 -10.90 -10.74 -17.88
N ALA A 8 -11.27 -11.91 -18.42
CA ALA A 8 -10.53 -12.52 -19.50
C ALA A 8 -10.73 -11.76 -20.81
N ALA A 9 -10.25 -12.35 -21.90
CA ALA A 9 -10.37 -11.73 -23.22
C ALA A 9 -10.91 -12.72 -24.24
N ALA A 10 -10.00 -13.44 -24.89
CA ALA A 10 -10.38 -14.43 -25.90
C ALA A 10 -9.96 -15.83 -25.48
N ALA A 11 -8.72 -16.18 -25.77
CA ALA A 11 -8.20 -17.50 -25.41
C ALA A 11 -6.69 -17.57 -25.66
N ARG A 12 -5.99 -16.50 -25.32
CA ARG A 12 -4.54 -16.44 -25.51
C ARG A 12 -4.19 -16.52 -26.98
N GLY A 13 -4.44 -15.42 -27.71
CA GLY A 13 -4.14 -15.38 -29.12
C GLY A 13 -3.11 -14.33 -29.46
N GLY A 14 -2.11 -14.18 -28.60
CA GLY A 14 -1.07 -13.19 -28.83
C GLY A 14 -1.60 -11.78 -28.79
N PHE A 15 -1.99 -11.32 -27.60
CA PHE A 15 -2.51 -9.97 -27.44
C PHE A 15 -3.37 -9.57 -28.64
N GLY A 16 -4.60 -10.06 -28.67
CA GLY A 16 -5.49 -9.74 -29.77
C GLY A 16 -6.01 -8.33 -29.70
N GLY A 17 -5.88 -7.70 -28.54
CA GLY A 17 -6.34 -6.33 -28.37
C GLY A 17 -6.28 -5.88 -26.92
N ASP A 18 -6.40 -6.83 -26.00
CA ASP A 18 -6.36 -6.51 -24.57
C ASP A 18 -4.92 -6.26 -24.12
N ALA A 19 -4.57 -4.98 -23.99
CA ALA A 19 -3.23 -4.60 -23.57
C ALA A 19 -2.77 -5.43 -22.37
N GLU A 20 -3.73 -5.82 -21.53
CA GLU A 20 -3.42 -6.62 -20.35
C GLU A 20 -2.49 -7.79 -20.71
N LYS A 21 -2.85 -8.52 -21.76
CA LYS A 21 -2.05 -9.65 -22.22
C LYS A 21 -0.61 -9.23 -22.49
N ALA A 22 -0.44 -8.26 -23.38
CA ALA A 22 0.88 -7.77 -23.71
C ALA A 22 1.70 -7.46 -22.46
N LYS A 23 1.01 -7.05 -21.40
CA LYS A 23 1.68 -6.73 -20.14
C LYS A 23 2.25 -7.99 -19.50
N ALA A 24 1.36 -8.89 -19.09
CA ALA A 24 1.79 -10.14 -18.46
C ALA A 24 2.69 -10.95 -19.39
N ALA A 25 2.21 -11.20 -20.59
CA ALA A 25 2.97 -11.96 -21.59
C ALA A 25 4.41 -11.47 -21.66
N GLU A 26 4.58 -10.18 -21.93
CA GLU A 26 5.91 -9.60 -22.04
C GLU A 26 6.66 -9.72 -20.72
N ALA A 27 5.92 -9.65 -19.61
CA ALA A 27 6.52 -9.76 -18.29
C ALA A 27 7.35 -11.03 -18.16
N GLN A 28 6.76 -12.15 -18.58
CA GLN A 28 7.44 -13.44 -18.50
C GLN A 28 8.82 -13.37 -19.14
N GLU A 29 8.89 -12.72 -20.30
CA GLU A 29 10.15 -12.58 -21.02
C GLU A 29 11.04 -11.52 -20.36
N ALA A 30 10.41 -10.45 -19.88
CA ALA A 30 11.14 -9.37 -19.23
C ALA A 30 12.11 -9.91 -18.19
N MET A 31 11.74 -11.02 -17.56
CA MET A 31 12.58 -11.63 -16.54
C MET A 31 14.00 -11.84 -17.06
N ARG A 32 14.13 -12.00 -18.38
CA ARG A 32 15.43 -12.19 -18.99
C ARG A 32 16.46 -11.23 -18.43
N GLN A 33 16.03 -10.00 -18.16
CA GLN A 33 16.91 -8.97 -17.63
C GLN A 33 17.85 -9.56 -16.57
N GLN A 34 17.33 -10.50 -15.78
CA GLN A 34 18.13 -11.14 -14.74
C GLN A 34 18.99 -10.12 -14.01
N MET A 35 18.42 -9.50 -12.98
CA MET A 35 19.13 -8.49 -12.20
C MET A 35 18.72 -8.56 -10.73
N GLU A 36 19.55 -7.99 -9.86
CA GLU A 36 19.27 -7.97 -8.43
C GLU A 36 18.07 -7.09 -8.11
N GLU A 37 17.07 -7.67 -7.46
CA GLU A 37 15.87 -6.93 -7.09
C GLU A 37 15.30 -7.44 -5.77
N GLN A 38 14.60 -8.57 -5.83
CA GLN A 38 14.00 -9.17 -4.64
C GLN A 38 15.02 -9.28 -3.52
N ARG A 39 16.30 -9.25 -3.88
CA ARG A 39 17.37 -9.35 -2.89
C ARG A 39 18.01 -7.99 -2.64
N ARG A 40 18.57 -7.39 -3.68
CA ARG A 40 19.21 -6.09 -3.57
C ARG A 40 18.18 -5.00 -3.28
N ILE A 41 17.17 -4.90 -4.15
CA ILE A 41 16.13 -3.90 -3.99
C ILE A 41 15.44 -4.05 -2.64
N MET A 42 15.24 -5.28 -2.21
CA MET A 42 14.59 -5.56 -0.92
C MET A 42 15.53 -5.23 0.24
N LEU A 43 16.78 -5.63 0.11
CA LEU A 43 17.77 -5.39 1.16
C LEU A 43 18.03 -3.89 1.30
N ARG A 44 18.09 -3.19 0.18
CA ARG A 44 18.34 -1.75 0.19
C ARG A 44 17.12 -1.00 0.74
N ALA A 45 15.95 -1.63 0.65
CA ALA A 45 14.72 -1.02 1.13
C ALA A 45 14.36 -1.53 2.52
N VAL A 46 15.11 -2.52 2.99
CA VAL A 46 14.87 -3.10 4.31
C VAL A 46 14.51 -2.02 5.32
N LEU A 47 15.21 -0.89 5.25
CA LEU A 47 14.97 0.22 6.15
C LEU A 47 13.48 0.56 6.22
N THR A 48 13.11 1.36 7.22
CA THR A 48 11.72 1.76 7.39
C THR A 48 11.54 2.62 8.64
N PRO A 49 10.65 3.61 8.56
CA PRO A 49 10.37 4.51 9.68
C PRO A 49 9.64 3.82 10.82
N ALA A 50 9.08 4.61 11.73
CA ALA A 50 8.35 4.06 12.87
C ALA A 50 6.84 4.13 12.64
N ALA A 51 6.39 3.51 11.57
CA ALA A 51 4.97 3.48 11.24
C ALA A 51 4.23 2.44 12.05
N GLN A 52 4.92 1.35 12.37
CA GLN A 52 4.31 0.27 13.16
C GLN A 52 3.57 0.82 14.37
N GLU A 53 4.09 1.91 14.93
CA GLU A 53 3.47 2.52 16.10
C GLU A 53 2.05 2.98 15.78
N ARG A 54 1.95 4.09 15.05
CA ARG A 54 0.65 4.64 14.68
C ARG A 54 -0.22 3.57 14.02
N LEU A 55 0.41 2.61 13.37
CA LEU A 55 -0.30 1.52 12.71
C LEU A 55 -1.13 0.73 13.69
N HIS A 56 -0.46 -0.07 14.52
CA HIS A 56 -1.14 -0.89 15.52
C HIS A 56 -2.08 -0.03 16.36
N ARG A 57 -1.71 1.23 16.57
CA ARG A 57 -2.52 2.14 17.36
C ARG A 57 -3.79 2.52 16.62
N ILE A 58 -3.66 3.37 15.61
CA ILE A 58 -4.80 3.81 14.82
C ILE A 58 -5.64 2.62 14.35
N GLN A 59 -4.97 1.50 14.11
CA GLN A 59 -5.65 0.30 13.66
C GLN A 59 -6.34 -0.41 14.82
N LEU A 60 -5.74 -0.32 16.00
CA LEU A 60 -6.29 -0.95 17.20
C LEU A 60 -7.76 -0.57 17.38
N VAL A 61 -8.05 0.71 17.20
CA VAL A 61 -9.42 1.21 17.35
C VAL A 61 -10.19 1.07 16.04
N LYS A 62 -9.52 1.34 14.92
CA LYS A 62 -10.14 1.24 13.62
C LYS A 62 -9.75 -0.06 12.92
N ALA A 63 -10.45 -1.14 13.26
CA ALA A 63 -10.17 -2.44 12.66
C ALA A 63 -10.47 -2.44 11.16
N ASP A 64 -11.70 -2.09 10.82
CA ASP A 64 -12.12 -2.04 9.42
C ASP A 64 -11.21 -1.12 8.61
N LYS A 65 -10.80 -0.02 9.23
CA LYS A 65 -9.93 0.95 8.57
C LYS A 65 -8.47 0.49 8.62
N ALA A 66 -8.23 -0.59 9.36
CA ALA A 66 -6.88 -1.12 9.49
C ALA A 66 -6.53 -2.02 8.29
N ARG A 67 -7.49 -2.84 7.88
CA ARG A 67 -7.28 -3.75 6.75
C ARG A 67 -6.96 -2.96 5.49
N GLU A 68 -7.55 -1.77 5.36
CA GLU A 68 -7.34 -0.93 4.20
C GLU A 68 -6.01 -0.18 4.32
N VAL A 69 -5.57 0.05 5.54
CA VAL A 69 -4.32 0.76 5.80
C VAL A 69 -3.12 -0.13 5.52
N GLU A 70 -3.26 -1.42 5.81
CA GLU A 70 -2.18 -2.37 5.58
C GLU A 70 -2.10 -2.78 4.12
N ALA A 71 -3.25 -2.75 3.44
CA ALA A 71 -3.31 -3.11 2.03
C ALA A 71 -2.52 -2.12 1.18
N LEU A 72 -2.60 -0.84 1.53
CA LEU A 72 -1.88 0.19 0.80
C LEU A 72 -0.37 -0.05 0.84
N ILE A 73 0.14 -0.38 2.02
CA ILE A 73 1.56 -0.64 2.19
C ILE A 73 1.83 -2.13 2.35
N LEU A 74 0.97 -2.95 1.77
CA LEU A 74 1.11 -4.40 1.84
C LEU A 74 2.15 -4.90 0.83
N GLN A 75 2.37 -4.10 -0.21
CA GLN A 75 3.33 -4.45 -1.25
C GLN A 75 4.63 -3.69 -1.06
N ASN A 76 4.87 -3.21 0.15
CA ASN A 76 6.08 -2.45 0.45
C ASN A 76 6.61 -2.81 1.84
N ALA A 77 5.75 -2.69 2.85
CA ALA A 77 6.14 -3.01 4.21
C ALA A 77 5.88 -4.47 4.53
N GLN A 78 5.06 -5.12 3.71
CA GLN A 78 4.73 -6.53 3.90
C GLN A 78 5.31 -7.38 2.78
N ARG A 79 5.99 -6.73 1.83
CA ARG A 79 6.58 -7.44 0.70
C ARG A 79 8.10 -7.48 0.84
N GLY A 80 8.66 -6.54 1.60
CA GLY A 80 10.09 -6.49 1.80
C GLY A 80 10.68 -5.14 1.45
N ARG A 81 9.81 -4.16 1.20
CA ARG A 81 10.25 -2.82 0.84
C ARG A 81 11.01 -2.82 -0.49
N LEU A 82 10.77 -1.79 -1.29
CA LEU A 82 11.43 -1.68 -2.59
C LEU A 82 12.13 -0.32 -2.73
N ALA A 83 11.42 0.74 -2.38
CA ALA A 83 11.97 2.08 -2.46
C ALA A 83 11.94 2.61 -3.90
N ASP A 84 12.28 1.74 -4.84
CA ASP A 84 12.29 2.11 -6.25
C ASP A 84 10.98 1.74 -6.92
N LYS A 85 10.57 0.48 -6.76
CA LYS A 85 9.33 0.00 -7.35
C LYS A 85 8.18 0.08 -6.35
N VAL A 86 8.18 1.16 -5.56
CA VAL A 86 7.13 1.37 -4.56
C VAL A 86 5.74 1.36 -5.21
N ASP A 87 4.74 1.72 -4.43
CA ASP A 87 3.36 1.77 -4.92
C ASP A 87 2.80 3.19 -4.85
N GLU A 88 1.67 3.41 -5.51
CA GLU A 88 1.04 4.72 -5.52
C GLU A 88 0.30 4.98 -4.20
N ALA A 89 0.17 3.93 -3.40
CA ALA A 89 -0.51 4.04 -2.11
C ALA A 89 0.45 4.52 -1.02
N THR A 90 1.66 4.90 -1.43
CA THR A 90 2.67 5.37 -0.49
C THR A 90 2.23 6.67 0.17
N LEU A 91 1.39 7.43 -0.52
CA LEU A 91 0.89 8.70 0.01
C LEU A 91 -0.61 8.63 0.25
N ILE A 92 -1.26 7.60 -0.29
CA ILE A 92 -2.69 7.42 -0.12
C ILE A 92 -3.05 7.18 1.35
N GLU A 93 -2.15 6.49 2.05
CA GLU A 93 -2.37 6.19 3.46
C GLU A 93 -1.90 7.34 4.35
N LEU A 94 -0.82 7.99 3.92
CA LEU A 94 -0.26 9.12 4.68
C LEU A 94 -1.24 10.29 4.70
N LEU A 95 -2.16 10.31 3.75
CA LEU A 95 -3.15 11.37 3.67
C LEU A 95 -4.45 10.96 4.35
N GLN A 96 -4.72 9.65 4.38
CA GLN A 96 -5.92 9.13 5.01
C GLN A 96 -5.86 9.28 6.52
N GLN A 97 -4.63 9.28 7.06
CA GLN A 97 -4.43 9.41 8.49
C GLN A 97 -4.40 10.88 8.91
N THR A 98 -3.86 11.72 8.03
CA THR A 98 -3.75 13.15 8.31
C THR A 98 -3.05 13.88 7.18
N SER A 99 -3.79 14.19 6.12
CA SER A 99 -3.23 14.89 4.97
C SER A 99 -2.93 16.35 5.31
N ALA A 100 -3.69 16.91 6.24
CA ALA A 100 -3.51 18.29 6.65
C ALA A 100 -2.61 18.38 7.89
N ALA A 101 -3.00 17.68 8.95
CA ALA A 101 -2.23 17.67 10.19
C ALA A 101 -2.90 16.81 11.24
N SER A 102 -4.22 16.71 11.18
CA SER A 102 -4.99 15.91 12.13
C SER A 102 -6.47 15.94 11.80
N ALA A 103 -6.90 17.00 11.11
CA ALA A 103 -8.30 17.14 10.73
C ALA A 103 -9.18 17.42 11.94
N ALA A 104 -9.43 18.70 12.21
CA ALA A 104 -10.26 19.11 13.33
C ALA A 104 -9.60 18.71 14.66
N LYS A 105 -9.94 19.43 15.72
CA LYS A 105 -9.40 19.17 17.04
C LYS A 105 -10.46 19.32 18.12
N ASN A 106 -11.69 18.89 17.80
CA ASN A 106 -12.80 19.00 18.73
C ASN A 106 -12.92 20.41 19.30
N THR A 107 -13.60 21.27 18.56
CA THR A 107 -13.79 22.66 18.98
C THR A 107 -14.57 23.45 17.93
N PRO A 108 -15.12 24.60 18.35
CA PRO A 108 -15.01 25.07 19.74
C PRO A 108 -15.80 24.22 20.71
N LYS A 109 -16.56 23.27 20.18
CA LYS A 109 -17.38 22.38 21.01
C LYS A 109 -16.50 21.30 21.65
N VAL A 110 -15.41 21.73 22.27
CA VAL A 110 -14.50 20.80 22.93
C VAL A 110 -15.22 19.52 23.33
N THR A 111 -14.95 18.44 22.60
CA THR A 111 -15.57 17.16 22.89
C THR A 111 -15.52 16.83 24.38
N MET A 112 -14.36 17.06 24.98
CA MET A 112 -14.17 16.80 26.41
C MET A 112 -14.67 15.40 26.77
N ARG A 113 -14.48 14.45 25.86
CA ARG A 113 -14.91 13.08 26.08
C ARG A 113 -14.56 12.20 24.88
N ARG A 114 -15.44 12.18 23.88
CA ARG A 114 -15.22 11.38 22.69
C ARG A 114 -13.85 11.68 22.07
N ARG A 115 -12.97 10.69 22.08
CA ARG A 115 -11.64 10.85 21.53
C ARG A 115 -10.90 12.00 22.20
N PHE A 116 -9.65 12.21 21.82
CA PHE A 116 -8.83 13.27 22.39
C PHE A 116 -7.45 13.31 21.74
N SER A 117 -6.77 14.44 21.89
CA SER A 117 -5.43 14.60 21.32
C SER A 117 -5.39 14.12 19.87
N ASP A 118 -5.88 14.95 18.97
CA ASP A 118 -5.90 14.61 17.54
C ASP A 118 -4.49 14.64 16.96
N ASP A 119 -3.63 15.47 17.53
CA ASP A 119 -2.26 15.60 17.07
C ASP A 119 -1.41 14.44 17.58
N ASP A 120 -1.85 13.84 18.69
CA ASP A 120 -1.13 12.73 19.28
C ASP A 120 -1.31 11.45 18.46
N ASP A 121 -2.57 11.11 18.19
CA ASP A 121 -2.87 9.91 17.41
C ASP A 121 -3.27 10.28 15.99
N ASP A 122 -2.83 11.44 15.53
CA ASP A 122 -3.13 11.92 14.19
C ASP A 122 -4.60 11.67 13.86
N PHE A 123 -5.47 11.83 14.85
CA PHE A 123 -6.90 11.62 14.66
C PHE A 123 -7.70 12.45 15.65
#